data_6RSN
# 
_entry.id   6RSN 
# 
_audit_conform.dict_name       mmcif_pdbx.dic 
_audit_conform.dict_version    5.399 
_audit_conform.dict_location   http://mmcif.pdb.org/dictionaries/ascii/mmcif_pdbx.dic 
# 
loop_
_database_2.database_id 
_database_2.database_code 
_database_2.pdbx_database_accession 
_database_2.pdbx_DOI 
PDB   6RSN         pdb_00006rsn 10.2210/pdb6rsn/pdb 
WWPDB D_1292102099 ?            ?                   
# 
loop_
_pdbx_audit_revision_history.ordinal 
_pdbx_audit_revision_history.data_content_type 
_pdbx_audit_revision_history.major_revision 
_pdbx_audit_revision_history.minor_revision 
_pdbx_audit_revision_history.revision_date 
1 'Structure model' 1 0 2020-01-29 
2 'Structure model' 1 1 2020-02-19 
3 'Structure model' 1 2 2024-11-20 
# 
_pdbx_audit_revision_details.ordinal             1 
_pdbx_audit_revision_details.revision_ordinal    1 
_pdbx_audit_revision_details.data_content_type   'Structure model' 
_pdbx_audit_revision_details.provider            repository 
_pdbx_audit_revision_details.type                'Initial release' 
_pdbx_audit_revision_details.description         ? 
_pdbx_audit_revision_details.details             ? 
# 
loop_
_pdbx_audit_revision_group.ordinal 
_pdbx_audit_revision_group.revision_ordinal 
_pdbx_audit_revision_group.data_content_type 
_pdbx_audit_revision_group.group 
1 2 'Structure model' 'Database references' 
2 3 'Structure model' 'Data collection'     
3 3 'Structure model' 'Database references' 
4 3 'Structure model' 'Structure summary'   
# 
loop_
_pdbx_audit_revision_category.ordinal 
_pdbx_audit_revision_category.revision_ordinal 
_pdbx_audit_revision_category.data_content_type 
_pdbx_audit_revision_category.category 
1 2 'Structure model' citation                  
2 2 'Structure model' citation_author           
3 3 'Structure model' chem_comp_atom            
4 3 'Structure model' chem_comp_bond            
5 3 'Structure model' database_2                
6 3 'Structure model' pdbx_entry_details        
7 3 'Structure model' pdbx_modification_feature 
# 
loop_
_pdbx_audit_revision_item.ordinal 
_pdbx_audit_revision_item.revision_ordinal 
_pdbx_audit_revision_item.data_content_type 
_pdbx_audit_revision_item.item 
1  2 'Structure model' '_citation.country'                            
2  2 'Structure model' '_citation.journal_abbrev'                     
3  2 'Structure model' '_citation.journal_id_ASTM'                    
4  2 'Structure model' '_citation.journal_id_CSD'                     
5  2 'Structure model' '_citation.journal_id_ISSN'                    
6  2 'Structure model' '_citation.journal_volume'                     
7  2 'Structure model' '_citation.page_first'                         
8  2 'Structure model' '_citation.pdbx_database_id_PubMed'            
9  2 'Structure model' '_citation.title'                              
10 2 'Structure model' '_citation_author.identifier_ORCID'            
11 2 'Structure model' '_citation_author.name'                        
12 3 'Structure model' '_database_2.pdbx_DOI'                         
13 3 'Structure model' '_database_2.pdbx_database_accession'          
14 3 'Structure model' '_pdbx_entry_details.has_protein_modification' 
# 
_pdbx_database_status.status_code                     REL 
_pdbx_database_status.status_code_sf                  REL 
_pdbx_database_status.status_code_mr                  ? 
_pdbx_database_status.entry_id                        6RSN 
_pdbx_database_status.recvd_initial_deposition_date   2019-05-21 
_pdbx_database_status.SG_entry                        N 
_pdbx_database_status.deposit_site                    PDBE 
_pdbx_database_status.process_site                    PDBE 
_pdbx_database_status.status_code_cs                  ? 
_pdbx_database_status.status_code_nmr_data            ? 
_pdbx_database_status.methods_development_category    ? 
_pdbx_database_status.pdb_format_compatible           Y 
# 
_pdbx_database_related.db_name        PDB 
_pdbx_database_related.details        'identical fold with similar function' 
_pdbx_database_related.db_id          4wip 
_pdbx_database_related.content_type   unspecified 
# 
loop_
_audit_author.name 
_audit_author.pdbx_ordinal 
_audit_author.identifier_ORCID 
'Fiedler, M.' 1 0000-0003-4269-7873 
'Bienz, M.'   2 0000-0002-7170-8706 
# 
_citation.abstract                  ? 
_citation.abstract_id_CAS           ? 
_citation.book_id_ISBN              ? 
_citation.book_publisher            ? 
_citation.book_publisher_city       ? 
_citation.book_title                ? 
_citation.coordinate_linkage        ? 
_citation.country                   ? 
_citation.database_id_Medline       ? 
_citation.details                   ? 
_citation.id                        primary 
_citation.journal_abbrev            Cell 
_citation.journal_id_ASTM           ? 
_citation.journal_id_CSD            ? 
_citation.journal_id_ISSN           1097-4172 
_citation.journal_full              ? 
_citation.journal_issue             ? 
_citation.journal_volume            180 
_citation.language                  ? 
_citation.page_first                427 
_citation.page_last                 ? 
_citation.title                     'DIX Domain Polymerization Drives Assembly of Plant Cell Polarity Complexes.' 
_citation.year                      2020 
_citation.database_id_CSD           ? 
_citation.pdbx_database_id_DOI      10.1016/j.cell.2020.01.011 
_citation.pdbx_database_id_PubMed   32004461 
_citation.unpublished_flag          ? 
# 
loop_
_citation_author.citation_id 
_citation_author.name 
_citation_author.ordinal 
_citation_author.identifier_ORCID 
primary 'van Dop, M.'    1  ? 
primary 'Fiedler, M.'    2  ? 
primary 'Mutte, S.'      3  ? 
primary 'de Keijzer, J.' 4  ? 
primary 'Olijslager, L.' 5  ? 
primary 'Albrecht, C.'   6  ? 
primary 'Liao, C.Y.'     7  ? 
primary 'Janson, M.E.'   8  ? 
primary 'Bienz, M.'      9  ? 
primary 'Weijers, D.'    10 ? 
# 
loop_
_entity.id 
_entity.type 
_entity.src_method 
_entity.pdbx_description 
_entity.formula_weight 
_entity.pdbx_number_of_molecules 
_entity.pdbx_ec 
_entity.pdbx_mutation 
_entity.pdbx_fragment 
_entity.details 
1 polymer     man 'UPSTREAM OF FLC-like protein (DUF966)' 11138.453 1  ? D85A ? ? 
2 non-polymer nat 'SULFATE ION'                           96.063    1  ? ?    ? ? 
3 water       nat water                                   18.015    38 ? ?    ? ? 
# 
_entity_poly.entity_id                      1 
_entity_poly.type                           'polypeptide(L)' 
_entity_poly.nstd_linkage                   no 
_entity_poly.nstd_monomer                   yes 
_entity_poly.pdbx_seq_one_letter_code       
;SRERIVPVVYYLSRNGRLDHPHFIEVPLSSHNGLYLKDVINRLNDLRGNG(MSE)ACLYSWSSKRTYKNGFVWYALSDED
FIFPVHGQEYVLKGSQILD
;
_entity_poly.pdbx_seq_one_letter_code_can   
;SRERIVPVVYYLSRNGRLDHPHFIEVPLSSHNGLYLKDVINRLNDLRGNGMACLYSWSSKRTYKNGFVWYALSDEDFIFP
VHGQEYVLKGSQILD
;
_entity_poly.pdbx_strand_id                 A 
_entity_poly.pdbx_target_identifier         ? 
# 
loop_
_pdbx_entity_nonpoly.entity_id 
_pdbx_entity_nonpoly.name 
_pdbx_entity_nonpoly.comp_id 
2 'SULFATE ION' SO4 
3 water         HOH 
# 
loop_
_entity_poly_seq.entity_id 
_entity_poly_seq.num 
_entity_poly_seq.mon_id 
_entity_poly_seq.hetero 
1 1  SER n 
1 2  ARG n 
1 3  GLU n 
1 4  ARG n 
1 5  ILE n 
1 6  VAL n 
1 7  PRO n 
1 8  VAL n 
1 9  VAL n 
1 10 TYR n 
1 11 TYR n 
1 12 LEU n 
1 13 SER n 
1 14 ARG n 
1 15 ASN n 
1 16 GLY n 
1 17 ARG n 
1 18 LEU n 
1 19 ASP n 
1 20 HIS n 
1 21 PRO n 
1 22 HIS n 
1 23 PHE n 
1 24 ILE n 
1 25 GLU n 
1 26 VAL n 
1 27 PRO n 
1 28 LEU n 
1 29 SER n 
1 30 SER n 
1 31 HIS n 
1 32 ASN n 
1 33 GLY n 
1 34 LEU n 
1 35 TYR n 
1 36 LEU n 
1 37 LYS n 
1 38 ASP n 
1 39 VAL n 
1 40 ILE n 
1 41 ASN n 
1 42 ARG n 
1 43 LEU n 
1 44 ASN n 
1 45 ASP n 
1 46 LEU n 
1 47 ARG n 
1 48 GLY n 
1 49 ASN n 
1 50 GLY n 
1 51 MSE n 
1 52 ALA n 
1 53 CYS n 
1 54 LEU n 
1 55 TYR n 
1 56 SER n 
1 57 TRP n 
1 58 SER n 
1 59 SER n 
1 60 LYS n 
1 61 ARG n 
1 62 THR n 
1 63 TYR n 
1 64 LYS n 
1 65 ASN n 
1 66 GLY n 
1 67 PHE n 
1 68 VAL n 
1 69 TRP n 
1 70 TYR n 
1 71 ALA n 
1 72 LEU n 
1 73 SER n 
1 74 ASP n 
1 75 GLU n 
1 76 ASP n 
1 77 PHE n 
1 78 ILE n 
1 79 PHE n 
1 80 PRO n 
1 81 VAL n 
1 82 HIS n 
1 83 GLY n 
1 84 GLN n 
1 85 GLU n 
1 86 TYR n 
1 87 VAL n 
1 88 LEU n 
1 89 LYS n 
1 90 GLY n 
1 91 SER n 
1 92 GLN n 
1 93 ILE n 
1 94 LEU n 
1 95 ASP n 
# 
_entity_src_gen.entity_id                          1 
_entity_src_gen.pdbx_src_id                        1 
_entity_src_gen.pdbx_alt_source_flag               sample 
_entity_src_gen.pdbx_seq_type                      'Biological sequence' 
_entity_src_gen.pdbx_beg_seq_num                   1 
_entity_src_gen.pdbx_end_seq_num                   95 
_entity_src_gen.gene_src_common_name               'Mouse-ear cress' 
_entity_src_gen.gene_src_genus                     ? 
_entity_src_gen.pdbx_gene_src_gene                 At3g46110 
_entity_src_gen.gene_src_species                   ? 
_entity_src_gen.gene_src_strain                    ? 
_entity_src_gen.gene_src_tissue                    ? 
_entity_src_gen.gene_src_tissue_fraction           ? 
_entity_src_gen.gene_src_details                   ? 
_entity_src_gen.pdbx_gene_src_fragment             ? 
_entity_src_gen.pdbx_gene_src_scientific_name      'Arabidopsis thaliana' 
_entity_src_gen.pdbx_gene_src_ncbi_taxonomy_id     3702 
_entity_src_gen.pdbx_gene_src_variant              ? 
_entity_src_gen.pdbx_gene_src_cell_line            ? 
_entity_src_gen.pdbx_gene_src_atcc                 ? 
_entity_src_gen.pdbx_gene_src_organ                ? 
_entity_src_gen.pdbx_gene_src_organelle            ? 
_entity_src_gen.pdbx_gene_src_cell                 ? 
_entity_src_gen.pdbx_gene_src_cellular_location    ? 
_entity_src_gen.host_org_common_name               ? 
_entity_src_gen.pdbx_host_org_scientific_name      'Escherichia coli BL21(DE3)' 
_entity_src_gen.pdbx_host_org_ncbi_taxonomy_id     469008 
_entity_src_gen.host_org_genus                     ? 
_entity_src_gen.pdbx_host_org_gene                 ? 
_entity_src_gen.pdbx_host_org_organ                ? 
_entity_src_gen.host_org_species                   ? 
_entity_src_gen.pdbx_host_org_tissue               ? 
_entity_src_gen.pdbx_host_org_tissue_fraction      ? 
_entity_src_gen.pdbx_host_org_strain               ? 
_entity_src_gen.pdbx_host_org_variant              pRARE2 
_entity_src_gen.pdbx_host_org_cell_line            ? 
_entity_src_gen.pdbx_host_org_atcc                 ? 
_entity_src_gen.pdbx_host_org_culture_collection   ? 
_entity_src_gen.pdbx_host_org_cell                 ? 
_entity_src_gen.pdbx_host_org_organelle            ? 
_entity_src_gen.pdbx_host_org_cellular_location    ? 
_entity_src_gen.pdbx_host_org_vector_type          ? 
_entity_src_gen.pdbx_host_org_vector               ? 
_entity_src_gen.host_org_details                   
'pET based vector expressing 6xHis and Lipoyl-tag separated by TEV cleavage site' 
_entity_src_gen.expression_system_id               ? 
_entity_src_gen.plasmid_name                       pLipK 
_entity_src_gen.plasmid_details                    ? 
_entity_src_gen.pdbx_description                   ? 
# 
loop_
_chem_comp.id 
_chem_comp.type 
_chem_comp.mon_nstd_flag 
_chem_comp.name 
_chem_comp.pdbx_synonyms 
_chem_comp.formula 
_chem_comp.formula_weight 
ALA 'L-peptide linking' y ALANINE          ? 'C3 H7 N O2'     89.093  
ARG 'L-peptide linking' y ARGININE         ? 'C6 H15 N4 O2 1' 175.209 
ASN 'L-peptide linking' y ASPARAGINE       ? 'C4 H8 N2 O3'    132.118 
ASP 'L-peptide linking' y 'ASPARTIC ACID'  ? 'C4 H7 N O4'     133.103 
CYS 'L-peptide linking' y CYSTEINE         ? 'C3 H7 N O2 S'   121.158 
GLN 'L-peptide linking' y GLUTAMINE        ? 'C5 H10 N2 O3'   146.144 
GLU 'L-peptide linking' y 'GLUTAMIC ACID'  ? 'C5 H9 N O4'     147.129 
GLY 'peptide linking'   y GLYCINE          ? 'C2 H5 N O2'     75.067  
HIS 'L-peptide linking' y HISTIDINE        ? 'C6 H10 N3 O2 1' 156.162 
HOH non-polymer         . WATER            ? 'H2 O'           18.015  
ILE 'L-peptide linking' y ISOLEUCINE       ? 'C6 H13 N O2'    131.173 
LEU 'L-peptide linking' y LEUCINE          ? 'C6 H13 N O2'    131.173 
LYS 'L-peptide linking' y LYSINE           ? 'C6 H15 N2 O2 1' 147.195 
MSE 'L-peptide linking' n SELENOMETHIONINE ? 'C5 H11 N O2 Se' 196.106 
PHE 'L-peptide linking' y PHENYLALANINE    ? 'C9 H11 N O2'    165.189 
PRO 'L-peptide linking' y PROLINE          ? 'C5 H9 N O2'     115.130 
SER 'L-peptide linking' y SERINE           ? 'C3 H7 N O3'     105.093 
SO4 non-polymer         . 'SULFATE ION'    ? 'O4 S -2'        96.063  
THR 'L-peptide linking' y THREONINE        ? 'C4 H9 N O3'     119.119 
TRP 'L-peptide linking' y TRYPTOPHAN       ? 'C11 H12 N2 O2'  204.225 
TYR 'L-peptide linking' y TYROSINE         ? 'C9 H11 N O3'    181.189 
VAL 'L-peptide linking' y VALINE           ? 'C5 H11 N O2'    117.146 
# 
loop_
_pdbx_poly_seq_scheme.asym_id 
_pdbx_poly_seq_scheme.entity_id 
_pdbx_poly_seq_scheme.seq_id 
_pdbx_poly_seq_scheme.mon_id 
_pdbx_poly_seq_scheme.ndb_seq_num 
_pdbx_poly_seq_scheme.pdb_seq_num 
_pdbx_poly_seq_scheme.auth_seq_num 
_pdbx_poly_seq_scheme.pdb_mon_id 
_pdbx_poly_seq_scheme.auth_mon_id 
_pdbx_poly_seq_scheme.pdb_strand_id 
_pdbx_poly_seq_scheme.pdb_ins_code 
_pdbx_poly_seq_scheme.hetero 
A 1 1  SER 1  15  ?   ?   ?   A . n 
A 1 2  ARG 2  16  ?   ?   ?   A . n 
A 1 3  GLU 3  17  ?   ?   ?   A . n 
A 1 4  ARG 4  18  18  ARG ARG A . n 
A 1 5  ILE 5  19  19  ILE ILE A . n 
A 1 6  VAL 6  20  20  VAL VAL A . n 
A 1 7  PRO 7  21  21  PRO PRO A . n 
A 1 8  VAL 8  22  22  VAL VAL A . n 
A 1 9  VAL 9  23  23  VAL VAL A . n 
A 1 10 TYR 10 24  24  TYR TYR A . n 
A 1 11 TYR 11 25  25  TYR TYR A . n 
A 1 12 LEU 12 26  26  LEU LEU A . n 
A 1 13 SER 13 27  27  SER SER A . n 
A 1 14 ARG 14 28  28  ARG ARG A . n 
A 1 15 ASN 15 29  29  ASN ASN A . n 
A 1 16 GLY 16 30  30  GLY GLY A . n 
A 1 17 ARG 17 31  31  ARG ARG A . n 
A 1 18 LEU 18 32  32  LEU LEU A . n 
A 1 19 ASP 19 33  33  ASP ASP A . n 
A 1 20 HIS 20 34  34  HIS HIS A . n 
A 1 21 PRO 21 35  35  PRO PRO A . n 
A 1 22 HIS 22 36  36  HIS HIS A . n 
A 1 23 PHE 23 37  37  PHE PHE A . n 
A 1 24 ILE 24 38  38  ILE ILE A . n 
A 1 25 GLU 25 39  39  GLU GLU A . n 
A 1 26 VAL 26 40  40  VAL VAL A . n 
A 1 27 PRO 27 41  41  PRO PRO A . n 
A 1 28 LEU 28 42  42  LEU LEU A . n 
A 1 29 SER 29 43  43  SER SER A . n 
A 1 30 SER 30 44  44  SER SER A . n 
A 1 31 HIS 31 45  45  HIS HIS A . n 
A 1 32 ASN 32 46  46  ASN ASN A . n 
A 1 33 GLY 33 47  47  GLY GLY A . n 
A 1 34 LEU 34 48  48  LEU LEU A . n 
A 1 35 TYR 35 49  49  TYR TYR A . n 
A 1 36 LEU 36 50  50  LEU LEU A . n 
A 1 37 LYS 37 51  51  LYS LYS A . n 
A 1 38 ASP 38 52  52  ASP ASP A . n 
A 1 39 VAL 39 53  53  VAL VAL A . n 
A 1 40 ILE 40 54  54  ILE ILE A . n 
A 1 41 ASN 41 55  55  ASN ASN A . n 
A 1 42 ARG 42 56  56  ARG ARG A . n 
A 1 43 LEU 43 57  57  LEU LEU A . n 
A 1 44 ASN 44 58  58  ASN ASN A . n 
A 1 45 ASP 45 59  59  ASP ASP A . n 
A 1 46 LEU 46 60  60  LEU LEU A . n 
A 1 47 ARG 47 61  61  ARG ARG A . n 
A 1 48 GLY 48 62  62  GLY GLY A . n 
A 1 49 ASN 49 63  63  ASN ASN A . n 
A 1 50 GLY 50 64  64  GLY GLY A . n 
A 1 51 MSE 51 65  65  MSE MSE A . n 
A 1 52 ALA 52 66  66  ALA ALA A . n 
A 1 53 CYS 53 67  67  CYS CYS A . n 
A 1 54 LEU 54 68  68  LEU LEU A . n 
A 1 55 TYR 55 69  69  TYR TYR A . n 
A 1 56 SER 56 70  70  SER SER A . n 
A 1 57 TRP 57 71  71  TRP TRP A . n 
A 1 58 SER 58 72  72  SER SER A . n 
A 1 59 SER 59 73  73  SER SER A . n 
A 1 60 LYS 60 74  74  LYS LYS A . n 
A 1 61 ARG 61 75  75  ARG ARG A . n 
A 1 62 THR 62 76  76  THR THR A . n 
A 1 63 TYR 63 77  77  TYR TYR A . n 
A 1 64 LYS 64 78  78  LYS LYS A . n 
A 1 65 ASN 65 79  79  ASN ASN A . n 
A 1 66 GLY 66 80  80  GLY GLY A . n 
A 1 67 PHE 67 81  81  PHE PHE A . n 
A 1 68 VAL 68 82  82  VAL VAL A . n 
A 1 69 TRP 69 83  83  TRP TRP A . n 
A 1 70 TYR 70 84  84  TYR TYR A . n 
A 1 71 ALA 71 85  85  ALA ALA A . n 
A 1 72 LEU 72 86  86  LEU LEU A . n 
A 1 73 SER 73 87  87  SER SER A . n 
A 1 74 ASP 74 88  88  ASP ASP A . n 
A 1 75 GLU 75 89  89  GLU GLU A . n 
A 1 76 ASP 76 90  90  ASP ASP A . n 
A 1 77 PHE 77 91  91  PHE PHE A . n 
A 1 78 ILE 78 92  92  ILE ILE A . n 
A 1 79 PHE 79 93  93  PHE PHE A . n 
A 1 80 PRO 80 94  94  PRO PRO A . n 
A 1 81 VAL 81 95  95  VAL VAL A . n 
A 1 82 HIS 82 96  96  HIS HIS A . n 
A 1 83 GLY 83 97  97  GLY GLY A . n 
A 1 84 GLN 84 98  98  GLN GLN A . n 
A 1 85 GLU 85 99  99  GLU GLU A . n 
A 1 86 TYR 86 100 100 TYR TYR A . n 
A 1 87 VAL 87 101 101 VAL VAL A . n 
A 1 88 LEU 88 102 102 LEU LEU A . n 
A 1 89 LYS 89 103 103 LYS LYS A . n 
A 1 90 GLY 90 104 104 GLY GLY A . n 
A 1 91 SER 91 105 105 SER SER A . n 
A 1 92 GLN 92 106 106 GLN GLN A . n 
A 1 93 ILE 93 107 107 ILE ILE A . n 
A 1 94 LEU 94 108 108 LEU LEU A . n 
A 1 95 ASP 95 109 109 ASP ASP A . n 
# 
loop_
_pdbx_nonpoly_scheme.asym_id 
_pdbx_nonpoly_scheme.entity_id 
_pdbx_nonpoly_scheme.mon_id 
_pdbx_nonpoly_scheme.ndb_seq_num 
_pdbx_nonpoly_scheme.pdb_seq_num 
_pdbx_nonpoly_scheme.auth_seq_num 
_pdbx_nonpoly_scheme.pdb_mon_id 
_pdbx_nonpoly_scheme.auth_mon_id 
_pdbx_nonpoly_scheme.pdb_strand_id 
_pdbx_nonpoly_scheme.pdb_ins_code 
B 2 SO4 1  201 1  SO4 SO4 A . 
C 3 HOH 1  301 33 HOH HOH A . 
C 3 HOH 2  302 27 HOH HOH A . 
C 3 HOH 3  303 31 HOH HOH A . 
C 3 HOH 4  304 38 HOH HOH A . 
C 3 HOH 5  305 30 HOH HOH A . 
C 3 HOH 6  306 24 HOH HOH A . 
C 3 HOH 7  307 28 HOH HOH A . 
C 3 HOH 8  308 32 HOH HOH A . 
C 3 HOH 9  309 18 HOH HOH A . 
C 3 HOH 10 310 1  HOH HOH A . 
C 3 HOH 11 311 9  HOH HOH A . 
C 3 HOH 12 312 20 HOH HOH A . 
C 3 HOH 13 313 17 HOH HOH A . 
C 3 HOH 14 314 21 HOH HOH A . 
C 3 HOH 15 315 16 HOH HOH A . 
C 3 HOH 16 316 36 HOH HOH A . 
C 3 HOH 17 317 14 HOH HOH A . 
C 3 HOH 18 318 19 HOH HOH A . 
C 3 HOH 19 319 12 HOH HOH A . 
C 3 HOH 20 320 26 HOH HOH A . 
C 3 HOH 21 321 25 HOH HOH A . 
C 3 HOH 22 322 11 HOH HOH A . 
C 3 HOH 23 323 4  HOH HOH A . 
C 3 HOH 24 324 3  HOH HOH A . 
C 3 HOH 25 325 2  HOH HOH A . 
C 3 HOH 26 326 34 HOH HOH A . 
C 3 HOH 27 327 8  HOH HOH A . 
C 3 HOH 28 328 23 HOH HOH A . 
C 3 HOH 29 329 35 HOH HOH A . 
C 3 HOH 30 330 6  HOH HOH A . 
C 3 HOH 31 331 22 HOH HOH A . 
C 3 HOH 32 332 5  HOH HOH A . 
C 3 HOH 33 333 37 HOH HOH A . 
C 3 HOH 34 334 15 HOH HOH A . 
C 3 HOH 35 335 29 HOH HOH A . 
C 3 HOH 36 336 10 HOH HOH A . 
C 3 HOH 37 337 7  HOH HOH A . 
C 3 HOH 38 338 13 HOH HOH A . 
# 
loop_
_software.citation_id 
_software.classification 
_software.compiler_name 
_software.compiler_version 
_software.contact_author 
_software.contact_author_email 
_software.date 
_software.description 
_software.dependencies 
_software.hardware 
_software.language 
_software.location 
_software.mods 
_software.name 
_software.os 
_software.os_version 
_software.type 
_software.version 
_software.pdbx_ordinal 
? refinement       ? ? ? ? ? ? ? ? ? ? ? REFMAC  ? ? ? 5.8.0256 1 
? 'data reduction' ? ? ? ? ? ? ? ? ? ? ? XDS     ? ? ? .        2 
? 'data scaling'   ? ? ? ? ? ? ? ? ? ? ? XDS     ? ? ? .        3 
? phasing          ? ? ? ? ? ? ? ? ? ? ? SHELXCD ? ? ? .        4 
# 
_cell.angle_alpha                  90.000 
_cell.angle_alpha_esd              ? 
_cell.angle_beta                   90.000 
_cell.angle_beta_esd               ? 
_cell.angle_gamma                  120.000 
_cell.angle_gamma_esd              ? 
_cell.entry_id                     6RSN 
_cell.details                      ? 
_cell.formula_units_Z              ? 
_cell.length_a                     47.659 
_cell.length_a_esd                 ? 
_cell.length_b                     47.659 
_cell.length_b_esd                 ? 
_cell.length_c                     67.971 
_cell.length_c_esd                 ? 
_cell.volume                       ? 
_cell.volume_esd                   ? 
_cell.Z_PDB                        6 
_cell.reciprocal_angle_alpha       ? 
_cell.reciprocal_angle_beta        ? 
_cell.reciprocal_angle_gamma       ? 
_cell.reciprocal_angle_alpha_esd   ? 
_cell.reciprocal_angle_beta_esd    ? 
_cell.reciprocal_angle_gamma_esd   ? 
_cell.reciprocal_length_a          ? 
_cell.reciprocal_length_b          ? 
_cell.reciprocal_length_c          ? 
_cell.reciprocal_length_a_esd      ? 
_cell.reciprocal_length_b_esd      ? 
_cell.reciprocal_length_c_esd      ? 
_cell.pdbx_unique_axis             ? 
# 
_symmetry.entry_id                         6RSN 
_symmetry.cell_setting                     ? 
_symmetry.Int_Tables_number                169 
_symmetry.space_group_name_Hall            ? 
_symmetry.space_group_name_H-M             'P 61' 
_symmetry.pdbx_full_space_group_name_H-M   ? 
# 
_exptl.absorpt_coefficient_mu     ? 
_exptl.absorpt_correction_T_max   ? 
_exptl.absorpt_correction_T_min   ? 
_exptl.absorpt_correction_type    ? 
_exptl.absorpt_process_details    ? 
_exptl.entry_id                   6RSN 
_exptl.crystals_number            1 
_exptl.details                    ? 
_exptl.method                     'X-RAY DIFFRACTION' 
_exptl.method_details             ? 
# 
_exptl_crystal.colour                      ? 
_exptl_crystal.density_diffrn              ? 
_exptl_crystal.density_Matthews            2.00 
_exptl_crystal.density_method              ? 
_exptl_crystal.density_percent_sol         38.56 
_exptl_crystal.description                 ? 
_exptl_crystal.F_000                       ? 
_exptl_crystal.id                          1 
_exptl_crystal.preparation                 ? 
_exptl_crystal.size_max                    ? 
_exptl_crystal.size_mid                    ? 
_exptl_crystal.size_min                    ? 
_exptl_crystal.size_rad                    ? 
_exptl_crystal.colour_lustre               ? 
_exptl_crystal.colour_modifier             ? 
_exptl_crystal.colour_primary              ? 
_exptl_crystal.density_meas                ? 
_exptl_crystal.density_meas_esd            ? 
_exptl_crystal.density_meas_gt             ? 
_exptl_crystal.density_meas_lt             ? 
_exptl_crystal.density_meas_temp           ? 
_exptl_crystal.density_meas_temp_esd       ? 
_exptl_crystal.density_meas_temp_gt        ? 
_exptl_crystal.density_meas_temp_lt        ? 
_exptl_crystal.pdbx_crystal_image_url      ? 
_exptl_crystal.pdbx_crystal_image_format   ? 
_exptl_crystal.pdbx_mosaicity              ? 
_exptl_crystal.pdbx_mosaicity_esd          ? 
# 
_exptl_crystal_grow.apparatus       ? 
_exptl_crystal_grow.atmosphere      ? 
_exptl_crystal_grow.crystal_id      1 
_exptl_crystal_grow.details         ? 
_exptl_crystal_grow.method          'VAPOR DIFFUSION, SITTING DROP' 
_exptl_crystal_grow.method_ref      ? 
_exptl_crystal_grow.pH              7.0 
_exptl_crystal_grow.pressure        ? 
_exptl_crystal_grow.pressure_esd    ? 
_exptl_crystal_grow.seeding         ? 
_exptl_crystal_grow.seeding_ref     ? 
_exptl_crystal_grow.temp            291 
_exptl_crystal_grow.temp_details    'controlled environment at 18C' 
_exptl_crystal_grow.temp_esd        ? 
_exptl_crystal_grow.time            ? 
_exptl_crystal_grow.pdbx_details    '0.69 M ammonium sulfate, 200 mM NaCl, 100 mM HEPES pH 7.0' 
_exptl_crystal_grow.pdbx_pH_range   ? 
# 
_diffrn.ambient_environment              ? 
_diffrn.ambient_temp                     100 
_diffrn.ambient_temp_details             ? 
_diffrn.ambient_temp_esd                 ? 
_diffrn.crystal_id                       1 
_diffrn.crystal_support                  ? 
_diffrn.crystal_treatment                ? 
_diffrn.details                          ? 
_diffrn.id                               1 
_diffrn.ambient_pressure                 ? 
_diffrn.ambient_pressure_esd             ? 
_diffrn.ambient_pressure_gt              ? 
_diffrn.ambient_pressure_lt              ? 
_diffrn.ambient_temp_gt                  ? 
_diffrn.ambient_temp_lt                  ? 
_diffrn.pdbx_serial_crystal_experiment   N 
# 
_diffrn_detector.details                      ? 
_diffrn_detector.detector                     PIXEL 
_diffrn_detector.diffrn_id                    1 
_diffrn_detector.type                         'DECTRIS PILATUS3 S 6M' 
_diffrn_detector.area_resol_mean              ? 
_diffrn_detector.dtime                        ? 
_diffrn_detector.pdbx_frames_total            ? 
_diffrn_detector.pdbx_collection_time_total   ? 
_diffrn_detector.pdbx_collection_date         2018-02-15 
_diffrn_detector.pdbx_frequency               ? 
# 
_diffrn_radiation.collimation                      ? 
_diffrn_radiation.diffrn_id                        1 
_diffrn_radiation.filter_edge                      ? 
_diffrn_radiation.inhomogeneity                    ? 
_diffrn_radiation.monochromator                    ? 
_diffrn_radiation.polarisn_norm                    ? 
_diffrn_radiation.polarisn_ratio                   ? 
_diffrn_radiation.probe                            ? 
_diffrn_radiation.type                             ? 
_diffrn_radiation.xray_symbol                      ? 
_diffrn_radiation.wavelength_id                    1 
_diffrn_radiation.pdbx_monochromatic_or_laue_m_l   M 
_diffrn_radiation.pdbx_wavelength_list             ? 
_diffrn_radiation.pdbx_wavelength                  ? 
_diffrn_radiation.pdbx_diffrn_protocol             'SINGLE WAVELENGTH' 
_diffrn_radiation.pdbx_analyzer                    ? 
_diffrn_radiation.pdbx_scattering_type             x-ray 
# 
_diffrn_radiation_wavelength.id           1 
_diffrn_radiation_wavelength.wavelength   0.9795 
_diffrn_radiation_wavelength.wt           1.0 
# 
_diffrn_source.current                     ? 
_diffrn_source.details                     ? 
_diffrn_source.diffrn_id                   1 
_diffrn_source.power                       ? 
_diffrn_source.size                        ? 
_diffrn_source.source                      SYNCHROTRON 
_diffrn_source.target                      ? 
_diffrn_source.type                        'DIAMOND BEAMLINE I03' 
_diffrn_source.voltage                     ? 
_diffrn_source.take-off_angle              ? 
_diffrn_source.pdbx_wavelength_list        0.9795 
_diffrn_source.pdbx_wavelength             ? 
_diffrn_source.pdbx_synchrotron_beamline   I03 
_diffrn_source.pdbx_synchrotron_site       Diamond 
# 
_reflns.B_iso_Wilson_estimate            25.45 
_reflns.entry_id                         6RSN 
_reflns.data_reduction_details           ? 
_reflns.data_reduction_method            ? 
_reflns.d_resolution_high                1.7 
_reflns.d_resolution_low                 35.28 
_reflns.details                          ? 
_reflns.limit_h_max                      ? 
_reflns.limit_h_min                      ? 
_reflns.limit_k_max                      ? 
_reflns.limit_k_min                      ? 
_reflns.limit_l_max                      ? 
_reflns.limit_l_min                      ? 
_reflns.number_all                       ? 
_reflns.number_obs                       9612 
_reflns.observed_criterion               ? 
_reflns.observed_criterion_F_max         ? 
_reflns.observed_criterion_F_min         ? 
_reflns.observed_criterion_I_max         ? 
_reflns.observed_criterion_I_min         ? 
_reflns.observed_criterion_sigma_F       ? 
_reflns.observed_criterion_sigma_I       ? 
_reflns.percent_possible_obs             99.45 
_reflns.R_free_details                   ? 
_reflns.Rmerge_F_all                     ? 
_reflns.Rmerge_F_obs                     ? 
_reflns.Friedel_coverage                 ? 
_reflns.number_gt                        ? 
_reflns.threshold_expression             ? 
_reflns.pdbx_redundancy                  20.0 
_reflns.pdbx_Rmerge_I_obs                0.07499 
_reflns.pdbx_Rmerge_I_all                ? 
_reflns.pdbx_Rsym_value                  ? 
_reflns.pdbx_netI_over_av_sigmaI         ? 
_reflns.pdbx_netI_over_sigmaI            33.91 
_reflns.pdbx_res_netI_over_av_sigmaI_2   ? 
_reflns.pdbx_res_netI_over_sigmaI_2      ? 
_reflns.pdbx_chi_squared                 ? 
_reflns.pdbx_scaling_rejects             ? 
_reflns.pdbx_d_res_high_opt              ? 
_reflns.pdbx_d_res_low_opt               ? 
_reflns.pdbx_d_res_opt_method            ? 
_reflns.phase_calculation_details        ? 
_reflns.pdbx_Rrim_I_all                  0.07696 
_reflns.pdbx_Rpim_I_all                  0.01717 
_reflns.pdbx_d_opt                       ? 
_reflns.pdbx_number_measured_all         ? 
_reflns.pdbx_diffrn_id                   1 
_reflns.pdbx_ordinal                     1 
_reflns.pdbx_CC_half                     1 
_reflns.pdbx_CC_star                     1 
_reflns.pdbx_R_split                     ? 
# 
_reflns_shell.d_res_high                  1.7 
_reflns_shell.d_res_low                   1.761 
_reflns_shell.meanI_over_sigI_all         ? 
_reflns_shell.meanI_over_sigI_obs         5.81 
_reflns_shell.number_measured_all         ? 
_reflns_shell.number_measured_obs         ? 
_reflns_shell.number_possible             ? 
_reflns_shell.number_unique_all           ? 
_reflns_shell.number_unique_obs           949 
_reflns_shell.percent_possible_all        99.06 
_reflns_shell.percent_possible_obs        ? 
_reflns_shell.Rmerge_F_all                ? 
_reflns_shell.Rmerge_F_obs                ? 
_reflns_shell.Rmerge_I_all                ? 
_reflns_shell.Rmerge_I_obs                0.6597 
_reflns_shell.meanI_over_sigI_gt          ? 
_reflns_shell.meanI_over_uI_all           ? 
_reflns_shell.meanI_over_uI_gt            ? 
_reflns_shell.number_measured_gt          ? 
_reflns_shell.number_unique_gt            ? 
_reflns_shell.percent_possible_gt         ? 
_reflns_shell.Rmerge_F_gt                 ? 
_reflns_shell.Rmerge_I_gt                 ? 
_reflns_shell.pdbx_redundancy             20.2 
_reflns_shell.pdbx_Rsym_value             ? 
_reflns_shell.pdbx_chi_squared            ? 
_reflns_shell.pdbx_netI_over_sigmaI_all   ? 
_reflns_shell.pdbx_netI_over_sigmaI_obs   ? 
_reflns_shell.pdbx_Rrim_I_all             0.6766 
_reflns_shell.pdbx_Rpim_I_all             0.1492 
_reflns_shell.pdbx_rejects                ? 
_reflns_shell.pdbx_ordinal                1 
_reflns_shell.pdbx_diffrn_id              1 
_reflns_shell.pdbx_CC_half                0.935 
_reflns_shell.pdbx_CC_star                0.983 
_reflns_shell.pdbx_R_split                ? 
# 
_refine.aniso_B[1][1]                            0.3300 
_refine.aniso_B[1][2]                            0.1700 
_refine.aniso_B[1][3]                            0.0000 
_refine.aniso_B[2][2]                            0.3300 
_refine.aniso_B[2][3]                            -0.0000 
_refine.aniso_B[3][3]                            -1.0800 
_refine.B_iso_max                                106.940 
_refine.B_iso_mean                               28.28 
_refine.B_iso_min                                17.490 
_refine.correlation_coeff_Fo_to_Fc               0.9630 
_refine.correlation_coeff_Fo_to_Fc_free          0.9530 
_refine.details                                  'HYDROGENS HAVE BEEN USED IF PRESENT IN THE INPUT U VALUES      : WITH TLS ADDED' 
_refine.diff_density_max                         ? 
_refine.diff_density_max_esd                     ? 
_refine.diff_density_min                         ? 
_refine.diff_density_min_esd                     ? 
_refine.diff_density_rms                         ? 
_refine.diff_density_rms_esd                     ? 
_refine.entry_id                                 6RSN 
_refine.pdbx_refine_id                           'X-RAY DIFFRACTION' 
_refine.ls_abs_structure_details                 ? 
_refine.ls_abs_structure_Flack                   ? 
_refine.ls_abs_structure_Flack_esd               ? 
_refine.ls_abs_structure_Rogers                  ? 
_refine.ls_abs_structure_Rogers_esd              ? 
_refine.ls_d_res_high                            1.7000 
_refine.ls_d_res_low                             35.28 
_refine.ls_extinction_coef                       ? 
_refine.ls_extinction_coef_esd                   ? 
_refine.ls_extinction_expression                 ? 
_refine.ls_extinction_method                     ? 
_refine.ls_goodness_of_fit_all                   ? 
_refine.ls_goodness_of_fit_all_esd               ? 
_refine.ls_goodness_of_fit_obs                   ? 
_refine.ls_goodness_of_fit_obs_esd               ? 
_refine.ls_hydrogen_treatment                    ? 
_refine.ls_matrix_type                           ? 
_refine.ls_number_constraints                    ? 
_refine.ls_number_parameters                     ? 
_refine.ls_number_reflns_all                     ? 
_refine.ls_number_reflns_obs                     9612 
_refine.ls_number_reflns_R_free                  512 
_refine.ls_number_reflns_R_work                  ? 
_refine.ls_number_restraints                     ? 
_refine.ls_percent_reflns_obs                    99.45 
_refine.ls_percent_reflns_R_free                 5.3000 
_refine.ls_R_factor_all                          ? 
_refine.ls_R_factor_obs                          0.1861 
_refine.ls_R_factor_R_free                       0.2145 
_refine.ls_R_factor_R_free_error                 ? 
_refine.ls_R_factor_R_free_error_details         ? 
_refine.ls_R_factor_R_work                       0.1846 
_refine.ls_R_Fsqd_factor_obs                     ? 
_refine.ls_R_I_factor_obs                        ? 
_refine.ls_redundancy_reflns_all                 ? 
_refine.ls_redundancy_reflns_obs                 ? 
_refine.ls_restrained_S_all                      ? 
_refine.ls_restrained_S_obs                      ? 
_refine.ls_shift_over_esd_max                    ? 
_refine.ls_shift_over_esd_mean                   ? 
_refine.ls_structure_factor_coef                 ? 
_refine.ls_weighting_details                     ? 
_refine.ls_weighting_scheme                      ? 
_refine.ls_wR_factor_all                         ? 
_refine.ls_wR_factor_obs                         ? 
_refine.ls_wR_factor_R_free                      ? 
_refine.ls_wR_factor_R_work                      ? 
_refine.occupancy_max                            ? 
_refine.occupancy_min                            ? 
_refine.solvent_model_details                    ? 
_refine.solvent_model_param_bsol                 ? 
_refine.solvent_model_param_ksol                 ? 
_refine.pdbx_R_complete                          ? 
_refine.ls_R_factor_gt                           ? 
_refine.ls_goodness_of_fit_gt                    ? 
_refine.ls_goodness_of_fit_ref                   ? 
_refine.ls_shift_over_su_max                     ? 
_refine.ls_shift_over_su_max_lt                  ? 
_refine.ls_shift_over_su_mean                    ? 
_refine.ls_shift_over_su_mean_lt                 ? 
_refine.pdbx_ls_sigma_I                          ? 
_refine.pdbx_ls_sigma_F                          0.000 
_refine.pdbx_ls_sigma_Fsqd                       ? 
_refine.pdbx_data_cutoff_high_absF               ? 
_refine.pdbx_data_cutoff_high_rms_absF           ? 
_refine.pdbx_data_cutoff_low_absF                ? 
_refine.pdbx_isotropic_thermal_model             ? 
_refine.pdbx_ls_cross_valid_method               THROUGHOUT 
_refine.pdbx_method_to_determine_struct          SAD 
_refine.pdbx_starting_model                      model 
_refine.pdbx_stereochemistry_target_values       ? 
_refine.pdbx_R_Free_selection_details            RANDOM 
_refine.pdbx_stereochem_target_val_spec_case     ? 
_refine.pdbx_overall_ESU_R                       0.1190 
_refine.pdbx_overall_ESU_R_Free                  0.1110 
_refine.pdbx_solvent_vdw_probe_radii             1.2000 
_refine.pdbx_solvent_ion_probe_radii             0.8000 
_refine.pdbx_solvent_shrinkage_radii             0.8000 
_refine.pdbx_real_space_R                        ? 
_refine.pdbx_density_correlation                 ? 
_refine.pdbx_pd_number_of_powder_patterns        ? 
_refine.pdbx_pd_number_of_points                 ? 
_refine.pdbx_pd_meas_number_of_points            ? 
_refine.pdbx_pd_proc_ls_prof_R_factor            ? 
_refine.pdbx_pd_proc_ls_prof_wR_factor           ? 
_refine.pdbx_pd_Marquardt_correlation_coeff      ? 
_refine.pdbx_pd_Fsqrd_R_factor                   ? 
_refine.pdbx_pd_ls_matrix_band_width             ? 
_refine.pdbx_overall_phase_error                 ? 
_refine.pdbx_overall_SU_R_free_Cruickshank_DPI   ? 
_refine.pdbx_overall_SU_R_free_Blow_DPI          ? 
_refine.pdbx_overall_SU_R_Blow_DPI               ? 
_refine.pdbx_TLS_residual_ADP_flag               ? 
_refine.pdbx_diffrn_id                           1 
_refine.overall_SU_B                             4.2420 
_refine.overall_SU_ML                            0.0700 
_refine.overall_SU_R_Cruickshank_DPI             ? 
_refine.overall_SU_R_free                        ? 
_refine.overall_FOM_free_R_set                   ? 
_refine.overall_FOM_work_R_set                   ? 
_refine.pdbx_average_fsc_overall                 ? 
_refine.pdbx_average_fsc_work                    ? 
_refine.pdbx_average_fsc_free                    ? 
# 
_refine_hist.pdbx_refine_id                   'X-RAY DIFFRACTION' 
_refine_hist.cycle_id                         final 
_refine_hist.details                          ? 
_refine_hist.d_res_high                       1.7000 
_refine_hist.d_res_low                        35.28 
_refine_hist.number_atoms_solvent             38 
_refine_hist.number_atoms_total               802 
_refine_hist.number_reflns_all                ? 
_refine_hist.number_reflns_obs                ? 
_refine_hist.number_reflns_R_free             ? 
_refine_hist.number_reflns_R_work             ? 
_refine_hist.R_factor_all                     ? 
_refine_hist.R_factor_obs                     ? 
_refine_hist.R_factor_R_free                  ? 
_refine_hist.R_factor_R_work                  ? 
_refine_hist.pdbx_number_residues_total       92 
_refine_hist.pdbx_B_iso_mean_ligand           73.45 
_refine_hist.pdbx_B_iso_mean_solvent          38.06 
_refine_hist.pdbx_number_atoms_protein        759 
_refine_hist.pdbx_number_atoms_nucleic_acid   0 
_refine_hist.pdbx_number_atoms_ligand         5 
_refine_hist.pdbx_number_atoms_lipid          ? 
_refine_hist.pdbx_number_atoms_carb           ? 
_refine_hist.pdbx_pseudo_atom_details         ? 
# 
loop_
_refine_ls_restr.pdbx_refine_id 
_refine_ls_restr.criterion 
_refine_ls_restr.dev_ideal 
_refine_ls_restr.dev_ideal_target 
_refine_ls_restr.number 
_refine_ls_restr.rejects 
_refine_ls_restr.type 
_refine_ls_restr.weight 
_refine_ls_restr.pdbx_restraint_function 
'X-RAY DIFFRACTION' ? 0.012  0.012  792  ? r_bond_refined_d       ? ? 
'X-RAY DIFFRACTION' ? 2.177  1.627  1077 ? r_angle_refined_deg    ? ? 
'X-RAY DIFFRACTION' ? 6.977  5.000  93   ? r_dihedral_angle_1_deg ? ? 
'X-RAY DIFFRACTION' ? 31.954 21.087 46   ? r_dihedral_angle_2_deg ? ? 
'X-RAY DIFFRACTION' ? 17.700 15.000 124  ? r_dihedral_angle_3_deg ? ? 
'X-RAY DIFFRACTION' ? 13.822 15.000 6    ? r_dihedral_angle_4_deg ? ? 
'X-RAY DIFFRACTION' ? 0.144  0.200  92   ? r_chiral_restr         ? ? 
'X-RAY DIFFRACTION' ? 0.012  0.020  628  ? r_gen_planes_refined   ? ? 
# 
_refine_ls_shell.pdbx_refine_id                   'X-RAY DIFFRACTION' 
_refine_ls_shell.d_res_high                       1.7000 
_refine_ls_shell.d_res_low                        1.7440 
_refine_ls_shell.number_reflns_all                685 
_refine_ls_shell.number_reflns_obs                ? 
_refine_ls_shell.number_reflns_R_free             46 
_refine_ls_shell.number_reflns_R_work             639 
_refine_ls_shell.percent_reflns_obs               98.7000 
_refine_ls_shell.percent_reflns_R_free            ? 
_refine_ls_shell.R_factor_all                     ? 
_refine_ls_shell.R_factor_obs                     ? 
_refine_ls_shell.R_factor_R_free                  0.2290 
_refine_ls_shell.R_factor_R_free_error            0.0000 
_refine_ls_shell.R_factor_R_work                  0.1860 
_refine_ls_shell.redundancy_reflns_all            ? 
_refine_ls_shell.redundancy_reflns_obs            ? 
_refine_ls_shell.wR_factor_all                    ? 
_refine_ls_shell.wR_factor_obs                    ? 
_refine_ls_shell.wR_factor_R_free                 ? 
_refine_ls_shell.wR_factor_R_work                 ? 
_refine_ls_shell.pdbx_R_complete                  ? 
_refine_ls_shell.pdbx_total_number_of_bins_used   20 
_refine_ls_shell.pdbx_phase_error                 ? 
_refine_ls_shell.pdbx_fsc_work                    ? 
_refine_ls_shell.pdbx_fsc_free                    ? 
# 
_struct.entry_id                     6RSN 
_struct.title                        'SOSEKI polymerising domain (SOK4 D85A mutant)' 
_struct.pdbx_model_details           ? 
_struct.pdbx_formula_weight          ? 
_struct.pdbx_formula_weight_method   ? 
_struct.pdbx_model_type_details      ? 
_struct.pdbx_CASP_flag               N 
# 
_struct_keywords.entry_id        6RSN 
_struct_keywords.text            'polymeriser, plant protein, ubiquitin-like fold, polarity protein, SIGNALING PROTEIN' 
_struct_keywords.pdbx_keywords   'SIGNALING PROTEIN' 
# 
loop_
_struct_asym.id 
_struct_asym.pdbx_blank_PDB_chainid_flag 
_struct_asym.pdbx_modified 
_struct_asym.entity_id 
_struct_asym.details 
A N N 1 ? 
B N N 2 ? 
C N N 3 ? 
# 
_struct_ref.id                         1 
_struct_ref.db_name                    UNP 
_struct_ref.db_code                    F4J7X6_ARATH 
_struct_ref.pdbx_db_accession          F4J7X6 
_struct_ref.pdbx_db_isoform            ? 
_struct_ref.entity_id                  1 
_struct_ref.pdbx_seq_one_letter_code   
;SRERIVPVVYYLSRNGRLDHPHFIEVPLSSHNGLYLKDVINRLNDLRGNGMACLYSWSSKRTYKNGFVWYDLSDEDFIFP
VHGQEYVLKGSQILD
;
_struct_ref.pdbx_align_begin           15 
# 
_struct_ref_seq.align_id                      1 
_struct_ref_seq.ref_id                        1 
_struct_ref_seq.pdbx_PDB_id_code              6RSN 
_struct_ref_seq.pdbx_strand_id                A 
_struct_ref_seq.seq_align_beg                 1 
_struct_ref_seq.pdbx_seq_align_beg_ins_code   ? 
_struct_ref_seq.seq_align_end                 95 
_struct_ref_seq.pdbx_seq_align_end_ins_code   ? 
_struct_ref_seq.pdbx_db_accession             F4J7X6 
_struct_ref_seq.db_align_beg                  15 
_struct_ref_seq.pdbx_db_align_beg_ins_code    ? 
_struct_ref_seq.db_align_end                  109 
_struct_ref_seq.pdbx_db_align_end_ins_code    ? 
_struct_ref_seq.pdbx_auth_seq_align_beg       15 
_struct_ref_seq.pdbx_auth_seq_align_end       109 
# 
_struct_ref_seq_dif.align_id                     1 
_struct_ref_seq_dif.pdbx_pdb_id_code             6RSN 
_struct_ref_seq_dif.mon_id                       ALA 
_struct_ref_seq_dif.pdbx_pdb_strand_id           A 
_struct_ref_seq_dif.seq_num                      71 
_struct_ref_seq_dif.pdbx_pdb_ins_code            ? 
_struct_ref_seq_dif.pdbx_seq_db_name             UNP 
_struct_ref_seq_dif.pdbx_seq_db_accession_code   F4J7X6 
_struct_ref_seq_dif.db_mon_id                    ASP 
_struct_ref_seq_dif.pdbx_seq_db_seq_num          85 
_struct_ref_seq_dif.details                      'engineered mutation' 
_struct_ref_seq_dif.pdbx_auth_seq_num            85 
_struct_ref_seq_dif.pdbx_ordinal                 1 
# 
_pdbx_struct_assembly.id                   1 
_pdbx_struct_assembly.details              software_defined_assembly 
_pdbx_struct_assembly.method_details       PISA 
_pdbx_struct_assembly.oligomeric_details   monomeric 
_pdbx_struct_assembly.oligomeric_count     1 
# 
loop_
_pdbx_struct_assembly_prop.biol_id 
_pdbx_struct_assembly_prop.type 
_pdbx_struct_assembly_prop.value 
_pdbx_struct_assembly_prop.details 
1 'ABSA (A^2)' 180  ? 
1 MORE         -10  ? 
1 'SSA (A^2)'  5780 ? 
# 
_pdbx_struct_assembly_gen.assembly_id       1 
_pdbx_struct_assembly_gen.oper_expression   1 
_pdbx_struct_assembly_gen.asym_id_list      A,B,C 
# 
_pdbx_struct_assembly_auth_evidence.id                     1 
_pdbx_struct_assembly_auth_evidence.assembly_id            1 
_pdbx_struct_assembly_auth_evidence.experimental_support   'gel filtration' 
_pdbx_struct_assembly_auth_evidence.details                
;the wild type domain forms concentration dependent polymers, which can be observed in the crystal even in the polymerisation mutant (D85A)
;
# 
_pdbx_struct_oper_list.id                   1 
_pdbx_struct_oper_list.type                 'identity operation' 
_pdbx_struct_oper_list.name                 1_555 
_pdbx_struct_oper_list.symmetry_operation   x,y,z 
_pdbx_struct_oper_list.matrix[1][1]         1.0000000000 
_pdbx_struct_oper_list.matrix[1][2]         0.0000000000 
_pdbx_struct_oper_list.matrix[1][3]         0.0000000000 
_pdbx_struct_oper_list.vector[1]            0.0000000000 
_pdbx_struct_oper_list.matrix[2][1]         0.0000000000 
_pdbx_struct_oper_list.matrix[2][2]         1.0000000000 
_pdbx_struct_oper_list.matrix[2][3]         0.0000000000 
_pdbx_struct_oper_list.vector[2]            0.0000000000 
_pdbx_struct_oper_list.matrix[3][1]         0.0000000000 
_pdbx_struct_oper_list.matrix[3][2]         0.0000000000 
_pdbx_struct_oper_list.matrix[3][3]         1.0000000000 
_pdbx_struct_oper_list.vector[3]            0.0000000000 
# 
loop_
_struct_conf.conf_type_id 
_struct_conf.id 
_struct_conf.pdbx_PDB_helix_id 
_struct_conf.beg_label_comp_id 
_struct_conf.beg_label_asym_id 
_struct_conf.beg_label_seq_id 
_struct_conf.pdbx_beg_PDB_ins_code 
_struct_conf.end_label_comp_id 
_struct_conf.end_label_asym_id 
_struct_conf.end_label_seq_id 
_struct_conf.pdbx_end_PDB_ins_code 
_struct_conf.beg_auth_comp_id 
_struct_conf.beg_auth_asym_id 
_struct_conf.beg_auth_seq_id 
_struct_conf.end_auth_comp_id 
_struct_conf.end_auth_asym_id 
_struct_conf.end_auth_seq_id 
_struct_conf.pdbx_PDB_helix_class 
_struct_conf.details 
_struct_conf.pdbx_PDB_helix_length 
HELX_P HELX_P1 AA1 LEU A 36 ? GLY A 48 ? LEU A 50 GLY A 62 1 ? 13 
HELX_P HELX_P2 AA2 MSE A 51 ? CYS A 53 ? MSE A 65 CYS A 67 5 ? 3  
# 
_struct_conf_type.id          HELX_P 
_struct_conf_type.criteria    ? 
_struct_conf_type.reference   ? 
# 
loop_
_struct_conn.id 
_struct_conn.conn_type_id 
_struct_conn.pdbx_leaving_atom_flag 
_struct_conn.pdbx_PDB_id 
_struct_conn.ptnr1_label_asym_id 
_struct_conn.ptnr1_label_comp_id 
_struct_conn.ptnr1_label_seq_id 
_struct_conn.ptnr1_label_atom_id 
_struct_conn.pdbx_ptnr1_label_alt_id 
_struct_conn.pdbx_ptnr1_PDB_ins_code 
_struct_conn.pdbx_ptnr1_standard_comp_id 
_struct_conn.ptnr1_symmetry 
_struct_conn.ptnr2_label_asym_id 
_struct_conn.ptnr2_label_comp_id 
_struct_conn.ptnr2_label_seq_id 
_struct_conn.ptnr2_label_atom_id 
_struct_conn.pdbx_ptnr2_label_alt_id 
_struct_conn.pdbx_ptnr2_PDB_ins_code 
_struct_conn.ptnr1_auth_asym_id 
_struct_conn.ptnr1_auth_comp_id 
_struct_conn.ptnr1_auth_seq_id 
_struct_conn.ptnr2_auth_asym_id 
_struct_conn.ptnr2_auth_comp_id 
_struct_conn.ptnr2_auth_seq_id 
_struct_conn.ptnr2_symmetry 
_struct_conn.pdbx_ptnr3_label_atom_id 
_struct_conn.pdbx_ptnr3_label_seq_id 
_struct_conn.pdbx_ptnr3_label_comp_id 
_struct_conn.pdbx_ptnr3_label_asym_id 
_struct_conn.pdbx_ptnr3_label_alt_id 
_struct_conn.pdbx_ptnr3_PDB_ins_code 
_struct_conn.details 
_struct_conn.pdbx_dist_value 
_struct_conn.pdbx_value_order 
_struct_conn.pdbx_role 
covale1 covale both ? A GLY 50 C ? ? ? 1_555 A MSE 51 N ? ? A GLY 64 A MSE 65 1_555 ? ? ? ? ? ? ? 1.353 ? ? 
covale2 covale both ? A MSE 51 C ? ? ? 1_555 A ALA 52 N ? ? A MSE 65 A ALA 66 1_555 ? ? ? ? ? ? ? 1.359 ? ? 
# 
_struct_conn_type.id          covale 
_struct_conn_type.criteria    ? 
_struct_conn_type.reference   ? 
# 
_pdbx_modification_feature.ordinal                            1 
_pdbx_modification_feature.label_comp_id                      MSE 
_pdbx_modification_feature.label_asym_id                      A 
_pdbx_modification_feature.label_seq_id                       51 
_pdbx_modification_feature.label_alt_id                       ? 
_pdbx_modification_feature.modified_residue_label_comp_id     . 
_pdbx_modification_feature.modified_residue_label_asym_id     . 
_pdbx_modification_feature.modified_residue_label_seq_id      . 
_pdbx_modification_feature.modified_residue_label_alt_id      . 
_pdbx_modification_feature.auth_comp_id                       MSE 
_pdbx_modification_feature.auth_asym_id                       A 
_pdbx_modification_feature.auth_seq_id                        65 
_pdbx_modification_feature.PDB_ins_code                       ? 
_pdbx_modification_feature.symmetry                           1_555 
_pdbx_modification_feature.modified_residue_auth_comp_id      . 
_pdbx_modification_feature.modified_residue_auth_asym_id      . 
_pdbx_modification_feature.modified_residue_auth_seq_id       . 
_pdbx_modification_feature.modified_residue_PDB_ins_code      . 
_pdbx_modification_feature.modified_residue_symmetry          . 
_pdbx_modification_feature.comp_id_linking_atom               . 
_pdbx_modification_feature.modified_residue_id_linking_atom   . 
_pdbx_modification_feature.modified_residue_id                MET 
_pdbx_modification_feature.ref_pcm_id                         1 
_pdbx_modification_feature.ref_comp_id                        MSE 
_pdbx_modification_feature.type                               Selenomethionine 
_pdbx_modification_feature.category                           'Named protein modification' 
# 
loop_
_struct_sheet.id 
_struct_sheet.type 
_struct_sheet.number_strands 
_struct_sheet.details 
AA1 ? 5 ? 
AA2 ? 2 ? 
# 
loop_
_struct_sheet_order.sheet_id 
_struct_sheet_order.range_id_1 
_struct_sheet_order.range_id_2 
_struct_sheet_order.offset 
_struct_sheet_order.sense 
AA1 1 2 ? anti-parallel 
AA1 2 3 ? parallel      
AA1 3 4 ? anti-parallel 
AA1 4 5 ? anti-parallel 
AA2 1 2 ? anti-parallel 
# 
loop_
_struct_sheet_range.sheet_id 
_struct_sheet_range.id 
_struct_sheet_range.beg_label_comp_id 
_struct_sheet_range.beg_label_asym_id 
_struct_sheet_range.beg_label_seq_id 
_struct_sheet_range.pdbx_beg_PDB_ins_code 
_struct_sheet_range.end_label_comp_id 
_struct_sheet_range.end_label_asym_id 
_struct_sheet_range.end_label_seq_id 
_struct_sheet_range.pdbx_end_PDB_ins_code 
_struct_sheet_range.beg_auth_comp_id 
_struct_sheet_range.beg_auth_asym_id 
_struct_sheet_range.beg_auth_seq_id 
_struct_sheet_range.end_auth_comp_id 
_struct_sheet_range.end_auth_asym_id 
_struct_sheet_range.end_auth_seq_id 
AA1 1 HIS A 22 ? PRO A 27 ? HIS A 36  PRO A 41  
AA1 2 ILE A 5  ? SER A 13 ? ILE A 19  SER A 27  
AA1 3 TYR A 86 ? GLN A 92 ? TYR A 100 GLN A 106 
AA1 4 TYR A 55 ? TYR A 63 ? TYR A 69  TYR A 77  
AA1 5 GLY A 66 ? ALA A 71 ? GLY A 80  ALA A 85  
AA2 1 LEU A 34 ? TYR A 35 ? LEU A 48  TYR A 49  
AA2 2 PHE A 77 ? ILE A 78 ? PHE A 91  ILE A 92  
# 
loop_
_pdbx_struct_sheet_hbond.sheet_id 
_pdbx_struct_sheet_hbond.range_id_1 
_pdbx_struct_sheet_hbond.range_id_2 
_pdbx_struct_sheet_hbond.range_1_label_atom_id 
_pdbx_struct_sheet_hbond.range_1_label_comp_id 
_pdbx_struct_sheet_hbond.range_1_label_asym_id 
_pdbx_struct_sheet_hbond.range_1_label_seq_id 
_pdbx_struct_sheet_hbond.range_1_PDB_ins_code 
_pdbx_struct_sheet_hbond.range_1_auth_atom_id 
_pdbx_struct_sheet_hbond.range_1_auth_comp_id 
_pdbx_struct_sheet_hbond.range_1_auth_asym_id 
_pdbx_struct_sheet_hbond.range_1_auth_seq_id 
_pdbx_struct_sheet_hbond.range_2_label_atom_id 
_pdbx_struct_sheet_hbond.range_2_label_comp_id 
_pdbx_struct_sheet_hbond.range_2_label_asym_id 
_pdbx_struct_sheet_hbond.range_2_label_seq_id 
_pdbx_struct_sheet_hbond.range_2_PDB_ins_code 
_pdbx_struct_sheet_hbond.range_2_auth_atom_id 
_pdbx_struct_sheet_hbond.range_2_auth_comp_id 
_pdbx_struct_sheet_hbond.range_2_auth_asym_id 
_pdbx_struct_sheet_hbond.range_2_auth_seq_id 
AA1 1 2 O VAL A 26 ? O VAL A 40  N VAL A 6  ? N VAL A 20  
AA1 2 3 N TYR A 11 ? N TYR A 25  O GLY A 90 ? O GLY A 104 
AA1 3 4 O SER A 91 ? O SER A 105 N SER A 56 ? N SER A 70  
AA1 4 5 N TYR A 63 ? N TYR A 77  O GLY A 66 ? O GLY A 80  
AA2 1 2 N LEU A 34 ? N LEU A 48  O ILE A 78 ? O ILE A 92  
# 
_struct_site.id                   AC1 
_struct_site.pdbx_evidence_code   Software 
_struct_site.pdbx_auth_asym_id    A 
_struct_site.pdbx_auth_comp_id    SO4 
_struct_site.pdbx_auth_seq_id     201 
_struct_site.pdbx_auth_ins_code   ? 
_struct_site.pdbx_num_residues    7 
_struct_site.details              'binding site for residue SO4 A 201' 
# 
loop_
_struct_site_gen.id 
_struct_site_gen.site_id 
_struct_site_gen.pdbx_num_res 
_struct_site_gen.label_comp_id 
_struct_site_gen.label_asym_id 
_struct_site_gen.label_seq_id 
_struct_site_gen.pdbx_auth_ins_code 
_struct_site_gen.auth_comp_id 
_struct_site_gen.auth_asym_id 
_struct_site_gen.auth_seq_id 
_struct_site_gen.label_atom_id 
_struct_site_gen.label_alt_id 
_struct_site_gen.symmetry 
_struct_site_gen.details 
1 AC1 7 LEU A 12 ? LEU A 26  . ? 1_555 ? 
2 AC1 7 SER A 13 ? SER A 27  . ? 5_564 ? 
3 AC1 7 ARG A 14 ? ARG A 28  . ? 1_555 ? 
4 AC1 7 HIS A 22 ? HIS A 36  . ? 1_555 ? 
5 AC1 7 ARG A 47 ? ARG A 61  . ? 1_555 ? 
6 AC1 7 LYS A 89 ? LYS A 103 . ? 5_564 ? 
7 AC1 7 SER A 91 ? SER A 105 . ? 5_564 ? 
# 
_pdbx_entry_details.entry_id                   6RSN 
_pdbx_entry_details.has_ligand_of_interest     N 
_pdbx_entry_details.compound_details           ? 
_pdbx_entry_details.source_details             ? 
_pdbx_entry_details.nonpolymer_details         ? 
_pdbx_entry_details.sequence_details           ? 
_pdbx_entry_details.has_protein_modification   Y 
# 
_pdbx_validate_close_contact.id               1 
_pdbx_validate_close_contact.PDB_model_num    1 
_pdbx_validate_close_contact.auth_atom_id_1   OD1 
_pdbx_validate_close_contact.auth_asym_id_1   A 
_pdbx_validate_close_contact.auth_comp_id_1   ASN 
_pdbx_validate_close_contact.auth_seq_id_1    46 
_pdbx_validate_close_contact.PDB_ins_code_1   ? 
_pdbx_validate_close_contact.label_alt_id_1   ? 
_pdbx_validate_close_contact.auth_atom_id_2   O 
_pdbx_validate_close_contact.auth_asym_id_2   A 
_pdbx_validate_close_contact.auth_comp_id_2   HOH 
_pdbx_validate_close_contact.auth_seq_id_2    301 
_pdbx_validate_close_contact.PDB_ins_code_2   ? 
_pdbx_validate_close_contact.label_alt_id_2   ? 
_pdbx_validate_close_contact.dist             2.11 
# 
loop_
_pdbx_validate_rmsd_angle.id 
_pdbx_validate_rmsd_angle.PDB_model_num 
_pdbx_validate_rmsd_angle.auth_atom_id_1 
_pdbx_validate_rmsd_angle.auth_asym_id_1 
_pdbx_validate_rmsd_angle.auth_comp_id_1 
_pdbx_validate_rmsd_angle.auth_seq_id_1 
_pdbx_validate_rmsd_angle.PDB_ins_code_1 
_pdbx_validate_rmsd_angle.label_alt_id_1 
_pdbx_validate_rmsd_angle.auth_atom_id_2 
_pdbx_validate_rmsd_angle.auth_asym_id_2 
_pdbx_validate_rmsd_angle.auth_comp_id_2 
_pdbx_validate_rmsd_angle.auth_seq_id_2 
_pdbx_validate_rmsd_angle.PDB_ins_code_2 
_pdbx_validate_rmsd_angle.label_alt_id_2 
_pdbx_validate_rmsd_angle.auth_atom_id_3 
_pdbx_validate_rmsd_angle.auth_asym_id_3 
_pdbx_validate_rmsd_angle.auth_comp_id_3 
_pdbx_validate_rmsd_angle.auth_seq_id_3 
_pdbx_validate_rmsd_angle.PDB_ins_code_3 
_pdbx_validate_rmsd_angle.label_alt_id_3 
_pdbx_validate_rmsd_angle.angle_value 
_pdbx_validate_rmsd_angle.angle_target_value 
_pdbx_validate_rmsd_angle.angle_deviation 
_pdbx_validate_rmsd_angle.angle_standard_deviation 
_pdbx_validate_rmsd_angle.linker_flag 
1 1 CG A ARG 61  ? ? CD A ARG 61  ? ? NE  A ARG 61  ? ? 96.77  111.80 -15.03 2.10 N 
2 1 CB A ASP 109 ? ? CG A ASP 109 ? ? OD2 A ASP 109 ? ? 112.05 118.30 -6.25  0.90 N 
# 
loop_
_pdbx_validate_torsion.id 
_pdbx_validate_torsion.PDB_model_num 
_pdbx_validate_torsion.auth_comp_id 
_pdbx_validate_torsion.auth_asym_id 
_pdbx_validate_torsion.auth_seq_id 
_pdbx_validate_torsion.PDB_ins_code 
_pdbx_validate_torsion.label_alt_id 
_pdbx_validate_torsion.phi 
_pdbx_validate_torsion.psi 
1 1 ARG A 28 ? ? -108.68 -84.52  
2 1 LEU A 32 ? ? -60.98  15.13   
3 1 LYS A 78 ? ? 51.74   -126.62 
4 1 HIS A 96 ? ? 58.87   -132.05 
# 
_pdbx_struct_mod_residue.id               1 
_pdbx_struct_mod_residue.label_asym_id    A 
_pdbx_struct_mod_residue.label_comp_id    MSE 
_pdbx_struct_mod_residue.label_seq_id     51 
_pdbx_struct_mod_residue.auth_asym_id     A 
_pdbx_struct_mod_residue.auth_comp_id     MSE 
_pdbx_struct_mod_residue.auth_seq_id      65 
_pdbx_struct_mod_residue.PDB_ins_code     ? 
_pdbx_struct_mod_residue.parent_comp_id   MET 
_pdbx_struct_mod_residue.details          'modified residue' 
# 
_pdbx_refine_tls.id               1 
_pdbx_refine_tls.pdbx_refine_id   'X-RAY DIFFRACTION' 
_pdbx_refine_tls.details          ? 
_pdbx_refine_tls.method           refined 
_pdbx_refine_tls.origin_x         0.2489 
_pdbx_refine_tls.origin_y         -0.1601 
_pdbx_refine_tls.origin_z         0.1372 
_pdbx_refine_tls.T[1][1]          0.0853 
_pdbx_refine_tls.T[1][1]_esd      ? 
_pdbx_refine_tls.T[1][2]          0.0143 
_pdbx_refine_tls.T[1][2]_esd      ? 
_pdbx_refine_tls.T[1][3]          0.0513 
_pdbx_refine_tls.T[1][3]_esd      ? 
_pdbx_refine_tls.T[2][2]          0.0145 
_pdbx_refine_tls.T[2][2]_esd      ? 
_pdbx_refine_tls.T[2][3]          -0.0120 
_pdbx_refine_tls.T[2][3]_esd      ? 
_pdbx_refine_tls.T[3][3]          0.0928 
_pdbx_refine_tls.T[3][3]_esd      ? 
_pdbx_refine_tls.L[1][1]          3.3916 
_pdbx_refine_tls.L[1][1]_esd      ? 
_pdbx_refine_tls.L[1][2]          0.7803 
_pdbx_refine_tls.L[1][2]_esd      ? 
_pdbx_refine_tls.L[1][3]          -1.0275 
_pdbx_refine_tls.L[1][3]_esd      ? 
_pdbx_refine_tls.L[2][2]          1.4424 
_pdbx_refine_tls.L[2][2]_esd      ? 
_pdbx_refine_tls.L[2][3]          -0.2842 
_pdbx_refine_tls.L[2][3]_esd      ? 
_pdbx_refine_tls.L[3][3]          1.4814 
_pdbx_refine_tls.L[3][3]_esd      ? 
_pdbx_refine_tls.S[1][1]          -0.2737 
_pdbx_refine_tls.S[1][1]_esd      ? 
_pdbx_refine_tls.S[1][2]          0.0059 
_pdbx_refine_tls.S[1][2]_esd      ? 
_pdbx_refine_tls.S[1][3]          -0.4061 
_pdbx_refine_tls.S[1][3]_esd      ? 
_pdbx_refine_tls.S[2][1]          -0.0482 
_pdbx_refine_tls.S[2][1]_esd      ? 
_pdbx_refine_tls.S[2][2]          0.1194 
_pdbx_refine_tls.S[2][2]_esd      ? 
_pdbx_refine_tls.S[2][3]          -0.2805 
_pdbx_refine_tls.S[2][3]_esd      ? 
_pdbx_refine_tls.S[3][1]          0.2731 
_pdbx_refine_tls.S[3][1]_esd      ? 
_pdbx_refine_tls.S[3][2]          0.0164 
_pdbx_refine_tls.S[3][2]_esd      ? 
_pdbx_refine_tls.S[3][3]          0.1544 
_pdbx_refine_tls.S[3][3]_esd      ? 
# 
_pdbx_refine_tls_group.id                  1 
_pdbx_refine_tls_group.pdbx_refine_id      'X-RAY DIFFRACTION' 
_pdbx_refine_tls_group.refine_tls_id       1 
_pdbx_refine_tls_group.beg_label_asym_id   ? 
_pdbx_refine_tls_group.beg_label_seq_id    ? 
_pdbx_refine_tls_group.beg_auth_asym_id    A 
_pdbx_refine_tls_group.beg_auth_seq_id     18 
_pdbx_refine_tls_group.end_label_asym_id   ? 
_pdbx_refine_tls_group.end_label_seq_id    ? 
_pdbx_refine_tls_group.end_auth_asym_id    A 
_pdbx_refine_tls_group.end_auth_seq_id     109 
_pdbx_refine_tls_group.selection           ? 
_pdbx_refine_tls_group.selection_details   ? 
# 
loop_
_pdbx_unobs_or_zero_occ_residues.id 
_pdbx_unobs_or_zero_occ_residues.PDB_model_num 
_pdbx_unobs_or_zero_occ_residues.polymer_flag 
_pdbx_unobs_or_zero_occ_residues.occupancy_flag 
_pdbx_unobs_or_zero_occ_residues.auth_asym_id 
_pdbx_unobs_or_zero_occ_residues.auth_comp_id 
_pdbx_unobs_or_zero_occ_residues.auth_seq_id 
_pdbx_unobs_or_zero_occ_residues.PDB_ins_code 
_pdbx_unobs_or_zero_occ_residues.label_asym_id 
_pdbx_unobs_or_zero_occ_residues.label_comp_id 
_pdbx_unobs_or_zero_occ_residues.label_seq_id 
1 1 Y 1 A SER 15 ? A SER 1 
2 1 Y 1 A ARG 16 ? A ARG 2 
3 1 Y 1 A GLU 17 ? A GLU 3 
# 
loop_
_chem_comp_atom.comp_id 
_chem_comp_atom.atom_id 
_chem_comp_atom.type_symbol 
_chem_comp_atom.pdbx_aromatic_flag 
_chem_comp_atom.pdbx_stereo_config 
_chem_comp_atom.pdbx_ordinal 
ALA N    N  N N 1   
ALA CA   C  N S 2   
ALA C    C  N N 3   
ALA O    O  N N 4   
ALA CB   C  N N 5   
ALA OXT  O  N N 6   
ALA H    H  N N 7   
ALA H2   H  N N 8   
ALA HA   H  N N 9   
ALA HB1  H  N N 10  
ALA HB2  H  N N 11  
ALA HB3  H  N N 12  
ALA HXT  H  N N 13  
ARG N    N  N N 14  
ARG CA   C  N S 15  
ARG C    C  N N 16  
ARG O    O  N N 17  
ARG CB   C  N N 18  
ARG CG   C  N N 19  
ARG CD   C  N N 20  
ARG NE   N  N N 21  
ARG CZ   C  N N 22  
ARG NH1  N  N N 23  
ARG NH2  N  N N 24  
ARG OXT  O  N N 25  
ARG H    H  N N 26  
ARG H2   H  N N 27  
ARG HA   H  N N 28  
ARG HB2  H  N N 29  
ARG HB3  H  N N 30  
ARG HG2  H  N N 31  
ARG HG3  H  N N 32  
ARG HD2  H  N N 33  
ARG HD3  H  N N 34  
ARG HE   H  N N 35  
ARG HH11 H  N N 36  
ARG HH12 H  N N 37  
ARG HH21 H  N N 38  
ARG HH22 H  N N 39  
ARG HXT  H  N N 40  
ASN N    N  N N 41  
ASN CA   C  N S 42  
ASN C    C  N N 43  
ASN O    O  N N 44  
ASN CB   C  N N 45  
ASN CG   C  N N 46  
ASN OD1  O  N N 47  
ASN ND2  N  N N 48  
ASN OXT  O  N N 49  
ASN H    H  N N 50  
ASN H2   H  N N 51  
ASN HA   H  N N 52  
ASN HB2  H  N N 53  
ASN HB3  H  N N 54  
ASN HD21 H  N N 55  
ASN HD22 H  N N 56  
ASN HXT  H  N N 57  
ASP N    N  N N 58  
ASP CA   C  N S 59  
ASP C    C  N N 60  
ASP O    O  N N 61  
ASP CB   C  N N 62  
ASP CG   C  N N 63  
ASP OD1  O  N N 64  
ASP OD2  O  N N 65  
ASP OXT  O  N N 66  
ASP H    H  N N 67  
ASP H2   H  N N 68  
ASP HA   H  N N 69  
ASP HB2  H  N N 70  
ASP HB3  H  N N 71  
ASP HD2  H  N N 72  
ASP HXT  H  N N 73  
CYS N    N  N N 74  
CYS CA   C  N R 75  
CYS C    C  N N 76  
CYS O    O  N N 77  
CYS CB   C  N N 78  
CYS SG   S  N N 79  
CYS OXT  O  N N 80  
CYS H    H  N N 81  
CYS H2   H  N N 82  
CYS HA   H  N N 83  
CYS HB2  H  N N 84  
CYS HB3  H  N N 85  
CYS HG   H  N N 86  
CYS HXT  H  N N 87  
GLN N    N  N N 88  
GLN CA   C  N S 89  
GLN C    C  N N 90  
GLN O    O  N N 91  
GLN CB   C  N N 92  
GLN CG   C  N N 93  
GLN CD   C  N N 94  
GLN OE1  O  N N 95  
GLN NE2  N  N N 96  
GLN OXT  O  N N 97  
GLN H    H  N N 98  
GLN H2   H  N N 99  
GLN HA   H  N N 100 
GLN HB2  H  N N 101 
GLN HB3  H  N N 102 
GLN HG2  H  N N 103 
GLN HG3  H  N N 104 
GLN HE21 H  N N 105 
GLN HE22 H  N N 106 
GLN HXT  H  N N 107 
GLU N    N  N N 108 
GLU CA   C  N S 109 
GLU C    C  N N 110 
GLU O    O  N N 111 
GLU CB   C  N N 112 
GLU CG   C  N N 113 
GLU CD   C  N N 114 
GLU OE1  O  N N 115 
GLU OE2  O  N N 116 
GLU OXT  O  N N 117 
GLU H    H  N N 118 
GLU H2   H  N N 119 
GLU HA   H  N N 120 
GLU HB2  H  N N 121 
GLU HB3  H  N N 122 
GLU HG2  H  N N 123 
GLU HG3  H  N N 124 
GLU HE2  H  N N 125 
GLU HXT  H  N N 126 
GLY N    N  N N 127 
GLY CA   C  N N 128 
GLY C    C  N N 129 
GLY O    O  N N 130 
GLY OXT  O  N N 131 
GLY H    H  N N 132 
GLY H2   H  N N 133 
GLY HA2  H  N N 134 
GLY HA3  H  N N 135 
GLY HXT  H  N N 136 
HIS N    N  N N 137 
HIS CA   C  N S 138 
HIS C    C  N N 139 
HIS O    O  N N 140 
HIS CB   C  N N 141 
HIS CG   C  Y N 142 
HIS ND1  N  Y N 143 
HIS CD2  C  Y N 144 
HIS CE1  C  Y N 145 
HIS NE2  N  Y N 146 
HIS OXT  O  N N 147 
HIS H    H  N N 148 
HIS H2   H  N N 149 
HIS HA   H  N N 150 
HIS HB2  H  N N 151 
HIS HB3  H  N N 152 
HIS HD1  H  N N 153 
HIS HD2  H  N N 154 
HIS HE1  H  N N 155 
HIS HE2  H  N N 156 
HIS HXT  H  N N 157 
HOH O    O  N N 158 
HOH H1   H  N N 159 
HOH H2   H  N N 160 
ILE N    N  N N 161 
ILE CA   C  N S 162 
ILE C    C  N N 163 
ILE O    O  N N 164 
ILE CB   C  N S 165 
ILE CG1  C  N N 166 
ILE CG2  C  N N 167 
ILE CD1  C  N N 168 
ILE OXT  O  N N 169 
ILE H    H  N N 170 
ILE H2   H  N N 171 
ILE HA   H  N N 172 
ILE HB   H  N N 173 
ILE HG12 H  N N 174 
ILE HG13 H  N N 175 
ILE HG21 H  N N 176 
ILE HG22 H  N N 177 
ILE HG23 H  N N 178 
ILE HD11 H  N N 179 
ILE HD12 H  N N 180 
ILE HD13 H  N N 181 
ILE HXT  H  N N 182 
LEU N    N  N N 183 
LEU CA   C  N S 184 
LEU C    C  N N 185 
LEU O    O  N N 186 
LEU CB   C  N N 187 
LEU CG   C  N N 188 
LEU CD1  C  N N 189 
LEU CD2  C  N N 190 
LEU OXT  O  N N 191 
LEU H    H  N N 192 
LEU H2   H  N N 193 
LEU HA   H  N N 194 
LEU HB2  H  N N 195 
LEU HB3  H  N N 196 
LEU HG   H  N N 197 
LEU HD11 H  N N 198 
LEU HD12 H  N N 199 
LEU HD13 H  N N 200 
LEU HD21 H  N N 201 
LEU HD22 H  N N 202 
LEU HD23 H  N N 203 
LEU HXT  H  N N 204 
LYS N    N  N N 205 
LYS CA   C  N S 206 
LYS C    C  N N 207 
LYS O    O  N N 208 
LYS CB   C  N N 209 
LYS CG   C  N N 210 
LYS CD   C  N N 211 
LYS CE   C  N N 212 
LYS NZ   N  N N 213 
LYS OXT  O  N N 214 
LYS H    H  N N 215 
LYS H2   H  N N 216 
LYS HA   H  N N 217 
LYS HB2  H  N N 218 
LYS HB3  H  N N 219 
LYS HG2  H  N N 220 
LYS HG3  H  N N 221 
LYS HD2  H  N N 222 
LYS HD3  H  N N 223 
LYS HE2  H  N N 224 
LYS HE3  H  N N 225 
LYS HZ1  H  N N 226 
LYS HZ2  H  N N 227 
LYS HZ3  H  N N 228 
LYS HXT  H  N N 229 
MSE N    N  N N 230 
MSE CA   C  N S 231 
MSE C    C  N N 232 
MSE O    O  N N 233 
MSE OXT  O  N N 234 
MSE CB   C  N N 235 
MSE CG   C  N N 236 
MSE SE   SE N N 237 
MSE CE   C  N N 238 
MSE H    H  N N 239 
MSE H2   H  N N 240 
MSE HA   H  N N 241 
MSE HXT  H  N N 242 
MSE HB2  H  N N 243 
MSE HB3  H  N N 244 
MSE HG2  H  N N 245 
MSE HG3  H  N N 246 
MSE HE1  H  N N 247 
MSE HE2  H  N N 248 
MSE HE3  H  N N 249 
PHE N    N  N N 250 
PHE CA   C  N S 251 
PHE C    C  N N 252 
PHE O    O  N N 253 
PHE CB   C  N N 254 
PHE CG   C  Y N 255 
PHE CD1  C  Y N 256 
PHE CD2  C  Y N 257 
PHE CE1  C  Y N 258 
PHE CE2  C  Y N 259 
PHE CZ   C  Y N 260 
PHE OXT  O  N N 261 
PHE H    H  N N 262 
PHE H2   H  N N 263 
PHE HA   H  N N 264 
PHE HB2  H  N N 265 
PHE HB3  H  N N 266 
PHE HD1  H  N N 267 
PHE HD2  H  N N 268 
PHE HE1  H  N N 269 
PHE HE2  H  N N 270 
PHE HZ   H  N N 271 
PHE HXT  H  N N 272 
PRO N    N  N N 273 
PRO CA   C  N S 274 
PRO C    C  N N 275 
PRO O    O  N N 276 
PRO CB   C  N N 277 
PRO CG   C  N N 278 
PRO CD   C  N N 279 
PRO OXT  O  N N 280 
PRO H    H  N N 281 
PRO HA   H  N N 282 
PRO HB2  H  N N 283 
PRO HB3  H  N N 284 
PRO HG2  H  N N 285 
PRO HG3  H  N N 286 
PRO HD2  H  N N 287 
PRO HD3  H  N N 288 
PRO HXT  H  N N 289 
SER N    N  N N 290 
SER CA   C  N S 291 
SER C    C  N N 292 
SER O    O  N N 293 
SER CB   C  N N 294 
SER OG   O  N N 295 
SER OXT  O  N N 296 
SER H    H  N N 297 
SER H2   H  N N 298 
SER HA   H  N N 299 
SER HB2  H  N N 300 
SER HB3  H  N N 301 
SER HG   H  N N 302 
SER HXT  H  N N 303 
SO4 S    S  N N 304 
SO4 O1   O  N N 305 
SO4 O2   O  N N 306 
SO4 O3   O  N N 307 
SO4 O4   O  N N 308 
THR N    N  N N 309 
THR CA   C  N S 310 
THR C    C  N N 311 
THR O    O  N N 312 
THR CB   C  N R 313 
THR OG1  O  N N 314 
THR CG2  C  N N 315 
THR OXT  O  N N 316 
THR H    H  N N 317 
THR H2   H  N N 318 
THR HA   H  N N 319 
THR HB   H  N N 320 
THR HG1  H  N N 321 
THR HG21 H  N N 322 
THR HG22 H  N N 323 
THR HG23 H  N N 324 
THR HXT  H  N N 325 
TRP N    N  N N 326 
TRP CA   C  N S 327 
TRP C    C  N N 328 
TRP O    O  N N 329 
TRP CB   C  N N 330 
TRP CG   C  Y N 331 
TRP CD1  C  Y N 332 
TRP CD2  C  Y N 333 
TRP NE1  N  Y N 334 
TRP CE2  C  Y N 335 
TRP CE3  C  Y N 336 
TRP CZ2  C  Y N 337 
TRP CZ3  C  Y N 338 
TRP CH2  C  Y N 339 
TRP OXT  O  N N 340 
TRP H    H  N N 341 
TRP H2   H  N N 342 
TRP HA   H  N N 343 
TRP HB2  H  N N 344 
TRP HB3  H  N N 345 
TRP HD1  H  N N 346 
TRP HE1  H  N N 347 
TRP HE3  H  N N 348 
TRP HZ2  H  N N 349 
TRP HZ3  H  N N 350 
TRP HH2  H  N N 351 
TRP HXT  H  N N 352 
TYR N    N  N N 353 
TYR CA   C  N S 354 
TYR C    C  N N 355 
TYR O    O  N N 356 
TYR CB   C  N N 357 
TYR CG   C  Y N 358 
TYR CD1  C  Y N 359 
TYR CD2  C  Y N 360 
TYR CE1  C  Y N 361 
TYR CE2  C  Y N 362 
TYR CZ   C  Y N 363 
TYR OH   O  N N 364 
TYR OXT  O  N N 365 
TYR H    H  N N 366 
TYR H2   H  N N 367 
TYR HA   H  N N 368 
TYR HB2  H  N N 369 
TYR HB3  H  N N 370 
TYR HD1  H  N N 371 
TYR HD2  H  N N 372 
TYR HE1  H  N N 373 
TYR HE2  H  N N 374 
TYR HH   H  N N 375 
TYR HXT  H  N N 376 
VAL N    N  N N 377 
VAL CA   C  N S 378 
VAL C    C  N N 379 
VAL O    O  N N 380 
VAL CB   C  N N 381 
VAL CG1  C  N N 382 
VAL CG2  C  N N 383 
VAL OXT  O  N N 384 
VAL H    H  N N 385 
VAL H2   H  N N 386 
VAL HA   H  N N 387 
VAL HB   H  N N 388 
VAL HG11 H  N N 389 
VAL HG12 H  N N 390 
VAL HG13 H  N N 391 
VAL HG21 H  N N 392 
VAL HG22 H  N N 393 
VAL HG23 H  N N 394 
VAL HXT  H  N N 395 
# 
loop_
_chem_comp_bond.comp_id 
_chem_comp_bond.atom_id_1 
_chem_comp_bond.atom_id_2 
_chem_comp_bond.value_order 
_chem_comp_bond.pdbx_aromatic_flag 
_chem_comp_bond.pdbx_stereo_config 
_chem_comp_bond.pdbx_ordinal 
ALA N   CA   sing N N 1   
ALA N   H    sing N N 2   
ALA N   H2   sing N N 3   
ALA CA  C    sing N N 4   
ALA CA  CB   sing N N 5   
ALA CA  HA   sing N N 6   
ALA C   O    doub N N 7   
ALA C   OXT  sing N N 8   
ALA CB  HB1  sing N N 9   
ALA CB  HB2  sing N N 10  
ALA CB  HB3  sing N N 11  
ALA OXT HXT  sing N N 12  
ARG N   CA   sing N N 13  
ARG N   H    sing N N 14  
ARG N   H2   sing N N 15  
ARG CA  C    sing N N 16  
ARG CA  CB   sing N N 17  
ARG CA  HA   sing N N 18  
ARG C   O    doub N N 19  
ARG C   OXT  sing N N 20  
ARG CB  CG   sing N N 21  
ARG CB  HB2  sing N N 22  
ARG CB  HB3  sing N N 23  
ARG CG  CD   sing N N 24  
ARG CG  HG2  sing N N 25  
ARG CG  HG3  sing N N 26  
ARG CD  NE   sing N N 27  
ARG CD  HD2  sing N N 28  
ARG CD  HD3  sing N N 29  
ARG NE  CZ   sing N N 30  
ARG NE  HE   sing N N 31  
ARG CZ  NH1  sing N N 32  
ARG CZ  NH2  doub N N 33  
ARG NH1 HH11 sing N N 34  
ARG NH1 HH12 sing N N 35  
ARG NH2 HH21 sing N N 36  
ARG NH2 HH22 sing N N 37  
ARG OXT HXT  sing N N 38  
ASN N   CA   sing N N 39  
ASN N   H    sing N N 40  
ASN N   H2   sing N N 41  
ASN CA  C    sing N N 42  
ASN CA  CB   sing N N 43  
ASN CA  HA   sing N N 44  
ASN C   O    doub N N 45  
ASN C   OXT  sing N N 46  
ASN CB  CG   sing N N 47  
ASN CB  HB2  sing N N 48  
ASN CB  HB3  sing N N 49  
ASN CG  OD1  doub N N 50  
ASN CG  ND2  sing N N 51  
ASN ND2 HD21 sing N N 52  
ASN ND2 HD22 sing N N 53  
ASN OXT HXT  sing N N 54  
ASP N   CA   sing N N 55  
ASP N   H    sing N N 56  
ASP N   H2   sing N N 57  
ASP CA  C    sing N N 58  
ASP CA  CB   sing N N 59  
ASP CA  HA   sing N N 60  
ASP C   O    doub N N 61  
ASP C   OXT  sing N N 62  
ASP CB  CG   sing N N 63  
ASP CB  HB2  sing N N 64  
ASP CB  HB3  sing N N 65  
ASP CG  OD1  doub N N 66  
ASP CG  OD2  sing N N 67  
ASP OD2 HD2  sing N N 68  
ASP OXT HXT  sing N N 69  
CYS N   CA   sing N N 70  
CYS N   H    sing N N 71  
CYS N   H2   sing N N 72  
CYS CA  C    sing N N 73  
CYS CA  CB   sing N N 74  
CYS CA  HA   sing N N 75  
CYS C   O    doub N N 76  
CYS C   OXT  sing N N 77  
CYS CB  SG   sing N N 78  
CYS CB  HB2  sing N N 79  
CYS CB  HB3  sing N N 80  
CYS SG  HG   sing N N 81  
CYS OXT HXT  sing N N 82  
GLN N   CA   sing N N 83  
GLN N   H    sing N N 84  
GLN N   H2   sing N N 85  
GLN CA  C    sing N N 86  
GLN CA  CB   sing N N 87  
GLN CA  HA   sing N N 88  
GLN C   O    doub N N 89  
GLN C   OXT  sing N N 90  
GLN CB  CG   sing N N 91  
GLN CB  HB2  sing N N 92  
GLN CB  HB3  sing N N 93  
GLN CG  CD   sing N N 94  
GLN CG  HG2  sing N N 95  
GLN CG  HG3  sing N N 96  
GLN CD  OE1  doub N N 97  
GLN CD  NE2  sing N N 98  
GLN NE2 HE21 sing N N 99  
GLN NE2 HE22 sing N N 100 
GLN OXT HXT  sing N N 101 
GLU N   CA   sing N N 102 
GLU N   H    sing N N 103 
GLU N   H2   sing N N 104 
GLU CA  C    sing N N 105 
GLU CA  CB   sing N N 106 
GLU CA  HA   sing N N 107 
GLU C   O    doub N N 108 
GLU C   OXT  sing N N 109 
GLU CB  CG   sing N N 110 
GLU CB  HB2  sing N N 111 
GLU CB  HB3  sing N N 112 
GLU CG  CD   sing N N 113 
GLU CG  HG2  sing N N 114 
GLU CG  HG3  sing N N 115 
GLU CD  OE1  doub N N 116 
GLU CD  OE2  sing N N 117 
GLU OE2 HE2  sing N N 118 
GLU OXT HXT  sing N N 119 
GLY N   CA   sing N N 120 
GLY N   H    sing N N 121 
GLY N   H2   sing N N 122 
GLY CA  C    sing N N 123 
GLY CA  HA2  sing N N 124 
GLY CA  HA3  sing N N 125 
GLY C   O    doub N N 126 
GLY C   OXT  sing N N 127 
GLY OXT HXT  sing N N 128 
HIS N   CA   sing N N 129 
HIS N   H    sing N N 130 
HIS N   H2   sing N N 131 
HIS CA  C    sing N N 132 
HIS CA  CB   sing N N 133 
HIS CA  HA   sing N N 134 
HIS C   O    doub N N 135 
HIS C   OXT  sing N N 136 
HIS CB  CG   sing N N 137 
HIS CB  HB2  sing N N 138 
HIS CB  HB3  sing N N 139 
HIS CG  ND1  sing Y N 140 
HIS CG  CD2  doub Y N 141 
HIS ND1 CE1  doub Y N 142 
HIS ND1 HD1  sing N N 143 
HIS CD2 NE2  sing Y N 144 
HIS CD2 HD2  sing N N 145 
HIS CE1 NE2  sing Y N 146 
HIS CE1 HE1  sing N N 147 
HIS NE2 HE2  sing N N 148 
HIS OXT HXT  sing N N 149 
HOH O   H1   sing N N 150 
HOH O   H2   sing N N 151 
ILE N   CA   sing N N 152 
ILE N   H    sing N N 153 
ILE N   H2   sing N N 154 
ILE CA  C    sing N N 155 
ILE CA  CB   sing N N 156 
ILE CA  HA   sing N N 157 
ILE C   O    doub N N 158 
ILE C   OXT  sing N N 159 
ILE CB  CG1  sing N N 160 
ILE CB  CG2  sing N N 161 
ILE CB  HB   sing N N 162 
ILE CG1 CD1  sing N N 163 
ILE CG1 HG12 sing N N 164 
ILE CG1 HG13 sing N N 165 
ILE CG2 HG21 sing N N 166 
ILE CG2 HG22 sing N N 167 
ILE CG2 HG23 sing N N 168 
ILE CD1 HD11 sing N N 169 
ILE CD1 HD12 sing N N 170 
ILE CD1 HD13 sing N N 171 
ILE OXT HXT  sing N N 172 
LEU N   CA   sing N N 173 
LEU N   H    sing N N 174 
LEU N   H2   sing N N 175 
LEU CA  C    sing N N 176 
LEU CA  CB   sing N N 177 
LEU CA  HA   sing N N 178 
LEU C   O    doub N N 179 
LEU C   OXT  sing N N 180 
LEU CB  CG   sing N N 181 
LEU CB  HB2  sing N N 182 
LEU CB  HB3  sing N N 183 
LEU CG  CD1  sing N N 184 
LEU CG  CD2  sing N N 185 
LEU CG  HG   sing N N 186 
LEU CD1 HD11 sing N N 187 
LEU CD1 HD12 sing N N 188 
LEU CD1 HD13 sing N N 189 
LEU CD2 HD21 sing N N 190 
LEU CD2 HD22 sing N N 191 
LEU CD2 HD23 sing N N 192 
LEU OXT HXT  sing N N 193 
LYS N   CA   sing N N 194 
LYS N   H    sing N N 195 
LYS N   H2   sing N N 196 
LYS CA  C    sing N N 197 
LYS CA  CB   sing N N 198 
LYS CA  HA   sing N N 199 
LYS C   O    doub N N 200 
LYS C   OXT  sing N N 201 
LYS CB  CG   sing N N 202 
LYS CB  HB2  sing N N 203 
LYS CB  HB3  sing N N 204 
LYS CG  CD   sing N N 205 
LYS CG  HG2  sing N N 206 
LYS CG  HG3  sing N N 207 
LYS CD  CE   sing N N 208 
LYS CD  HD2  sing N N 209 
LYS CD  HD3  sing N N 210 
LYS CE  NZ   sing N N 211 
LYS CE  HE2  sing N N 212 
LYS CE  HE3  sing N N 213 
LYS NZ  HZ1  sing N N 214 
LYS NZ  HZ2  sing N N 215 
LYS NZ  HZ3  sing N N 216 
LYS OXT HXT  sing N N 217 
MSE N   CA   sing N N 218 
MSE N   H    sing N N 219 
MSE N   H2   sing N N 220 
MSE CA  C    sing N N 221 
MSE CA  CB   sing N N 222 
MSE CA  HA   sing N N 223 
MSE C   O    doub N N 224 
MSE C   OXT  sing N N 225 
MSE OXT HXT  sing N N 226 
MSE CB  CG   sing N N 227 
MSE CB  HB2  sing N N 228 
MSE CB  HB3  sing N N 229 
MSE CG  SE   sing N N 230 
MSE CG  HG2  sing N N 231 
MSE CG  HG3  sing N N 232 
MSE SE  CE   sing N N 233 
MSE CE  HE1  sing N N 234 
MSE CE  HE2  sing N N 235 
MSE CE  HE3  sing N N 236 
PHE N   CA   sing N N 237 
PHE N   H    sing N N 238 
PHE N   H2   sing N N 239 
PHE CA  C    sing N N 240 
PHE CA  CB   sing N N 241 
PHE CA  HA   sing N N 242 
PHE C   O    doub N N 243 
PHE C   OXT  sing N N 244 
PHE CB  CG   sing N N 245 
PHE CB  HB2  sing N N 246 
PHE CB  HB3  sing N N 247 
PHE CG  CD1  doub Y N 248 
PHE CG  CD2  sing Y N 249 
PHE CD1 CE1  sing Y N 250 
PHE CD1 HD1  sing N N 251 
PHE CD2 CE2  doub Y N 252 
PHE CD2 HD2  sing N N 253 
PHE CE1 CZ   doub Y N 254 
PHE CE1 HE1  sing N N 255 
PHE CE2 CZ   sing Y N 256 
PHE CE2 HE2  sing N N 257 
PHE CZ  HZ   sing N N 258 
PHE OXT HXT  sing N N 259 
PRO N   CA   sing N N 260 
PRO N   CD   sing N N 261 
PRO N   H    sing N N 262 
PRO CA  C    sing N N 263 
PRO CA  CB   sing N N 264 
PRO CA  HA   sing N N 265 
PRO C   O    doub N N 266 
PRO C   OXT  sing N N 267 
PRO CB  CG   sing N N 268 
PRO CB  HB2  sing N N 269 
PRO CB  HB3  sing N N 270 
PRO CG  CD   sing N N 271 
PRO CG  HG2  sing N N 272 
PRO CG  HG3  sing N N 273 
PRO CD  HD2  sing N N 274 
PRO CD  HD3  sing N N 275 
PRO OXT HXT  sing N N 276 
SER N   CA   sing N N 277 
SER N   H    sing N N 278 
SER N   H2   sing N N 279 
SER CA  C    sing N N 280 
SER CA  CB   sing N N 281 
SER CA  HA   sing N N 282 
SER C   O    doub N N 283 
SER C   OXT  sing N N 284 
SER CB  OG   sing N N 285 
SER CB  HB2  sing N N 286 
SER CB  HB3  sing N N 287 
SER OG  HG   sing N N 288 
SER OXT HXT  sing N N 289 
SO4 S   O1   doub N N 290 
SO4 S   O2   doub N N 291 
SO4 S   O3   sing N N 292 
SO4 S   O4   sing N N 293 
THR N   CA   sing N N 294 
THR N   H    sing N N 295 
THR N   H2   sing N N 296 
THR CA  C    sing N N 297 
THR CA  CB   sing N N 298 
THR CA  HA   sing N N 299 
THR C   O    doub N N 300 
THR C   OXT  sing N N 301 
THR CB  OG1  sing N N 302 
THR CB  CG2  sing N N 303 
THR CB  HB   sing N N 304 
THR OG1 HG1  sing N N 305 
THR CG2 HG21 sing N N 306 
THR CG2 HG22 sing N N 307 
THR CG2 HG23 sing N N 308 
THR OXT HXT  sing N N 309 
TRP N   CA   sing N N 310 
TRP N   H    sing N N 311 
TRP N   H2   sing N N 312 
TRP CA  C    sing N N 313 
TRP CA  CB   sing N N 314 
TRP CA  HA   sing N N 315 
TRP C   O    doub N N 316 
TRP C   OXT  sing N N 317 
TRP CB  CG   sing N N 318 
TRP CB  HB2  sing N N 319 
TRP CB  HB3  sing N N 320 
TRP CG  CD1  doub Y N 321 
TRP CG  CD2  sing Y N 322 
TRP CD1 NE1  sing Y N 323 
TRP CD1 HD1  sing N N 324 
TRP CD2 CE2  doub Y N 325 
TRP CD2 CE3  sing Y N 326 
TRP NE1 CE2  sing Y N 327 
TRP NE1 HE1  sing N N 328 
TRP CE2 CZ2  sing Y N 329 
TRP CE3 CZ3  doub Y N 330 
TRP CE3 HE3  sing N N 331 
TRP CZ2 CH2  doub Y N 332 
TRP CZ2 HZ2  sing N N 333 
TRP CZ3 CH2  sing Y N 334 
TRP CZ3 HZ3  sing N N 335 
TRP CH2 HH2  sing N N 336 
TRP OXT HXT  sing N N 337 
TYR N   CA   sing N N 338 
TYR N   H    sing N N 339 
TYR N   H2   sing N N 340 
TYR CA  C    sing N N 341 
TYR CA  CB   sing N N 342 
TYR CA  HA   sing N N 343 
TYR C   O    doub N N 344 
TYR C   OXT  sing N N 345 
TYR CB  CG   sing N N 346 
TYR CB  HB2  sing N N 347 
TYR CB  HB3  sing N N 348 
TYR CG  CD1  doub Y N 349 
TYR CG  CD2  sing Y N 350 
TYR CD1 CE1  sing Y N 351 
TYR CD1 HD1  sing N N 352 
TYR CD2 CE2  doub Y N 353 
TYR CD2 HD2  sing N N 354 
TYR CE1 CZ   doub Y N 355 
TYR CE1 HE1  sing N N 356 
TYR CE2 CZ   sing Y N 357 
TYR CE2 HE2  sing N N 358 
TYR CZ  OH   sing N N 359 
TYR OH  HH   sing N N 360 
TYR OXT HXT  sing N N 361 
VAL N   CA   sing N N 362 
VAL N   H    sing N N 363 
VAL N   H2   sing N N 364 
VAL CA  C    sing N N 365 
VAL CA  CB   sing N N 366 
VAL CA  HA   sing N N 367 
VAL C   O    doub N N 368 
VAL C   OXT  sing N N 369 
VAL CB  CG1  sing N N 370 
VAL CB  CG2  sing N N 371 
VAL CB  HB   sing N N 372 
VAL CG1 HG11 sing N N 373 
VAL CG1 HG12 sing N N 374 
VAL CG1 HG13 sing N N 375 
VAL CG2 HG21 sing N N 376 
VAL CG2 HG22 sing N N 377 
VAL CG2 HG23 sing N N 378 
VAL OXT HXT  sing N N 379 
# 
_pdbx_audit_support.funding_organization   'Medical Research Council (MRC, United Kingdom)' 
_pdbx_audit_support.country                'United Kingdom' 
_pdbx_audit_support.grant_number           U105192713 
_pdbx_audit_support.ordinal                1 
# 
_atom_sites.entry_id                    6RSN 
_atom_sites.Cartn_transf_matrix[1][1]   ? 
_atom_sites.Cartn_transf_matrix[1][2]   ? 
_atom_sites.Cartn_transf_matrix[1][3]   ? 
_atom_sites.Cartn_transf_matrix[2][1]   ? 
_atom_sites.Cartn_transf_matrix[2][2]   ? 
_atom_sites.Cartn_transf_matrix[2][3]   ? 
_atom_sites.Cartn_transf_matrix[3][1]   ? 
_atom_sites.Cartn_transf_matrix[3][2]   ? 
_atom_sites.Cartn_transf_matrix[3][3]   ? 
_atom_sites.Cartn_transf_vector[1]      ? 
_atom_sites.Cartn_transf_vector[2]      ? 
_atom_sites.Cartn_transf_vector[3]      ? 
_atom_sites.fract_transf_matrix[1][1]   0.00248271 
_atom_sites.fract_transf_matrix[1][2]   0.02409338 
_atom_sites.fract_transf_matrix[1][3]   0.00058191 
_atom_sites.fract_transf_matrix[2][1]   0.00001221 
_atom_sites.fract_transf_matrix[2][2]   0.01166759 
_atom_sites.fract_transf_matrix[2][3]   0.02123354 
_atom_sites.fract_transf_matrix[3][1]   0.01460915 
_atom_sites.fract_transf_matrix[3][2]   -0.00152545 
_atom_sites.fract_transf_matrix[3][3]   0.00082981 
_atom_sites.fract_transf_vector[1]      0.638486 
_atom_sites.fract_transf_vector[2]      0.530232 
_atom_sites.fract_transf_vector[3]      0.267367 
_atom_sites.solution_primary            ? 
_atom_sites.solution_secondary          ? 
_atom_sites.solution_hydrogens          ? 
_atom_sites.special_details             ? 
# 
loop_
_atom_type.symbol 
C  
N  
O  
S  
SE 
# 
loop_
_atom_site.group_PDB 
_atom_site.id 
_atom_site.type_symbol 
_atom_site.label_atom_id 
_atom_site.label_alt_id 
_atom_site.label_comp_id 
_atom_site.label_asym_id 
_atom_site.label_entity_id 
_atom_site.label_seq_id 
_atom_site.pdbx_PDB_ins_code 
_atom_site.Cartn_x 
_atom_site.Cartn_y 
_atom_site.Cartn_z 
_atom_site.occupancy 
_atom_site.B_iso_or_equiv 
_atom_site.pdbx_formal_charge 
_atom_site.auth_seq_id 
_atom_site.auth_comp_id 
_atom_site.auth_asym_id 
_atom_site.auth_atom_id 
_atom_site.pdbx_PDB_model_num 
ATOM   1   N  N   . ARG A 1 4  ? -5.621  -16.693 -4.062  1.00 62.22  ? 18  ARG A N   1 
ATOM   2   C  CA  . ARG A 1 4  ? -4.662  -16.544 -2.955  1.00 59.65  ? 18  ARG A CA  1 
ATOM   3   C  C   . ARG A 1 4  ? -4.801  -15.144 -2.356  1.00 55.16  ? 18  ARG A C   1 
ATOM   4   O  O   . ARG A 1 4  ? -5.282  -14.215 -3.007  1.00 56.81  ? 18  ARG A O   1 
ATOM   5   C  CB  . ARG A 1 4  ? -3.226  -16.680 -3.452  1.00 64.24  ? 18  ARG A CB  1 
ATOM   6   C  CG  . ARG A 1 4  ? -2.321  -17.383 -2.450  1.00 71.56  ? 18  ARG A CG  1 
ATOM   7   C  CD  . ARG A 1 4  ? -1.033  -17.825 -3.118  1.00 77.47  ? 18  ARG A CD  1 
ATOM   8   N  NE  . ARG A 1 4  ? -0.124  -16.684 -3.146  1.00 80.03  ? 18  ARG A NE  1 
ATOM   9   C  CZ  . ARG A 1 4  ? 0.209   -15.986 -4.229  1.00 79.90  ? 18  ARG A CZ  1 
ATOM   10  N  NH1 . ARG A 1 4  ? -0.295  -16.315 -5.410  1.00 81.95  ? 18  ARG A NH1 1 
ATOM   11  N  NH2 . ARG A 1 4  ? 1.050   -14.969 -4.120  1.00 77.02  ? 18  ARG A NH2 1 
ATOM   12  N  N   . ILE A 1 5  ? -4.359  -15.019 -1.109  1.00 52.04  ? 19  ILE A N   1 
ATOM   13  C  CA  . ILE A 1 5  ? -4.429  -13.745 -0.406  1.00 48.11  ? 19  ILE A CA  1 
ATOM   14  C  C   . ILE A 1 5  ? -3.037  -13.448 0.145   1.00 44.04  ? 19  ILE A C   1 
ATOM   15  O  O   . ILE A 1 5  ? -2.249  -14.334 0.487   1.00 47.99  ? 19  ILE A O   1 
ATOM   16  C  CB  . ILE A 1 5  ? -5.526  -13.728 0.694   1.00 52.96  ? 19  ILE A CB  1 
ATOM   17  C  CG1 . ILE A 1 5  ? -5.167  -14.639 1.870   1.00 55.49  ? 19  ILE A CG1 1 
ATOM   18  C  CG2 . ILE A 1 5  ? -6.913  -14.056 0.143   1.00 55.06  ? 19  ILE A CG2 1 
ATOM   19  C  CD1 . ILE A 1 5  ? -4.535  -13.899 3.019   1.00 58.76  ? 19  ILE A CD1 1 
ATOM   20  N  N   . VAL A 1 6  ? -2.685  -12.180 0.103   1.00 39.79  ? 20  VAL A N   1 
ATOM   21  C  CA  . VAL A 1 6  ? -1.397  -11.786 0.627   1.00 39.66  ? 20  VAL A CA  1 
ATOM   22  C  C   . VAL A 1 6  ? -1.577  -10.784 1.757   1.00 36.96  ? 20  VAL A C   1 
ATOM   23  O  O   . VAL A 1 6  ? -2.510  -9.963  1.753   1.00 33.60  ? 20  VAL A O   1 
ATOM   24  C  CB  . VAL A 1 6  ? -0.417  -11.278 -0.445  1.00 42.28  ? 20  VAL A CB  1 
ATOM   25  C  CG1 . VAL A 1 6  ? -0.143  -12.322 -1.520  1.00 43.53  ? 20  VAL A CG1 1 
ATOM   26  C  CG2 . VAL A 1 6  ? -0.824  -9.963  -1.061  1.00 38.95  ? 20  VAL A CG2 1 
ATOM   27  N  N   . PRO A 1 7  ? -0.649  -10.842 2.729   1.00 37.69  ? 21  PRO A N   1 
ATOM   28  C  CA  . PRO A 1 7  ? -0.653  -9.895  3.845   1.00 36.78  ? 21  PRO A CA  1 
ATOM   29  C  C   . PRO A 1 7  ? -0.107  -8.533  3.421   1.00 34.65  ? 21  PRO A C   1 
ATOM   30  O  O   . PRO A 1 7  ? 0.929   -8.457  2.788   1.00 33.11  ? 21  PRO A O   1 
ATOM   31  C  CB  . PRO A 1 7  ? 0.297   -10.583 4.845   1.00 40.17  ? 21  PRO A CB  1 
ATOM   32  C  CG  . PRO A 1 7  ? 1.272   -11.449 3.973   1.00 42.26  ? 21  PRO A CG  1 
ATOM   33  C  CD  . PRO A 1 7  ? 0.439   -11.860 2.778   1.00 41.43  ? 21  PRO A CD  1 
ATOM   34  N  N   . VAL A 1 8  ? -0.805  -7.448  3.776   1.00 29.68  ? 22  VAL A N   1 
ATOM   35  C  CA  . VAL A 1 8  ? -0.309  -6.102  3.471   1.00 27.89  ? 22  VAL A CA  1 
ATOM   36  C  C   . VAL A 1 8  ? -0.323  -5.271  4.736   1.00 26.67  ? 22  VAL A C   1 
ATOM   37  O  O   . VAL A 1 8  ? -1.354  -5.211  5.414   1.00 28.20  ? 22  VAL A O   1 
ATOM   38  C  CB  . VAL A 1 8  ? -1.139  -5.453  2.351   1.00 26.76  ? 22  VAL A CB  1 
ATOM   39  C  CG1 . VAL A 1 8  ? -0.668  -4.027  2.062   1.00 24.77  ? 22  VAL A CG1 1 
ATOM   40  C  CG2 . VAL A 1 8  ? -1.089  -6.296  1.064   1.00 29.16  ? 22  VAL A CG2 1 
ATOM   41  N  N   . VAL A 1 9  ? 0.786   -4.580  5.045   1.00 25.63  ? 23  VAL A N   1 
ATOM   42  C  CA  . VAL A 1 9  ? 0.808   -3.611  6.139   1.00 24.57  ? 23  VAL A CA  1 
ATOM   43  C  C   . VAL A 1 9  ? 0.827   -2.228  5.493   1.00 22.76  ? 23  VAL A C   1 
ATOM   44  O  O   . VAL A 1 9  ? 1.570   -2.030  4.542   1.00 22.62  ? 23  VAL A O   1 
ATOM   45  C  CB  . VAL A 1 9  ? 2.019   -3.800  7.084   1.00 27.53  ? 23  VAL A CB  1 
ATOM   46  C  CG1 . VAL A 1 9  ? 2.230   -2.617  8.041   1.00 26.88  ? 23  VAL A CG1 1 
ATOM   47  C  CG2 . VAL A 1 9  ? 1.899   -5.087  7.920   1.00 28.18  ? 23  VAL A CG2 1 
ATOM   48  N  N   . TYR A 1 10 ? -0.005  -1.303  6.003   1.00 21.83  ? 24  TYR A N   1 
ATOM   49  C  CA  . TYR A 1 10 ? 0.088   0.066   5.473   1.00 22.37  ? 24  TYR A CA  1 
ATOM   50  C  C   . TYR A 1 10 ? 0.111   1.096   6.600   1.00 22.05  ? 24  TYR A C   1 
ATOM   51  O  O   . TYR A 1 10 ? -0.556  0.966   7.650   1.00 22.01  ? 24  TYR A O   1 
ATOM   52  C  CB  . TYR A 1 10 ? -1.012  0.373   4.429   1.00 21.49  ? 24  TYR A CB  1 
ATOM   53  C  CG  . TYR A 1 10 ? -2.439  0.409   4.941   1.00 21.06  ? 24  TYR A CG  1 
ATOM   54  C  CD1 . TYR A 1 10 ? -3.212  -0.739  4.983   1.00 21.00  ? 24  TYR A CD1 1 
ATOM   55  C  CD2 . TYR A 1 10 ? -2.997  1.583   5.429   1.00 21.08  ? 24  TYR A CD2 1 
ATOM   56  C  CE1 . TYR A 1 10 ? -4.525  -0.715  5.454   1.00 23.51  ? 24  TYR A CE1 1 
ATOM   57  C  CE2 . TYR A 1 10 ? -4.311  1.634   5.894   1.00 23.48  ? 24  TYR A CE2 1 
ATOM   58  C  CZ  . TYR A 1 10 ? -5.060  0.470   5.950   1.00 22.82  ? 24  TYR A CZ  1 
ATOM   59  O  OH  . TYR A 1 10 ? -6.351  0.524   6.422   1.00 25.10  ? 24  TYR A OH  1 
ATOM   60  N  N   . TYR A 1 11 ? 0.858   2.194   6.371   1.00 23.11  ? 25  TYR A N   1 
ATOM   61  C  CA  . TYR A 1 11 ? 0.954   3.327   7.280   1.00 23.83  ? 25  TYR A CA  1 
ATOM   62  C  C   . TYR A 1 11 ? 0.219   4.507   6.649   1.00 23.10  ? 25  TYR A C   1 
ATOM   63  O  O   . TYR A 1 11 ? 0.318   4.715   5.436   1.00 25.79  ? 25  TYR A O   1 
ATOM   64  C  CB  . TYR A 1 11 ? 2.414   3.780   7.393   1.00 23.58  ? 25  TYR A CB  1 
ATOM   65  C  CG  . TYR A 1 11 ? 3.274   2.802   8.150   1.00 25.72  ? 25  TYR A CG  1 
ATOM   66  C  CD1 . TYR A 1 11 ? 3.817   1.709   7.489   1.00 25.65  ? 25  TYR A CD1 1 
ATOM   67  C  CD2 . TYR A 1 11 ? 3.529   2.983   9.502   1.00 26.27  ? 25  TYR A CD2 1 
ATOM   68  C  CE1 . TYR A 1 11 ? 4.636   0.837   8.186   1.00 28.93  ? 25  TYR A CE1 1 
ATOM   69  C  CE2 . TYR A 1 11 ? 4.331   2.088   10.220  1.00 30.43  ? 25  TYR A CE2 1 
ATOM   70  C  CZ  . TYR A 1 11 ? 4.876   1.020   9.536   1.00 29.58  ? 25  TYR A CZ  1 
ATOM   71  O  OH  . TYR A 1 11 ? 5.669   0.077   10.152  1.00 33.12  ? 25  TYR A OH  1 
ATOM   72  N  N   . LEU A 1 12 ? -0.672  5.148   7.401   1.00 21.67  ? 26  LEU A N   1 
ATOM   73  C  CA  . LEU A 1 12 ? -1.251  6.375   6.833   1.00 22.05  ? 26  LEU A CA  1 
ATOM   74  C  C   . LEU A 1 12 ? -0.538  7.561   7.453   1.00 26.00  ? 26  LEU A C   1 
ATOM   75  O  O   . LEU A 1 12 ? -0.290  7.577   8.662   1.00 25.90  ? 26  LEU A O   1 
ATOM   76  C  CB  . LEU A 1 12 ? -2.731  6.508   7.222   1.00 23.33  ? 26  LEU A CB  1 
ATOM   77  C  CG  . LEU A 1 12 ? -3.588  5.387   6.674   1.00 22.47  ? 26  LEU A CG  1 
ATOM   78  C  CD1 . LEU A 1 12 ? -5.060  5.628   7.076   1.00 25.25  ? 26  LEU A CD1 1 
ATOM   79  C  CD2 . LEU A 1 12 ? -3.438  5.323   5.132   1.00 23.39  ? 26  LEU A CD2 1 
ATOM   80  N  N   . SER A 1 13 ? -0.264  8.568   6.624   1.00 23.07  ? 27  SER A N   1 
ATOM   81  C  CA  . SER A 1 13 ? 0.511   9.704   7.083   1.00 27.80  ? 27  SER A CA  1 
ATOM   82  C  C   . SER A 1 13 ? -0.354  10.914  6.853   1.00 31.21  ? 27  SER A C   1 
ATOM   83  O  O   . SER A 1 13 ? -0.765  11.148  5.723   1.00 29.29  ? 27  SER A O   1 
ATOM   84  C  CB  . SER A 1 13 ? 1.805   9.784   6.257   1.00 29.70  ? 27  SER A CB  1 
ATOM   85  O  OG  . SER A 1 13 ? 2.510   10.977  6.596   1.00 35.20  ? 27  SER A OG  1 
ATOM   86  N  N   . ARG A 1 14 ? -0.649  11.674  7.915   1.00 34.69  ? 28  ARG A N   1 
ATOM   87  C  CA  . ARG A 1 14 ? -1.440  12.870  7.717   1.00 47.84  ? 28  ARG A CA  1 
ATOM   88  C  C   . ARG A 1 14 ? -0.538  14.092  7.904   1.00 59.78  ? 28  ARG A C   1 
ATOM   89  O  O   . ARG A 1 14 ? 0.025   14.622  6.940   1.00 61.81  ? 28  ARG A O   1 
ATOM   90  C  CB  . ARG A 1 14 ? -2.657  12.800  8.638   1.00 50.66  ? 28  ARG A CB  1 
ATOM   91  C  CG  . ARG A 1 14 ? -3.580  11.633  8.329   1.00 51.80  ? 28  ARG A CG  1 
ATOM   92  C  CD  . ARG A 1 14 ? -4.646  11.693  9.408   1.00 65.04  ? 28  ARG A CD  1 
ATOM   93  N  NE  . ARG A 1 14 ? -5.778  10.781  9.287   1.00 70.36  ? 28  ARG A NE  1 
ATOM   94  C  CZ  . ARG A 1 14 ? -5.774  9.485   9.621   1.00 74.43  ? 28  ARG A CZ  1 
ATOM   95  N  NH1 . ARG A 1 14 ? -4.673  8.897   10.068  1.00 74.87  ? 28  ARG A NH1 1 
ATOM   96  N  NH2 . ARG A 1 14 ? -6.879  8.771   9.485   1.00 74.07  ? 28  ARG A NH2 1 
ATOM   97  N  N   . ASN A 1 15 ? -0.378  14.496  9.166   1.00 70.25  ? 29  ASN A N   1 
ATOM   98  C  CA  . ASN A 1 15 ? 0.570   15.529  9.556   1.00 78.51  ? 29  ASN A CA  1 
ATOM   99  C  C   . ASN A 1 15 ? 1.970   14.920  9.598   1.00 88.52  ? 29  ASN A C   1 
ATOM   100 O  O   . ASN A 1 15 ? 2.970   15.617  9.429   1.00 90.71  ? 29  ASN A O   1 
ATOM   101 C  CB  . ASN A 1 15 ? 0.190   16.114  10.917  1.00 76.93  ? 29  ASN A CB  1 
ATOM   102 C  CG  . ASN A 1 15 ? -1.285  16.439  10.974  1.00 77.26  ? 29  ASN A CG  1 
ATOM   103 O  OD1 . ASN A 1 15 ? -1.754  17.289  10.225  1.00 86.61  ? 29  ASN A OD1 1 
ATOM   104 N  ND2 . ASN A 1 15 ? -2.030  15.757  11.828  1.00 74.95  ? 29  ASN A ND2 1 
ATOM   105 N  N   . GLY A 1 16 ? 2.019   13.604  9.834   1.00 90.92  ? 30  GLY A N   1 
ATOM   106 C  CA  . GLY A 1 16 ? 3.271   12.889  9.991   1.00 89.04  ? 30  GLY A CA  1 
ATOM   107 C  C   . GLY A 1 16 ? 3.049   11.604  10.777  1.00 92.49  ? 30  GLY A C   1 
ATOM   108 O  O   . GLY A 1 16 ? 3.737   11.358  11.764  1.00 102.55 ? 30  GLY A O   1 
ATOM   109 N  N   . ARG A 1 17 ? 2.036   10.840  10.351  1.00 86.50  ? 31  ARG A N   1 
ATOM   110 C  CA  . ARG A 1 17 ? 1.889   9.428   10.673  1.00 85.07  ? 31  ARG A CA  1 
ATOM   111 C  C   . ARG A 1 17 ? 1.572   9.213   12.149  1.00 80.12  ? 31  ARG A C   1 
ATOM   112 O  O   . ARG A 1 17 ? 2.109   8.284   12.753  1.00 76.54  ? 31  ARG A O   1 
ATOM   113 C  CB  . ARG A 1 17 ? 3.143   8.645   10.265  1.00 86.10  ? 31  ARG A CB  1 
ATOM   114 C  CG  . ARG A 1 17 ? 2.952   7.792   9.015   1.00 85.65  ? 31  ARG A CG  1 
ATOM   115 C  CD  . ARG A 1 17 ? 4.087   6.742   9.150   1.00 87.34  ? 31  ARG A CD  1 
ATOM   116 N  NE  . ARG A 1 17 ? 5.123   7.002   8.133   1.00 90.52  ? 31  ARG A NE  1 
ATOM   117 C  CZ  . ARG A 1 17 ? 6.215   6.234   7.941   1.00 92.96  ? 31  ARG A CZ  1 
ATOM   118 N  NH1 . ARG A 1 17 ? 6.410   5.132   8.658   1.00 92.01  ? 31  ARG A NH1 1 
ATOM   119 N  NH2 . ARG A 1 17 ? 7.122   6.594   7.052   1.00 96.14  ? 31  ARG A NH2 1 
ATOM   120 N  N   . LEU A 1 18 ? 0.655   10.036  12.691  1.00 73.96  ? 32  LEU A N   1 
ATOM   121 C  CA  . LEU A 1 18 ? 0.331   10.047  14.120  1.00 70.07  ? 32  LEU A CA  1 
ATOM   122 C  C   . LEU A 1 18 ? -0.218  8.694   14.607  1.00 61.93  ? 32  LEU A C   1 
ATOM   123 O  O   . LEU A 1 18 ? -0.788  8.659   15.696  1.00 65.91  ? 32  LEU A O   1 
ATOM   124 C  CB  . LEU A 1 18 ? -0.706  11.141  14.440  1.00 66.02  ? 32  LEU A CB  1 
ATOM   125 C  CG  . LEU A 1 18 ? -0.444  12.581  13.999  1.00 66.07  ? 32  LEU A CG  1 
ATOM   126 C  CD1 . LEU A 1 18 ? -1.285  12.916  12.779  1.00 62.20  ? 32  LEU A CD1 1 
ATOM   127 C  CD2 . LEU A 1 18 ? -0.804  13.542  15.126  1.00 67.38  ? 32  LEU A CD2 1 
ATOM   128 N  N   . ASP A 1 19 ? -0.069  7.591   13.837  1.00 53.86  ? 33  ASP A N   1 
ATOM   129 C  CA  . ASP A 1 19 ? -0.783  6.348   14.140  1.00 45.82  ? 33  ASP A CA  1 
ATOM   130 C  C   . ASP A 1 19 ? -0.014  5.082   13.710  1.00 39.86  ? 33  ASP A C   1 
ATOM   131 O  O   . ASP A 1 19 ? 0.839   5.081   12.812  1.00 38.98  ? 33  ASP A O   1 
ATOM   132 C  CB  . ASP A 1 19 ? -2.236  6.389   13.632  1.00 44.59  ? 33  ASP A CB  1 
ATOM   133 C  CG  . ASP A 1 19 ? -3.096  5.185   14.024  1.00 44.92  ? 33  ASP A CG  1 
ATOM   134 O  OD1 . ASP A 1 19 ? -2.982  4.719   15.203  1.00 40.77  ? 33  ASP A OD1 1 
ATOM   135 O  OD2 . ASP A 1 19 ? -3.867  4.692   13.135  1.00 41.09  ? 33  ASP A OD2 1 
ATOM   136 N  N   . HIS A 1 20 ? -0.343  3.980   14.395  1.00 35.51  ? 34  HIS A N   1 
ATOM   137 C  CA  . HIS A 1 20 ? 0.205   2.676   14.096  1.00 32.11  ? 34  HIS A CA  1 
ATOM   138 C  C   . HIS A 1 20 ? -0.257  2.306   12.698  1.00 26.71  ? 34  HIS A C   1 
ATOM   139 O  O   . HIS A 1 20 ? -1.289  2.815   12.184  1.00 26.91  ? 34  HIS A O   1 
ATOM   140 C  CB  . HIS A 1 20 ? -0.410  1.616   15.037  1.00 32.48  ? 34  HIS A CB  1 
ATOM   141 C  CG  . HIS A 1 20 ? -0.285  1.913   16.481  1.00 35.91  ? 34  HIS A CG  1 
ATOM   142 N  ND1 . HIS A 1 20 ? 0.947   2.139   17.080  1.00 37.72  ? 34  HIS A ND1 1 
ATOM   143 C  CD2 . HIS A 1 20 ? -1.235  1.985   17.449  1.00 37.22  ? 34  HIS A CD2 1 
ATOM   144 C  CE1 . HIS A 1 20 ? 0.754   2.313   18.377  1.00 38.93  ? 34  HIS A CE1 1 
ATOM   145 N  NE2 . HIS A 1 20 ? -0.578  2.227   18.618  1.00 40.16  ? 34  HIS A NE2 1 
ATOM   146 N  N   . PRO A 1 21 ? 0.517   1.440   12.041  1.00 25.14  ? 35  PRO A N   1 
ATOM   147 C  CA  . PRO A 1 21 ? 0.113   0.853   10.796  1.00 24.65  ? 35  PRO A CA  1 
ATOM   148 C  C   . PRO A 1 21 ? -1.067  -0.085  11.006  1.00 23.80  ? 35  PRO A C   1 
ATOM   149 O  O   . PRO A 1 21 ? -1.483  -0.337  12.131  1.00 24.68  ? 35  PRO A O   1 
ATOM   150 C  CB  . PRO A 1 21 ? 1.348   0.088   10.324  1.00 26.62  ? 35  PRO A CB  1 
ATOM   151 C  CG  . PRO A 1 21 ? 2.016   -0.327  11.628  1.00 27.85  ? 35  PRO A CG  1 
ATOM   152 C  CD  . PRO A 1 21 ? 1.795   0.870   12.535  1.00 29.03  ? 35  PRO A CD  1 
ATOM   153 N  N   . HIS A 1 22 ? -1.636  -0.435  9.857   1.00 24.50  ? 36  HIS A N   1 
ATOM   154 C  CA  . HIS A 1 22 ? -2.746  -1.352  9.739   1.00 23.88  ? 36  HIS A CA  1 
ATOM   155 C  C   . HIS A 1 22 ? -2.269  -2.604  9.032   1.00 23.80  ? 36  HIS A C   1 
ATOM   156 O  O   . HIS A 1 22 ? -1.388  -2.535  8.175   1.00 24.96  ? 36  HIS A O   1 
ATOM   157 C  CB  . HIS A 1 22 ? -3.856  -0.698  8.899   1.00 24.35  ? 36  HIS A CB  1 
ATOM   158 C  CG  . HIS A 1 22 ? -4.674  0.254   9.701   1.00 27.92  ? 36  HIS A CG  1 
ATOM   159 N  ND1 . HIS A 1 22 ? -4.272  1.571   9.931   1.00 35.85  ? 36  HIS A ND1 1 
ATOM   160 C  CD2 . HIS A 1 22 ? -5.819  0.070   10.385  1.00 29.75  ? 36  HIS A CD2 1 
ATOM   161 C  CE1 . HIS A 1 22 ? -5.187  2.156   10.699  1.00 33.32  ? 36  HIS A CE1 1 
ATOM   162 N  NE2 . HIS A 1 22 ? -6.107  1.271   11.014  1.00 37.08  ? 36  HIS A NE2 1 
ATOM   163 N  N   . PHE A 1 23 ? -2.882  -3.751  9.373   1.00 24.17  ? 37  PHE A N   1 
ATOM   164 C  CA  . PHE A 1 23 ? -2.665  -4.996  8.666   1.00 26.09  ? 37  PHE A CA  1 
ATOM   165 C  C   . PHE A 1 23 ? -3.952  -5.456  8.005   1.00 26.32  ? 37  PHE A C   1 
ATOM   166 O  O   . PHE A 1 23 ? -4.971  -5.509  8.703   1.00 26.87  ? 37  PHE A O   1 
ATOM   167 C  CB  . PHE A 1 23 ? -2.251  -6.115  9.643   1.00 28.56  ? 37  PHE A CB  1 
ATOM   168 C  CG  . PHE A 1 23 ? -2.146  -7.469  8.957   1.00 31.63  ? 37  PHE A CG  1 
ATOM   169 C  CD1 . PHE A 1 23 ? -3.246  -8.311  8.817   1.00 34.20  ? 37  PHE A CD1 1 
ATOM   170 C  CD2 . PHE A 1 23 ? -0.958  -7.877  8.374   1.00 35.40  ? 37  PHE A CD2 1 
ATOM   171 C  CE1 . PHE A 1 23 ? -3.133  -9.566  8.199   1.00 37.87  ? 37  PHE A CE1 1 
ATOM   172 C  CE2 . PHE A 1 23 ? -0.833  -9.128  7.758   1.00 40.12  ? 37  PHE A CE2 1 
ATOM   173 C  CZ  . PHE A 1 23 ? -1.922  -9.974  7.662   1.00 39.06  ? 37  PHE A CZ  1 
ATOM   174 N  N   . ILE A 1 24 ? -3.904  -5.778  6.694   1.00 25.29  ? 38  ILE A N   1 
ATOM   175 C  CA  . ILE A 1 24 ? -5.055  -6.364  6.012   1.00 26.38  ? 38  ILE A CA  1 
ATOM   176 C  C   . ILE A 1 24 ? -4.591  -7.556  5.182   1.00 26.97  ? 38  ILE A C   1 
ATOM   177 O  O   . ILE A 1 24 ? -3.423  -7.617  4.823   1.00 27.43  ? 38  ILE A O   1 
ATOM   178 C  CB  . ILE A 1 24 ? -5.759  -5.335  5.110   1.00 25.92  ? 38  ILE A CB  1 
ATOM   179 C  CG1 . ILE A 1 24 ? -4.806  -4.679  4.097   1.00 24.41  ? 38  ILE A CG1 1 
ATOM   180 C  CG2 . ILE A 1 24 ? -6.439  -4.249  5.958   1.00 26.63  ? 38  ILE A CG2 1 
ATOM   181 C  CD1 . ILE A 1 24 ? -5.504  -3.809  3.008   1.00 21.83  ? 38  ILE A CD1 1 
ATOM   182 N  N   . GLU A 1 25 ? -5.550  -8.420  4.814   1.00 28.40  ? 39  GLU A N   1 
ATOM   183 C  CA  . GLU A 1 25 ? -5.269  -9.464  3.837   1.00 31.03  ? 39  GLU A CA  1 
ATOM   184 C  C   . GLU A 1 25 ? -5.881  -9.077  2.503   1.00 30.31  ? 39  GLU A C   1 
ATOM   185 O  O   . GLU A 1 25 ? -7.025  -8.616  2.473   1.00 30.78  ? 39  GLU A O   1 
ATOM   186 C  CB  . GLU A 1 25 ? -5.823  -10.780 4.387   1.00 36.33  ? 39  GLU A CB  1 
ATOM   187 C  CG  . GLU A 1 25 ? -5.032  -11.217 5.606   1.00 40.32  ? 39  GLU A CG  1 
ATOM   188 C  CD  . GLU A 1 25 ? -5.402  -12.597 6.057   1.00 48.64  ? 39  GLU A CD  1 
ATOM   189 O  OE1 . GLU A 1 25 ? -6.598  -12.919 5.963   1.00 50.37  ? 39  GLU A OE1 1 
ATOM   190 O  OE2 . GLU A 1 25 ? -4.480  -13.343 6.450   1.00 54.05  ? 39  GLU A OE2 1 
ATOM   191 N  N   . VAL A 1 26 ? -5.092  -9.166  1.419   1.00 29.84  ? 40  VAL A N   1 
ATOM   192 C  CA  . VAL A 1 26 ? -5.546  -8.712  0.113   1.00 32.06  ? 40  VAL A CA  1 
ATOM   193 C  C   . VAL A 1 26 ? -5.710  -9.881  -0.861  1.00 34.82  ? 40  VAL A C   1 
ATOM   194 O  O   . VAL A 1 26 ? -4.731  -10.551 -1.178  1.00 37.84  ? 40  VAL A O   1 
ATOM   195 C  CB  . VAL A 1 26 ? -4.607  -7.637  -0.446  1.00 29.97  ? 40  VAL A CB  1 
ATOM   196 C  CG1 . VAL A 1 26 ? -5.013  -7.261  -1.870  1.00 32.25  ? 40  VAL A CG1 1 
ATOM   197 C  CG2 . VAL A 1 26 ? -4.652  -6.417  0.481   1.00 30.24  ? 40  VAL A CG2 1 
ATOM   198 N  N   . PRO A 1 27 ? -6.921  -10.111 -1.422  1.00 36.28  ? 41  PRO A N   1 
ATOM   199 C  CA  . PRO A 1 27 ? -7.072  -11.097 -2.503  1.00 40.39  ? 41  PRO A CA  1 
ATOM   200 C  C   . PRO A 1 27 ? -6.329  -10.674 -3.773  1.00 41.06  ? 41  PRO A C   1 
ATOM   201 O  O   . PRO A 1 27 ? -6.462  -9.529  -4.223  1.00 40.65  ? 41  PRO A O   1 
ATOM   202 C  CB  . PRO A 1 27 ? -8.597  -11.228 -2.714  1.00 40.15  ? 41  PRO A CB  1 
ATOM   203 C  CG  . PRO A 1 27 ? -9.197  -10.650 -1.432  1.00 36.92  ? 41  PRO A CG  1 
ATOM   204 C  CD  . PRO A 1 27 ? -8.223  -9.569  -0.972  1.00 36.37  ? 41  PRO A CD  1 
ATOM   205 N  N   . LEU A 1 28 ? -5.538  -11.605 -4.316  1.00 47.73  ? 42  LEU A N   1 
ATOM   206 C  CA  . LEU A 1 28 ? -4.760  -11.460 -5.544  1.00 50.74  ? 42  LEU A CA  1 
ATOM   207 C  C   . LEU A 1 28 ? -5.629  -11.699 -6.777  1.00 53.95  ? 42  LEU A C   1 
ATOM   208 O  O   . LEU A 1 28 ? -6.492  -12.579 -6.797  1.00 59.11  ? 42  LEU A O   1 
ATOM   209 C  CB  . LEU A 1 28 ? -3.637  -12.495 -5.538  1.00 53.93  ? 42  LEU A CB  1 
ATOM   210 C  CG  . LEU A 1 28 ? -2.344  -12.045 -4.875  1.00 55.45  ? 42  LEU A CG  1 
ATOM   211 C  CD1 . LEU A 1 28 ? -1.159  -12.846 -5.386  1.00 60.70  ? 42  LEU A CD1 1 
ATOM   212 C  CD2 . LEU A 1 28 ? -2.129  -10.563 -5.097  1.00 53.28  ? 42  LEU A CD2 1 
ATOM   213 N  N   . SER A 1 29 ? -5.377  -10.898 -7.812  1.00 53.35  ? 43  SER A N   1 
ATOM   214 C  CA  . SER A 1 29 ? -6.021  -11.039 -9.103  1.00 55.73  ? 43  SER A CA  1 
ATOM   215 C  C   . SER A 1 29 ? -5.158  -11.930 -10.003 1.00 59.16  ? 43  SER A C   1 
ATOM   216 O  O   . SER A 1 29 ? -5.697  -12.767 -10.731 1.00 59.64  ? 43  SER A O   1 
ATOM   217 C  CB  . SER A 1 29 ? -6.299  -9.677  -9.719  1.00 54.87  ? 43  SER A CB  1 
ATOM   218 O  OG  . SER A 1 29 ? -5.146  -8.834  -9.669  1.00 59.50  ? 43  SER A OG  1 
ATOM   219 N  N   . SER A 1 30 ? -3.821  -11.762 -9.917  1.00 57.66  ? 44  SER A N   1 
ATOM   220 C  CA  . SER A 1 30 ? -2.859  -12.628 -10.598 1.00 59.29  ? 44  SER A CA  1 
ATOM   221 C  C   . SER A 1 30 ? -1.970  -13.350 -9.593  1.00 58.95  ? 44  SER A C   1 
ATOM   222 O  O   . SER A 1 30 ? -1.564  -12.791 -8.580  1.00 60.97  ? 44  SER A O   1 
ATOM   223 C  CB  . SER A 1 30 ? -1.973  -11.854 -11.538 1.00 60.88  ? 44  SER A CB  1 
ATOM   224 O  OG  . SER A 1 30 ? -0.749  -12.573 -11.717 1.00 64.54  ? 44  SER A OG  1 
ATOM   225 N  N   . HIS A 1 31 ? -1.540  -14.561 -9.945  1.00 64.89  ? 45  HIS A N   1 
ATOM   226 C  CA  . HIS A 1 31 ? -0.917  -15.374 -8.918  1.00 65.19  ? 45  HIS A CA  1 
ATOM   227 C  C   . HIS A 1 31 ? 0.602   -15.175 -8.851  1.00 64.41  ? 45  HIS A C   1 
ATOM   228 O  O   . HIS A 1 31 ? 1.283   -15.898 -8.131  1.00 68.61  ? 45  HIS A O   1 
ATOM   229 C  CB  . HIS A 1 31 ? -1.516  -16.798 -8.906  1.00 72.01  ? 45  HIS A CB  1 
ATOM   230 C  CG  . HIS A 1 31 ? -2.958  -16.797 -8.493  1.00 73.90  ? 45  HIS A CG  1 
ATOM   231 N  ND1 . HIS A 1 31 ? -3.611  -15.640 -8.050  1.00 70.22  ? 45  HIS A ND1 1 
ATOM   232 C  CD2 . HIS A 1 31 ? -3.867  -17.798 -8.411  1.00 75.47  ? 45  HIS A CD2 1 
ATOM   233 C  CE1 . HIS A 1 31 ? -4.863  -15.932 -7.744  1.00 69.97  ? 45  HIS A CE1 1 
ATOM   234 N  NE2 . HIS A 1 31 ? -5.044  -17.251 -7.959  1.00 73.52  ? 45  HIS A NE2 1 
ATOM   235 N  N   . ASN A 1 32 ? 1.148   -14.149 -9.517  1.00 56.15  ? 46  ASN A N   1 
ATOM   236 C  CA  . ASN A 1 32 ? 2.578   -13.949 -9.361  1.00 54.96  ? 46  ASN A CA  1 
ATOM   237 C  C   . ASN A 1 32 ? 2.916   -12.554 -8.874  1.00 52.12  ? 46  ASN A C   1 
ATOM   238 O  O   . ASN A 1 32 ? 4.097   -12.158 -8.974  1.00 49.27  ? 46  ASN A O   1 
ATOM   239 C  CB  . ASN A 1 32 ? 3.305   -13.951 -10.697 1.00 56.49  ? 46  ASN A CB  1 
ATOM   240 C  CG  . ASN A 1 32 ? 2.882   -15.139 -11.506 1.00 60.54  ? 46  ASN A CG  1 
ATOM   241 O  OD1 . ASN A 1 32 ? 2.410   -14.968 -12.621 1.00 65.79  ? 46  ASN A OD1 1 
ATOM   242 N  ND2 . ASN A 1 32 ? 2.989   -16.327 -10.910 1.00 59.76  ? 46  ASN A ND2 1 
ATOM   243 N  N   . GLY A 1 33 ? 1.880   -11.843 -8.385  1.00 48.01  ? 47  GLY A N   1 
ATOM   244 C  CA  . GLY A 1 33 ? 2.048   -10.421 -8.164  1.00 44.52  ? 47  GLY A CA  1 
ATOM   245 C  C   . GLY A 1 33 ? 0.795   -9.678  -7.697  1.00 40.54  ? 47  GLY A C   1 
ATOM   246 O  O   . GLY A 1 33 ? -0.327  -9.798  -8.202  1.00 41.68  ? 47  GLY A O   1 
ATOM   247 N  N   . LEU A 1 34 ? 1.084   -8.720  -6.833  1.00 38.24  ? 48  LEU A N   1 
ATOM   248 C  CA  . LEU A 1 34 ? 0.083   -7.807  -6.310  1.00 34.19  ? 48  LEU A CA  1 
ATOM   249 C  C   . LEU A 1 34 ? 0.162   -6.482  -7.063  1.00 32.13  ? 48  LEU A C   1 
ATOM   250 O  O   . LEU A 1 34 ? 1.277   -6.016  -7.340  1.00 34.88  ? 48  LEU A O   1 
ATOM   251 C  CB  . LEU A 1 34 ? 0.503   -7.587  -4.867  1.00 31.59  ? 48  LEU A CB  1 
ATOM   252 C  CG  . LEU A 1 34 ? -0.329  -6.539  -4.110  1.00 30.70  ? 48  LEU A CG  1 
ATOM   253 C  CD1 . LEU A 1 34 ? -1.750  -6.992  -3.865  1.00 32.66  ? 48  LEU A CD1 1 
ATOM   254 C  CD2 . LEU A 1 34 ? 0.398   -6.177  -2.848  1.00 29.44  ? 48  LEU A CD2 1 
ATOM   255 N  N   . TYR A 1 35 ? -1.005  -5.918  -7.417  1.00 31.29  ? 49  TYR A N   1 
ATOM   256 C  CA  . TYR A 1 35 ? -1.074  -4.601  -8.048  1.00 30.18  ? 49  TYR A CA  1 
ATOM   257 C  C   . TYR A 1 35 ? -1.752  -3.627  -7.090  1.00 28.67  ? 49  TYR A C   1 
ATOM   258 O  O   . TYR A 1 35 ? -2.571  -4.041  -6.254  1.00 29.15  ? 49  TYR A O   1 
ATOM   259 C  CB  . TYR A 1 35 ? -1.874  -4.662  -9.351  1.00 32.14  ? 49  TYR A CB  1 
ATOM   260 C  CG  . TYR A 1 35 ? -1.147  -5.472  -10.409 1.00 34.64  ? 49  TYR A CG  1 
ATOM   261 C  CD1 . TYR A 1 35 ? -1.072  -6.848  -10.336 1.00 36.20  ? 49  TYR A CD1 1 
ATOM   262 C  CD2 . TYR A 1 35 ? -0.468  -4.837  -11.430 1.00 34.78  ? 49  TYR A CD2 1 
ATOM   263 C  CE1 . TYR A 1 35 ? -0.377  -7.593  -11.287 1.00 38.10  ? 49  TYR A CE1 1 
ATOM   264 C  CE2 . TYR A 1 35 ? 0.196   -5.566  -12.409 1.00 38.13  ? 49  TYR A CE2 1 
ATOM   265 C  CZ  . TYR A 1 35 ? 0.259   -6.936  -12.328 1.00 37.49  ? 49  TYR A CZ  1 
ATOM   266 O  OH  . TYR A 1 35 ? 0.954   -7.548  -13.341 1.00 40.00  ? 49  TYR A OH  1 
ATOM   267 N  N   . LEU A 1 36 ? -1.442  -2.345  -7.296  1.00 26.77  ? 50  LEU A N   1 
ATOM   268 C  CA  . LEU A 1 36 ? -2.029  -1.391  -6.359  1.00 27.42  ? 50  LEU A CA  1 
ATOM   269 C  C   . LEU A 1 36 ? -3.561  -1.482  -6.395  1.00 28.64  ? 50  LEU A C   1 
ATOM   270 O  O   . LEU A 1 36 ? -4.236  -1.378  -5.358  1.00 25.55  ? 50  LEU A O   1 
ATOM   271 C  CB  . LEU A 1 36 ? -1.512  0.043   -6.606  1.00 26.00  ? 50  LEU A CB  1 
ATOM   272 C  CG  . LEU A 1 36 ? -2.237  1.088   -5.735  1.00 25.36  ? 50  LEU A CG  1 
ATOM   273 C  CD1 . LEU A 1 36 ? -1.886  0.922   -4.229  1.00 24.90  ? 50  LEU A CD1 1 
ATOM   274 C  CD2 . LEU A 1 36 ? -1.815  2.540   -6.085  1.00 27.89  ? 50  LEU A CD2 1 
ATOM   275 N  N   . LYS A 1 37 ? -4.106  -1.714  -7.601  1.00 28.01  ? 51  LYS A N   1 
ATOM   276 C  CA  . LYS A 1 37 ? -5.545  -1.823  -7.737  1.00 28.45  ? 51  LYS A CA  1 
ATOM   277 C  C   . LYS A 1 37 ? -6.087  -2.955  -6.845  1.00 27.89  ? 51  LYS A C   1 
ATOM   278 O  O   . LYS A 1 37 ? -7.196  -2.832  -6.359  1.00 28.01  ? 51  LYS A O   1 
ATOM   279 C  CB  . LYS A 1 37 ? -5.956  -2.018  -9.206  1.00 31.96  ? 51  LYS A CB  1 
ATOM   280 C  CG  . LYS A 1 37 ? -5.436  -3.286  -9.832  1.00 40.25  ? 51  LYS A CG  1 
ATOM   281 C  CD  . LYS A 1 37 ? -5.807  -3.470  -11.321 1.00 45.29  ? 51  LYS A CD  1 
ATOM   282 C  CE  . LYS A 1 37 ? -5.865  -4.944  -11.664 1.00 52.86  ? 51  LYS A CE  1 
ATOM   283 N  NZ  . LYS A 1 37 ? -4.541  -5.524  -12.018 1.00 55.28  ? 51  LYS A NZ  1 
ATOM   284 N  N   . ASP A 1 38 ? -5.341  -4.055  -6.614  1.00 29.68  ? 52  ASP A N   1 
ATOM   285 C  CA  . ASP A 1 38 ? -5.814  -5.145  -5.747  1.00 30.93  ? 52  ASP A CA  1 
ATOM   286 C  C   . ASP A 1 38 ? -6.000  -4.643  -4.299  1.00 28.66  ? 52  ASP A C   1 
ATOM   287 O  O   . ASP A 1 38 ? -7.010  -4.956  -3.638  1.00 26.52  ? 52  ASP A O   1 
ATOM   288 C  CB  . ASP A 1 38 ? -4.867  -6.335  -5.751  1.00 33.40  ? 52  ASP A CB  1 
ATOM   289 C  CG  . ASP A 1 38 ? -4.730  -6.947  -7.141  1.00 37.34  ? 52  ASP A CG  1 
ATOM   290 O  OD1 . ASP A 1 38 ? -5.749  -7.064  -7.803  1.00 40.91  ? 52  ASP A OD1 1 
ATOM   291 O  OD2 . ASP A 1 38 ? -3.613  -7.288  -7.545  1.00 38.76  ? 52  ASP A OD2 1 
ATOM   292 N  N   . VAL A 1 39 ? -5.000  -3.875  -3.804  1.00 26.86  ? 53  VAL A N   1 
ATOM   293 C  CA  . VAL A 1 39 ? -4.991  -3.246  -2.479  1.00 25.07  ? 53  VAL A CA  1 
ATOM   294 C  C   . VAL A 1 39 ? -6.132  -2.252  -2.365  1.00 23.80  ? 53  VAL A C   1 
ATOM   295 O  O   . VAL A 1 39 ? -6.915  -2.297  -1.400  1.00 24.34  ? 53  VAL A O   1 
ATOM   296 C  CB  . VAL A 1 39 ? -3.658  -2.558  -2.177  1.00 25.60  ? 53  VAL A CB  1 
ATOM   297 C  CG1 . VAL A 1 39 ? -3.739  -1.850  -0.801  1.00 25.60  ? 53  VAL A CG1 1 
ATOM   298 C  CG2 . VAL A 1 39 ? -2.505  -3.573  -2.289  1.00 26.22  ? 53  VAL A CG2 1 
ATOM   299 N  N   . ILE A 1 40 ? -6.299  -1.416  -3.395  1.00 22.84  ? 54  ILE A N   1 
ATOM   300 C  CA  . ILE A 1 40 ? -7.351  -0.410  -3.361  1.00 24.22  ? 54  ILE A CA  1 
ATOM   301 C  C   . ILE A 1 40 ? -8.736  -1.076  -3.376  1.00 24.61  ? 54  ILE A C   1 
ATOM   302 O  O   . ILE A 1 40 ? -9.648  -0.683  -2.645  1.00 24.88  ? 54  ILE A O   1 
ATOM   303 C  CB  . ILE A 1 40 ? -7.193  0.577   -4.531  1.00 25.26  ? 54  ILE A CB  1 
ATOM   304 C  CG1 . ILE A 1 40 ? -5.848  1.316   -4.493  1.00 28.73  ? 54  ILE A CG1 1 
ATOM   305 C  CG2 . ILE A 1 40 ? -8.373  1.533   -4.562  1.00 28.09  ? 54  ILE A CG2 1 
ATOM   306 C  CD1 . ILE A 1 40 ? -5.570  2.058   -3.263  1.00 31.31  ? 54  ILE A CD1 1 
ATOM   307 N  N   . ASN A 1 41 ? -8.895  -2.137  -4.192  1.00 25.41  ? 55  ASN A N   1 
ATOM   308 C  CA  . ASN A 1 41 ? -10.170 -2.860  -4.150  1.00 26.87  ? 55  ASN A CA  1 
ATOM   309 C  C   . ASN A 1 41 ? -10.513 -3.403  -2.761  1.00 25.78  ? 55  ASN A C   1 
ATOM   310 O  O   . ASN A 1 41 ? -11.683 -3.372  -2.308  1.00 26.63  ? 55  ASN A O   1 
ATOM   311 C  CB  . ASN A 1 41 ? -10.172 -4.012  -5.166  1.00 32.14  ? 55  ASN A CB  1 
ATOM   312 C  CG  . ASN A 1 41 ? -10.255 -3.482  -6.578  1.00 36.79  ? 55  ASN A CG  1 
ATOM   313 O  OD1 . ASN A 1 41 ? -10.792 -2.396  -6.802  1.00 41.50  ? 55  ASN A OD1 1 
ATOM   314 N  ND2 . ASN A 1 41 ? -9.735  -4.221  -7.548  1.00 39.81  ? 55  ASN A ND2 1 
ATOM   315 N  N   . ARG A 1 42 ? -9.516  -3.926  -2.067  1.00 25.44  ? 56  ARG A N   1 
ATOM   316 C  CA  . ARG A 1 42 ? -9.739  -4.467  -0.735  1.00 24.05  ? 56  ARG A CA  1 
ATOM   317 C  C   . ARG A 1 42 ? -10.070 -3.331  0.227   1.00 22.76  ? 56  ARG A C   1 
ATOM   318 O  O   . ARG A 1 42 ? -10.943 -3.470  1.092   1.00 21.84  ? 56  ARG A O   1 
ATOM   319 C  CB  . ARG A 1 42 ? -8.494  -5.230  -0.265  1.00 26.87  ? 56  ARG A CB  1 
ATOM   320 C  CG  . ARG A 1 42 ? -8.555  -5.764  1.171   1.00 27.15  ? 56  ARG A CG  1 
ATOM   321 C  CD  . ARG A 1 42 ? -9.804  -6.630  1.225   1.00 30.47  ? 56  ARG A CD  1 
ATOM   322 N  NE  . ARG A 1 42 ? -9.716  -7.490  2.408   1.00 34.28  ? 56  ARG A NE  1 
ATOM   323 C  CZ  . ARG A 1 42 ? -10.731 -8.129  2.935   1.00 37.82  ? 56  ARG A CZ  1 
ATOM   324 N  NH1 . ARG A 1 42 ? -11.925 -8.054  2.376   1.00 38.25  ? 56  ARG A NH1 1 
ATOM   325 N  NH2 . ARG A 1 42 ? -10.554 -8.892  4.010   1.00 42.23  ? 56  ARG A NH2 1 
ATOM   326 N  N   . LEU A 1 43 ? -9.321  -2.216  0.133   1.00 21.48  ? 57  LEU A N   1 
ATOM   327 C  CA  . LEU A 1 43 ? -9.667  -1.097  1.027   1.00 19.86  ? 57  LEU A CA  1 
ATOM   328 C  C   . LEU A 1 43 ? -11.076 -0.574  0.743   1.00 20.43  ? 57  LEU A C   1 
ATOM   329 O  O   . LEU A 1 43 ? -11.794 -0.135  1.653   1.00 20.90  ? 57  LEU A O   1 
ATOM   330 C  CB  . LEU A 1 43 ? -8.644  0.044   0.856   1.00 21.01  ? 57  LEU A CB  1 
ATOM   331 C  CG  . LEU A 1 43 ? -7.297  -0.248  1.509   1.00 22.43  ? 57  LEU A CG  1 
ATOM   332 C  CD1 . LEU A 1 43 ? -6.271  0.805   1.088   1.00 23.02  ? 57  LEU A CD1 1 
ATOM   333 C  CD2 . LEU A 1 43 ? -7.412  -0.316  3.035   1.00 21.31  ? 57  LEU A CD2 1 
ATOM   334 N  N   . ASN A 1 44 ? -11.451 -0.480  -0.531  1.00 21.62  ? 58  ASN A N   1 
ATOM   335 C  CA  . ASN A 1 44 ? -12.806 -0.038  -0.862  1.00 22.99  ? 58  ASN A CA  1 
ATOM   336 C  C   . ASN A 1 44 ? -13.824 -0.925  -0.163  1.00 24.68  ? 58  ASN A C   1 
ATOM   337 O  O   . ASN A 1 44 ? -14.853 -0.417  0.328   1.00 23.30  ? 58  ASN A O   1 
ATOM   338 C  CB  . ASN A 1 44 ? -13.036 -0.092  -2.390  1.00 22.52  ? 58  ASN A CB  1 
ATOM   339 C  CG  . ASN A 1 44 ? -12.241 0.988   -3.112  1.00 23.46  ? 58  ASN A CG  1 
ATOM   340 O  OD1 . ASN A 1 44 ? -11.656 1.882   -2.537  1.00 23.52  ? 58  ASN A OD1 1 
ATOM   341 N  ND2 . ASN A 1 44 ? -12.220 0.931   -4.439  1.00 26.89  ? 58  ASN A ND2 1 
ATOM   342 N  N   . ASP A 1 45 ? -13.565 -2.253  -0.150  1.00 23.81  ? 59  ASP A N   1 
ATOM   343 C  CA  . ASP A 1 45 ? -14.518 -3.159  0.525   1.00 27.67  ? 59  ASP A CA  1 
ATOM   344 C  C   . ASP A 1 45 ? -14.555 -2.935  2.043   1.00 25.43  ? 59  ASP A C   1 
ATOM   345 O  O   . ASP A 1 45 ? -15.624 -2.880  2.679   1.00 26.94  ? 59  ASP A O   1 
ATOM   346 C  CB  . ASP A 1 45 ? -14.183 -4.612  0.176   1.00 30.25  ? 59  ASP A CB  1 
ATOM   347 C  CG  . ASP A 1 45 ? -14.578 -4.991  -1.245  1.00 38.83  ? 59  ASP A CG  1 
ATOM   348 O  OD1 . ASP A 1 45 ? -15.399 -4.252  -1.880  1.00 39.29  ? 59  ASP A OD1 1 
ATOM   349 O  OD2 . ASP A 1 45 ? -14.112 -6.053  -1.701  1.00 44.28  ? 59  ASP A OD2 1 
ATOM   350 N  N   . LEU A 1 46 ? -13.400 -2.801  2.658   1.00 22.78  ? 60  LEU A N   1 
ATOM   351 C  CA  . LEU A 1 46 ? -13.342 -2.680  4.098   1.00 22.52  ? 60  LEU A CA  1 
ATOM   352 C  C   . LEU A 1 46 ? -13.729 -1.304  4.638   1.00 21.28  ? 60  LEU A C   1 
ATOM   353 O  O   . LEU A 1 46 ? -14.435 -1.202  5.669   1.00 22.62  ? 60  LEU A O   1 
ATOM   354 C  CB  . LEU A 1 46 ? -11.934 -2.985  4.574   1.00 23.06  ? 60  LEU A CB  1 
ATOM   355 C  CG  . LEU A 1 46 ? -11.450 -4.389  4.292   1.00 26.48  ? 60  LEU A CG  1 
ATOM   356 C  CD1 . LEU A 1 46 ? -10.064 -4.487  4.906   1.00 26.86  ? 60  LEU A CD1 1 
ATOM   357 C  CD2 . LEU A 1 46 ? -12.383 -5.431  4.894   1.00 31.29  ? 60  LEU A CD2 1 
ATOM   358 N  N   . ARG A 1 47 ? -13.223 -0.267  3.973   1.00 20.15  ? 61  ARG A N   1 
ATOM   359 C  CA  . ARG A 1 47 ? -13.247 1.093   4.509   1.00 20.01  ? 61  ARG A CA  1 
ATOM   360 C  C   . ARG A 1 47 ? -14.164 2.034   3.713   1.00 18.56  ? 61  ARG A C   1 
ATOM   361 O  O   . ARG A 1 47 ? -14.274 3.177   4.157   1.00 20.72  ? 61  ARG A O   1 
ATOM   362 C  CB  . ARG A 1 47 ? -11.824 1.648   4.437   1.00 23.02  ? 61  ARG A CB  1 
ATOM   363 C  CG  . ARG A 1 47 ? -10.863 0.903   5.367   1.00 28.18  ? 61  ARG A CG  1 
ATOM   364 C  CD  . ARG A 1 47 ? -11.134 1.273   6.813   1.00 35.11  ? 61  ARG A CD  1 
ATOM   365 N  NE  . ARG A 1 47 ? -9.723  1.468   7.211   1.00 48.09  ? 61  ARG A NE  1 
ATOM   366 C  CZ  . ARG A 1 47 ? -9.040  2.591   7.535   1.00 44.22  ? 61  ARG A CZ  1 
ATOM   367 N  NH1 . ARG A 1 47 ? -9.619  3.774   7.622   1.00 42.18  ? 61  ARG A NH1 1 
ATOM   368 N  NH2 . ARG A 1 47 ? -7.743  2.493   7.833   1.00 39.13  ? 61  ARG A NH2 1 
ATOM   369 N  N   . GLY A 1 48 ? -14.727 1.586   2.601   1.00 20.40  ? 62  GLY A N   1 
ATOM   370 C  CA  . GLY A 1 48 ? -15.624 2.395   1.783   1.00 18.97  ? 62  GLY A CA  1 
ATOM   371 C  C   . GLY A 1 48 ? -14.833 2.986   0.610   1.00 19.35  ? 62  GLY A C   1 
ATOM   372 O  O   . GLY A 1 48 ? -13.625 3.233   0.712   1.00 19.66  ? 62  GLY A O   1 
ATOM   373 N  N   . ASN A 1 49 ? -15.570 3.267   -0.475  1.00 20.21  ? 63  ASN A N   1 
ATOM   374 C  CA  . ASN A 1 49 ? -14.888 3.828   -1.641  1.00 22.92  ? 63  ASN A CA  1 
ATOM   375 C  C   . ASN A 1 49 ? -14.241 5.181   -1.383  1.00 22.40  ? 63  ASN A C   1 
ATOM   376 O  O   . ASN A 1 49 ? -13.297 5.561   -2.087  1.00 23.71  ? 63  ASN A O   1 
ATOM   377 C  CB  . ASN A 1 49 ? -15.882 4.035   -2.789  1.00 27.91  ? 63  ASN A CB  1 
ATOM   378 C  CG  . ASN A 1 49 ? -16.225 2.717   -3.451  1.00 32.39  ? 63  ASN A CG  1 
ATOM   379 O  OD1 . ASN A 1 49 ? -17.387 2.371   -3.659  1.00 43.05  ? 63  ASN A OD1 1 
ATOM   380 N  ND2 . ASN A 1 49 ? -15.211 1.976   -3.808  1.00 32.15  ? 63  ASN A ND2 1 
ATOM   381 N  N   . GLY A 1 50 ? -14.742 5.881   -0.382  1.00 21.14  ? 64  GLY A N   1 
ATOM   382 C  CA  . GLY A 1 50 ? -14.197 7.202   -0.131  1.00 21.66  ? 64  GLY A CA  1 
ATOM   383 C  C   . GLY A 1 50 ? -12.899 7.268   0.672   1.00 21.81  ? 64  GLY A C   1 
ATOM   384 O  O   . GLY A 1 50 ? -12.438 8.387   0.961   1.00 22.74  ? 64  GLY A O   1 
HETATM 385 N  N   . MSE A 1 51 ? -12.295 6.113   1.033   1.00 18.94  ? 65  MSE A N   1 
HETATM 386 C  CA  . MSE A 1 51 ? -11.099 6.177   1.866   1.00 18.20  ? 65  MSE A CA  1 
HETATM 387 C  C   . MSE A 1 51 ? -9.844  6.226   0.979   1.00 18.73  ? 65  MSE A C   1 
HETATM 388 O  O   . MSE A 1 51 ? -8.990  7.145   1.144   1.00 20.05  ? 65  MSE A O   1 
HETATM 389 C  CB  . MSE A 1 51 ? -11.125 4.960   2.818   1.00 20.62  ? 65  MSE A CB  1 
HETATM 390 C  CG  . MSE A 1 51 ? -9.896  4.894   3.744   1.00 20.65  ? 65  MSE A CG  1 
HETATM 391 SE SE  . MSE A 1 51 ? -8.450  3.761   2.953   1.00 27.27  ? 65  MSE A SE  1 
HETATM 392 C  CE  . MSE A 1 51 ? -7.129  3.901   4.433   1.00 26.87  ? 65  MSE A CE  1 
ATOM   393 N  N   . ALA A 1 52 ? -9.599  5.207   0.115   1.00 18.24  ? 66  ALA A N   1 
ATOM   394 C  CA  . ALA A 1 52 ? -8.240  5.085   -0.442  1.00 18.20  ? 66  ALA A CA  1 
ATOM   395 C  C   . ALA A 1 52 ? -7.913  6.254   -1.373  1.00 20.48  ? 66  ALA A C   1 
ATOM   396 O  O   . ALA A 1 52 ? -6.754  6.601   -1.490  1.00 19.51  ? 66  ALA A O   1 
ATOM   397 C  CB  . ALA A 1 52 ? -8.069  3.788   -1.155  1.00 20.29  ? 66  ALA A CB  1 
ATOM   398 N  N   . CYS A 1 53 ? -8.941  6.894   -1.939  1.00 20.53  ? 67  CYS A N   1 
ATOM   399 C  CA  . CYS A 1 53 ? -8.723  8.014   -2.834  1.00 20.69  ? 67  CYS A CA  1 
ATOM   400 C  C   . CYS A 1 53 ? -8.300  9.254   -2.057  1.00 19.69  ? 67  CYS A C   1 
ATOM   401 O  O   . CYS A 1 53 ? -7.874  10.219  -2.773  1.00 21.27  ? 67  CYS A O   1 
ATOM   402 C  CB  . CYS A 1 53 ? -9.983  8.372   -3.646  1.00 21.77  ? 67  CYS A CB  1 
ATOM   403 S  SG  . CYS A 1 53 ? -11.446 8.627   -2.585  1.00 25.78  ? 67  CYS A SG  1 
ATOM   404 N  N   . LEU A 1 54 ? -8.274  9.230   -0.713  1.00 18.80  ? 68  LEU A N   1 
ATOM   405 C  CA  . LEU A 1 54 ? -7.782  10.405  0.041   1.00 19.47  ? 68  LEU A CA  1 
ATOM   406 C  C   . LEU A 1 54 ? -6.249  10.412  0.143   1.00 17.58  ? 68  LEU A C   1 
ATOM   407 O  O   . LEU A 1 54 ? -5.669  11.355  0.687   1.00 18.70  ? 68  LEU A O   1 
ATOM   408 C  CB  . LEU A 1 54 ? -8.390  10.382  1.447   1.00 20.43  ? 68  LEU A CB  1 
ATOM   409 C  CG  . LEU A 1 54 ? -9.911  10.522  1.534   1.00 22.01  ? 68  LEU A CG  1 
ATOM   410 C  CD1 . LEU A 1 54 ? -10.283 10.252  2.972   1.00 23.22  ? 68  LEU A CD1 1 
ATOM   411 C  CD2 . LEU A 1 54 ? -10.308 11.944  1.163   1.00 23.70  ? 68  LEU A CD2 1 
ATOM   412 N  N   . TYR A 1 55 ? -5.593  9.356   -0.348  1.00 18.03  ? 69  TYR A N   1 
ATOM   413 C  CA  . TYR A 1 55 ? -4.175  9.141   -0.106  1.00 18.18  ? 69  TYR A CA  1 
ATOM   414 C  C   . TYR A 1 55 ? -3.457  8.872   -1.418  1.00 18.43  ? 69  TYR A C   1 
ATOM   415 O  O   . TYR A 1 55 ? -4.017  8.273   -2.356  1.00 19.93  ? 69  TYR A O   1 
ATOM   416 C  CB  . TYR A 1 55 ? -3.958  7.910   0.774   1.00 18.28  ? 69  TYR A CB  1 
ATOM   417 C  CG  . TYR A 1 55 ? -4.564  8.129   2.124   1.00 17.72  ? 69  TYR A CG  1 
ATOM   418 C  CD1 . TYR A 1 55 ? -3.912  8.871   3.100   1.00 19.86  ? 69  TYR A CD1 1 
ATOM   419 C  CD2 . TYR A 1 55 ? -5.834  7.633   2.377   1.00 19.90  ? 69  TYR A CD2 1 
ATOM   420 C  CE1 . TYR A 1 55 ? -4.496  9.060   4.336   1.00 20.21  ? 69  TYR A CE1 1 
ATOM   421 C  CE2 . TYR A 1 55 ? -6.444  7.819   3.606   1.00 21.96  ? 69  TYR A CE2 1 
ATOM   422 C  CZ  . TYR A 1 55 ? -5.784  8.569   4.567   1.00 22.12  ? 69  TYR A CZ  1 
ATOM   423 O  OH  . TYR A 1 55 ? -6.454  8.815   5.729   1.00 24.59  ? 69  TYR A OH  1 
ATOM   424 N  N   . SER A 1 56 ? -2.181  9.333   -1.493  1.00 18.99  ? 70  SER A N   1 
ATOM   425 C  CA  . SER A 1 56 ? -1.267  8.944   -2.551  1.00 19.45  ? 70  SER A CA  1 
ATOM   426 C  C   . SER A 1 56 ? -0.429  7.766   -2.040  1.00 19.04  ? 70  SER A C   1 
ATOM   427 O  O   . SER A 1 56 ? 0.070   7.823   -0.916  1.00 19.94  ? 70  SER A O   1 
ATOM   428 C  CB  . SER A 1 56 ? -0.312  10.167  -2.740  1.00 22.71  ? 70  SER A CB  1 
ATOM   429 O  OG  . SER A 1 56 ? 0.558   9.772   -3.785  1.00 28.76  ? 70  SER A OG  1 
ATOM   430 N  N   . TRP A 1 57 ? -0.350  6.672   -2.836  1.00 18.35  ? 71  TRP A N   1 
ATOM   431 C  CA  . TRP A 1 57 ? 0.194   5.419   -2.281  1.00 18.99  ? 71  TRP A CA  1 
ATOM   432 C  C   . TRP A 1 57 ? 1.617   5.135   -2.763  1.00 19.81  ? 71  TRP A C   1 
ATOM   433 O  O   . TRP A 1 57 ? 1.961   5.456   -3.897  1.00 20.39  ? 71  TRP A O   1 
ATOM   434 C  CB  . TRP A 1 57 ? -0.720  4.199   -2.609  1.00 19.96  ? 71  TRP A CB  1 
ATOM   435 C  CG  . TRP A 1 57 ? -2.048  4.380   -1.938  1.00 18.41  ? 71  TRP A CG  1 
ATOM   436 C  CD1 . TRP A 1 57 ? -3.172  5.017   -2.406  1.00 19.45  ? 71  TRP A CD1 1 
ATOM   437 C  CD2 . TRP A 1 57 ? -2.375  3.938   -0.605  1.00 18.06  ? 71  TRP A CD2 1 
ATOM   438 N  NE1 . TRP A 1 57 ? -4.170  4.961   -1.453  1.00 19.09  ? 71  TRP A NE1 1 
ATOM   439 C  CE2 . TRP A 1 57 ? -3.715  4.316   -0.347  1.00 18.62  ? 71  TRP A CE2 1 
ATOM   440 C  CE3 . TRP A 1 57 ? -1.652  3.243   0.383   1.00 20.12  ? 71  TRP A CE3 1 
ATOM   441 C  CZ2 . TRP A 1 57 ? -4.346  4.059   0.879   1.00 20.14  ? 71  TRP A CZ2 1 
ATOM   442 C  CZ3 . TRP A 1 57 ? -2.284  2.935   1.566   1.00 19.53  ? 71  TRP A CZ3 1 
ATOM   443 C  CH2 . TRP A 1 57 ? -3.619  3.332   1.816   1.00 20.33  ? 71  TRP A CH2 1 
ATOM   444 N  N   A SER A 1 58 ? 2.415   4.584   -1.851  0.50 18.78  ? 72  SER A N   1 
ATOM   445 N  N   B SER A 1 58 ? 2.446   4.605   -1.853  0.50 19.48  ? 72  SER A N   1 
ATOM   446 C  CA  A SER A 1 58 ? 3.804   4.253   -2.146  0.50 18.82  ? 72  SER A CA  1 
ATOM   447 C  CA  B SER A 1 58 ? 3.811   4.202   -2.202  0.50 19.63  ? 72  SER A CA  1 
ATOM   448 C  C   A SER A 1 58 ? 4.045   2.848   -1.586  0.50 20.35  ? 72  SER A C   1 
ATOM   449 C  C   B SER A 1 58 ? 4.187   2.929   -1.454  0.50 20.33  ? 72  SER A C   1 
ATOM   450 O  O   A SER A 1 58 ? 3.273   2.343   -0.751  0.50 20.22  ? 72  SER A O   1 
ATOM   451 O  O   B SER A 1 58 ? 3.681   2.606   -0.371  0.50 19.11  ? 72  SER A O   1 
ATOM   452 C  CB  A SER A 1 58 ? 4.746   5.259   -1.515  0.50 18.29  ? 72  SER A CB  1 
ATOM   453 C  CB  B SER A 1 58 ? 4.851   5.226   -1.898  0.50 20.60  ? 72  SER A CB  1 
ATOM   454 O  OG  A SER A 1 58 ? 4.611   6.581   -2.088  0.50 17.49  ? 72  SER A OG  1 
ATOM   455 O  OG  B SER A 1 58 ? 4.736   5.687   -0.574  0.50 21.41  ? 72  SER A OG  1 
ATOM   456 N  N   . SER A 1 59 ? 5.096   2.185   -2.074  1.00 20.71  ? 73  SER A N   1 
ATOM   457 C  CA  . SER A 1 59 ? 5.497   0.940   -1.439  1.00 22.64  ? 73  SER A CA  1 
ATOM   458 C  C   . SER A 1 59 ? 6.951   1.069   -1.008  1.00 25.88  ? 73  SER A C   1 
ATOM   459 O  O   . SER A 1 59 ? 7.761   1.763   -1.628  1.00 23.50  ? 73  SER A O   1 
ATOM   460 C  CB  . SER A 1 59 ? 5.280   -0.261  -2.356  1.00 25.72  ? 73  SER A CB  1 
ATOM   461 O  OG  . SER A 1 59 ? 6.142   -0.141  -3.492  1.00 28.51  ? 73  SER A OG  1 
ATOM   462 N  N   . LYS A 1 60 ? 7.256   0.432   0.119   1.00 24.63  ? 74  LYS A N   1 
ATOM   463 C  CA  . LYS A 1 60 ? 8.633   0.469   0.606   1.00 27.70  ? 74  LYS A CA  1 
ATOM   464 C  C   . LYS A 1 60 ? 9.523   -0.401  -0.292  1.00 27.59  ? 74  LYS A C   1 
ATOM   465 O  O   . LYS A 1 60 ? 9.239   -1.557  -0.643  1.00 30.29  ? 74  LYS A O   1 
ATOM   466 C  CB  . LYS A 1 60 ? 8.593   -0.059  2.042   1.00 27.91  ? 74  LYS A CB  1 
ATOM   467 C  CG  . LYS A 1 60 ? 9.858   0.167   2.855   1.00 32.08  ? 74  LYS A CG  1 
ATOM   468 C  CD  . LYS A 1 60 ? 9.700   -0.561  4.190   1.00 32.69  ? 74  LYS A CD  1 
ATOM   469 C  CE  . LYS A 1 60 ? 10.817  -0.207  5.132   1.00 35.26  ? 74  LYS A CE  1 
ATOM   470 N  NZ  . LYS A 1 60 ? 10.870  -1.118  6.308   1.00 39.00  ? 74  LYS A NZ  1 
ATOM   471 N  N   . ARG A 1 61 ? 10.695  0.142   -0.639  1.00 28.28  ? 75  ARG A N   1 
ATOM   472 C  CA  . ARG A 1 61 ? 11.592  -0.558  -1.545  1.00 31.33  ? 75  ARG A CA  1 
ATOM   473 C  C   . ARG A 1 61 ? 13.050  -0.311  -1.125  1.00 31.47  ? 75  ARG A C   1 
ATOM   474 O  O   . ARG A 1 61 ? 13.370  0.761   -0.661  1.00 31.94  ? 75  ARG A O   1 
ATOM   475 C  CB  . ARG A 1 61 ? 11.299  0.029   -2.932  1.00 34.45  ? 75  ARG A CB  1 
ATOM   476 C  CG  . ARG A 1 61 ? 12.346  -0.311  -3.975  1.00 41.04  ? 75  ARG A CG  1 
ATOM   477 C  CD  . ARG A 1 61 ? 11.786  -1.557  -4.655  1.00 46.47  ? 75  ARG A CD  1 
ATOM   478 N  NE  . ARG A 1 61 ? 10.539  -1.179  -5.342  1.00 49.54  ? 75  ARG A NE  1 
ATOM   479 C  CZ  . ARG A 1 61 ? 10.484  -0.808  -6.626  1.00 46.99  ? 75  ARG A CZ  1 
ATOM   480 N  NH1 . ARG A 1 61 ? 11.589  -0.788  -7.351  1.00 48.96  ? 75  ARG A NH1 1 
ATOM   481 N  NH2 . ARG A 1 61 ? 9.324   -0.526  -7.192  1.00 44.15  ? 75  ARG A NH2 1 
ATOM   482 N  N   . THR A 1 62 ? 13.976  -1.269  -1.312  1.00 31.43  ? 76  THR A N   1 
ATOM   483 C  CA  . THR A 1 62 ? 15.379  -1.031  -0.930  1.00 34.27  ? 76  THR A CA  1 
ATOM   484 C  C   . THR A 1 62 ? 15.999  0.102   -1.755  1.00 34.72  ? 76  THR A C   1 
ATOM   485 O  O   . THR A 1 62 ? 15.694  0.254   -2.949  1.00 35.84  ? 76  THR A O   1 
ATOM   486 C  CB  . THR A 1 62 ? 16.235  -2.308  -0.934  1.00 39.63  ? 76  THR A CB  1 
ATOM   487 O  OG1 . THR A 1 62 ? 16.451  -2.610  -2.308  1.00 43.47  ? 76  THR A OG1 1 
ATOM   488 C  CG2 . THR A 1 62 ? 15.573  -3.472  -0.258  1.00 38.57  ? 76  THR A CG2 1 
ATOM   489 N  N   . TYR A 1 63 ? 16.871  0.894   -1.104  1.00 35.37  ? 77  TYR A N   1 
ATOM   490 C  CA  . TYR A 1 63 ? 17.527  2.035   -1.730  1.00 36.74  ? 77  TYR A CA  1 
ATOM   491 C  C   . TYR A 1 63 ? 18.779  2.383   -0.916  1.00 39.68  ? 77  TYR A C   1 
ATOM   492 O  O   . TYR A 1 63 ? 18.656  2.732   0.261   1.00 40.94  ? 77  TYR A O   1 
ATOM   493 C  CB  . TYR A 1 63 ? 16.529  3.210   -1.772  1.00 35.91  ? 77  TYR A CB  1 
ATOM   494 C  CG  . TYR A 1 63 ? 17.108  4.524   -2.229  1.00 35.47  ? 77  TYR A CG  1 
ATOM   495 C  CD1 . TYR A 1 63 ? 17.469  4.741   -3.547  1.00 36.18  ? 77  TYR A CD1 1 
ATOM   496 C  CD2 . TYR A 1 63 ? 17.307  5.559   -1.315  1.00 37.35  ? 77  TYR A CD2 1 
ATOM   497 C  CE1 . TYR A 1 63 ? 18.035  5.936   -3.975  1.00 36.53  ? 77  TYR A CE1 1 
ATOM   498 C  CE2 . TYR A 1 63 ? 17.853  6.766   -1.726  1.00 39.14  ? 77  TYR A CE2 1 
ATOM   499 C  CZ  . TYR A 1 63 ? 18.196  6.962   -3.053  1.00 37.49  ? 77  TYR A CZ  1 
ATOM   500 O  OH  . TYR A 1 63 ? 18.697  8.167   -3.426  1.00 40.21  ? 77  TYR A OH  1 
ATOM   501 N  N   . LYS A 1 64 ? 19.954  2.398   -1.575  1.00 43.73  ? 78  LYS A N   1 
ATOM   502 C  CA  . LYS A 1 64 ? 21.200  2.766   -0.931  1.00 49.09  ? 78  LYS A CA  1 
ATOM   503 C  C   . LYS A 1 64 ? 21.339  1.925   0.339   1.00 50.44  ? 78  LYS A C   1 
ATOM   504 O  O   . LYS A 1 64 ? 21.195  0.716   0.270   1.00 49.04  ? 78  LYS A O   1 
ATOM   505 C  CB  . LYS A 1 64 ? 21.272  4.273   -0.681  1.00 51.88  ? 78  LYS A CB  1 
ATOM   506 C  CG  . LYS A 1 64 ? 22.167  5.048   -1.633  1.00 55.15  ? 78  LYS A CG  1 
ATOM   507 C  CD  . LYS A 1 64 ? 21.620  5.274   -3.003  1.00 55.51  ? 78  LYS A CD  1 
ATOM   508 C  CE  . LYS A 1 64 ? 21.705  6.754   -3.315  1.00 57.53  ? 78  LYS A CE  1 
ATOM   509 N  NZ  . LYS A 1 64 ? 22.377  7.010   -4.607  1.00 58.53  ? 78  LYS A NZ  1 
ATOM   510 N  N   . ASN A 1 65 ? 21.560  2.554   1.499   1.00 53.84  ? 79  ASN A N   1 
ATOM   511 C  CA  . ASN A 1 65 ? 21.754  1.743   2.699   1.00 56.35  ? 79  ASN A CA  1 
ATOM   512 C  C   . ASN A 1 65 ? 20.449  1.642   3.488   1.00 55.56  ? 79  ASN A C   1 
ATOM   513 O  O   . ASN A 1 65 ? 20.466  1.265   4.657   1.00 57.18  ? 79  ASN A O   1 
ATOM   514 C  CB  . ASN A 1 65 ? 22.957  2.195   3.539   1.00 62.99  ? 79  ASN A CB  1 
ATOM   515 C  CG  . ASN A 1 65 ? 24.320  1.813   2.971   1.00 71.67  ? 79  ASN A CG  1 
ATOM   516 O  OD1 . ASN A 1 65 ? 25.106  2.683   2.594   1.00 76.47  ? 79  ASN A OD1 1 
ATOM   517 N  ND2 . ASN A 1 65 ? 24.649  0.527   2.946   1.00 70.32  ? 79  ASN A ND2 1 
ATOM   518 N  N   . GLY A 1 66 ? 19.317  1.991   2.847   1.00 48.56  ? 80  GLY A N   1 
ATOM   519 C  CA  . GLY A 1 66 ? 18.031  1.773   3.465   1.00 45.62  ? 80  GLY A CA  1 
ATOM   520 C  C   . GLY A 1 66 ? 16.942  1.523   2.432   1.00 41.18  ? 80  GLY A C   1 
ATOM   521 O  O   . GLY A 1 66 ? 17.046  0.627   1.564   1.00 37.02  ? 80  GLY A O   1 
ATOM   522 N  N   . PHE A 1 67 ? 15.905  2.371   2.560   1.00 37.82  ? 81  PHE A N   1 
ATOM   523 C  CA  . PHE A 1 67 ? 14.645  2.142   1.884   1.00 35.42  ? 81  PHE A CA  1 
ATOM   524 C  C   . PHE A 1 67 ? 14.150  3.465   1.342   1.00 32.13  ? 81  PHE A C   1 
ATOM   525 O  O   . PHE A 1 67 ? 14.651  4.537   1.730   1.00 31.04  ? 81  PHE A O   1 
ATOM   526 C  CB  . PHE A 1 67 ? 13.609  1.619   2.879   1.00 34.79  ? 81  PHE A CB  1 
ATOM   527 C  CG  . PHE A 1 67 ? 14.067  0.307   3.451   1.00 38.17  ? 81  PHE A CG  1 
ATOM   528 C  CD1 . PHE A 1 67 ? 13.936  -0.842  2.684   1.00 39.70  ? 81  PHE A CD1 1 
ATOM   529 C  CD2 . PHE A 1 67 ? 14.590  0.238   4.736   1.00 38.42  ? 81  PHE A CD2 1 
ATOM   530 C  CE1 . PHE A 1 67 ? 14.322  -2.071  3.208   1.00 43.54  ? 81  PHE A CE1 1 
ATOM   531 C  CE2 . PHE A 1 67 ? 15.035  -0.980  5.237   1.00 43.44  ? 81  PHE A CE2 1 
ATOM   532 C  CZ  . PHE A 1 67 ? 14.890  -2.129  4.470   1.00 45.21  ? 81  PHE A CZ  1 
ATOM   533 N  N   . VAL A 1 68 ? 13.205  3.365   0.408   1.00 31.49  ? 82  VAL A N   1 
ATOM   534 C  CA  . VAL A 1 68 ? 12.621  4.560   -0.180  1.00 27.52  ? 82  VAL A CA  1 
ATOM   535 C  C   . VAL A 1 68 ? 11.148  4.186   -0.358  1.00 27.54  ? 82  VAL A C   1 
ATOM   536 O  O   . VAL A 1 68 ? 10.779  3.019   -0.447  1.00 26.25  ? 82  VAL A O   1 
ATOM   537 C  CB  . VAL A 1 68 ? 13.297  4.916   -1.532  1.00 28.62  ? 82  VAL A CB  1 
ATOM   538 C  CG1 . VAL A 1 68 ? 13.103  3.767   -2.547  1.00 28.98  ? 82  VAL A CG1 1 
ATOM   539 C  CG2 . VAL A 1 68 ? 12.781  6.225   -2.126  1.00 29.54  ? 82  VAL A CG2 1 
ATOM   540 N  N   . TRP A 1 69 ? 10.288  5.182   -0.224  1.00 23.52  ? 83  TRP A N   1 
ATOM   541 C  CA  . TRP A 1 69 ? 8.868   5.027   -0.565  1.00 23.03  ? 83  TRP A CA  1 
ATOM   542 C  C   . TRP A 1 69 ? 8.664   5.296   -2.045  1.00 22.33  ? 83  TRP A C   1 
ATOM   543 O  O   . TRP A 1 69 ? 8.788   6.441   -2.514  1.00 23.42  ? 83  TRP A O   1 
ATOM   544 C  CB  . TRP A 1 69 ? 8.025   6.031   0.257   1.00 22.14  ? 83  TRP A CB  1 
ATOM   545 C  CG  . TRP A 1 69 ? 8.009   5.730   1.722   1.00 21.92  ? 83  TRP A CG  1 
ATOM   546 C  CD1 . TRP A 1 69 ? 8.474   6.506   2.740   1.00 25.55  ? 83  TRP A CD1 1 
ATOM   547 C  CD2 . TRP A 1 69 ? 7.390   4.602   2.342   1.00 23.26  ? 83  TRP A CD2 1 
ATOM   548 N  NE1 . TRP A 1 69 ? 8.243   5.926   3.967   1.00 27.51  ? 83  TRP A NE1 1 
ATOM   549 C  CE2 . TRP A 1 69 ? 7.588   4.734   3.747   1.00 24.21  ? 83  TRP A CE2 1 
ATOM   550 C  CE3 . TRP A 1 69 ? 6.715   3.486   1.861   1.00 23.92  ? 83  TRP A CE3 1 
ATOM   551 C  CZ2 . TRP A 1 69 ? 7.076   3.804   4.651   1.00 27.22  ? 83  TRP A CZ2 1 
ATOM   552 C  CZ3 . TRP A 1 69 ? 6.276   2.526   2.757   1.00 23.92  ? 83  TRP A CZ3 1 
ATOM   553 C  CH2 . TRP A 1 69 ? 6.429   2.706   4.136   1.00 26.33  ? 83  TRP A CH2 1 
ATOM   554 N  N   . TYR A 1 70 ? 8.378   4.212   -2.786  1.00 22.40  ? 84  TYR A N   1 
ATOM   555 C  CA  . TYR A 1 70 ? 8.303   4.301   -4.226  1.00 24.97  ? 84  TYR A CA  1 
ATOM   556 C  C   . TYR A 1 70 ? 6.858   4.574   -4.633  1.00 22.47  ? 84  TYR A C   1 
ATOM   557 O  O   . TYR A 1 70 ? 5.980   3.811   -4.332  1.00 24.10  ? 84  TYR A O   1 
ATOM   558 C  CB  . TYR A 1 70 ? 8.672   2.914   -4.778  1.00 30.64  ? 84  TYR A CB  1 
ATOM   559 C  CG  . TYR A 1 70 ? 9.090   2.973   -6.210  1.00 35.18  ? 84  TYR A CG  1 
ATOM   560 C  CD1 . TYR A 1 70 ? 8.157   2.872   -7.238  1.00 40.00  ? 84  TYR A CD1 1 
ATOM   561 C  CD2 . TYR A 1 70 ? 10.427  3.085   -6.525  1.00 40.29  ? 84  TYR A CD2 1 
ATOM   562 C  CE1 . TYR A 1 70 ? 8.559   2.890   -8.568  1.00 39.63  ? 84  TYR A CE1 1 
ATOM   563 C  CE2 . TYR A 1 70 ? 10.855  3.087   -7.846  1.00 44.45  ? 84  TYR A CE2 1 
ATOM   564 C  CZ  . TYR A 1 70 ? 9.910   3.018   -8.863  1.00 45.10  ? 84  TYR A CZ  1 
ATOM   565 O  OH  . TYR A 1 70 ? 10.373  3.040   -10.148 1.00 48.46  ? 84  TYR A OH  1 
ATOM   566 N  N   . ALA A 1 71 ? 6.590   5.695   -5.324  1.00 23.64  ? 85  ALA A N   1 
ATOM   567 C  CA  . ALA A 1 71 ? 5.255   6.135   -5.675  1.00 23.23  ? 85  ALA A CA  1 
ATOM   568 C  C   . ALA A 1 71 ? 4.615   5.145   -6.645  1.00 24.51  ? 85  ALA A C   1 
ATOM   569 O  O   . ALA A 1 71 ? 5.271   4.646   -7.606  1.00 28.14  ? 85  ALA A O   1 
ATOM   570 C  CB  . ALA A 1 71 ? 5.415   7.501   -6.348  1.00 28.42  ? 85  ALA A CB  1 
ATOM   571 N  N   . LEU A 1 72 ? 3.370   4.791   -6.352  1.00 24.10  ? 86  LEU A N   1 
ATOM   572 C  CA  . LEU A 1 72 ? 2.567   3.885   -7.173  1.00 24.06  ? 86  LEU A CA  1 
ATOM   573 C  C   . LEU A 1 72 ? 1.338   4.530   -7.848  1.00 26.36  ? 86  LEU A C   1 
ATOM   574 O  O   . LEU A 1 72 ? 0.679   5.352   -7.242  1.00 24.91  ? 86  LEU A O   1 
ATOM   575 C  CB  . LEU A 1 72 ? 2.012   2.811   -6.230  1.00 23.32  ? 86  LEU A CB  1 
ATOM   576 C  CG  . LEU A 1 72 ? 3.014   1.987   -5.409  1.00 25.33  ? 86  LEU A CG  1 
ATOM   577 C  CD1 . LEU A 1 72 ? 2.301   1.229   -4.291  1.00 25.02  ? 86  LEU A CD1 1 
ATOM   578 C  CD2 . LEU A 1 72 ? 3.726   0.959   -6.310  1.00 28.53  ? 86  LEU A CD2 1 
ATOM   579 N  N   . SER A 1 73 ? 1.018   4.121   -9.089  1.00 30.74  ? 87  SER A N   1 
ATOM   580 C  CA  . SER A 1 73 ? -0.276  4.316   -9.762  1.00 33.26  ? 87  SER A CA  1 
ATOM   581 C  C   . SER A 1 73 ? -1.119  3.076   -9.599  1.00 33.11  ? 87  SER A C   1 
ATOM   582 O  O   . SER A 1 73 ? -0.546  2.031   -9.330  1.00 31.98  ? 87  SER A O   1 
ATOM   583 C  CB  . SER A 1 73 ? -0.101  4.521   -11.232 1.00 40.30  ? 87  SER A CB  1 
ATOM   584 O  OG  . SER A 1 73 ? 0.778   5.612   -11.430 1.00 47.23  ? 87  SER A OG  1 
ATOM   585 N  N   . ASP A 1 74 ? -2.459  3.224   -9.795  1.00 36.64  ? 88  ASP A N   1 
ATOM   586 C  CA  . ASP A 1 74 ? -3.432  2.142   -9.648  1.00 41.03  ? 88  ASP A CA  1 
ATOM   587 C  C   . ASP A 1 74 ? -3.025  0.932   -10.483 1.00 38.10  ? 88  ASP A C   1 
ATOM   588 O  O   . ASP A 1 74 ? -3.118  -0.230  -10.074 1.00 39.48  ? 88  ASP A O   1 
ATOM   589 C  CB  . ASP A 1 74 ? -4.869  2.629   -9.905  1.00 47.91  ? 88  ASP A CB  1 
ATOM   590 C  CG  . ASP A 1 74 ? -5.477  3.430   -8.740  1.00 54.89  ? 88  ASP A CG  1 
ATOM   591 O  OD1 . ASP A 1 74 ? -4.715  4.133   -8.037  1.00 56.51  ? 88  ASP A OD1 1 
ATOM   592 O  OD2 . ASP A 1 74 ? -6.729  3.384   -8.556  1.00 57.00  ? 88  ASP A OD2 1 
ATOM   593 N  N   . GLU A 1 75 ? -2.492  1.208   -11.669 1.00 39.94  ? 89  GLU A N   1 
ATOM   594 C  CA  . GLU A 1 75 ? -2.169  0.115   -12.570 1.00 39.21  ? 89  GLU A CA  1 
ATOM   595 C  C   . GLU A 1 75 ? -0.788  -0.510  -12.296 1.00 39.32  ? 89  GLU A C   1 
ATOM   596 O  O   . GLU A 1 75 ? -0.397  -1.434  -13.029 1.00 40.54  ? 89  GLU A O   1 
ATOM   597 C  CB  . GLU A 1 75 ? -2.437  0.525   -14.040 1.00 44.90  ? 89  GLU A CB  1 
ATOM   598 C  CG  . GLU A 1 75 ? -1.628  1.710   -14.549 1.00 47.34  ? 89  GLU A CG  1 
ATOM   599 C  CD  . GLU A 1 75 ? -2.004  3.160   -14.189 1.00 49.03  ? 89  GLU A CD  1 
ATOM   600 O  OE1 . GLU A 1 75 ? -3.033  3.374   -13.475 1.00 44.95  ? 89  GLU A OE1 1 
ATOM   601 O  OE2 . GLU A 1 75 ? -1.265  4.090   -14.635 1.00 49.51  ? 89  GLU A OE2 1 
ATOM   602 N  N   . ASP A 1 76 ? -0.040  -0.014  -11.293 1.00 34.55  ? 90  ASP A N   1 
ATOM   603 C  CA  . ASP A 1 76 ? 1.318   -0.460  -11.034 1.00 32.94  ? 90  ASP A CA  1 
ATOM   604 C  C   . ASP A 1 76 ? 1.383   -1.756  -10.219 1.00 32.10  ? 90  ASP A C   1 
ATOM   605 O  O   . ASP A 1 76 ? 0.577   -2.024  -9.315  1.00 29.52  ? 90  ASP A O   1 
ATOM   606 C  CB  . ASP A 1 76 ? 2.190   0.585   -10.335 1.00 32.33  ? 90  ASP A CB  1 
ATOM   607 C  CG  . ASP A 1 76 ? 2.531   1.801   -11.175 1.00 37.02  ? 90  ASP A CG  1 
ATOM   608 O  OD1 . ASP A 1 76 ? 2.338   1.735   -12.433 1.00 43.08  ? 90  ASP A OD1 1 
ATOM   609 O  OD2 . ASP A 1 76 ? 3.048   2.787   -10.592 1.00 38.44  ? 90  ASP A OD2 1 
ATOM   610 N  N   . PHE A 1 77 ? 2.409   -2.549  -10.539 1.00 33.28  ? 91  PHE A N   1 
ATOM   611 C  CA  . PHE A 1 77 ? 2.774   -3.761  -9.823  1.00 33.86  ? 91  PHE A CA  1 
ATOM   612 C  C   . PHE A 1 77 ? 3.529   -3.333  -8.578  1.00 33.34  ? 91  PHE A C   1 
ATOM   613 O  O   . PHE A 1 77 ? 4.273   -2.332  -8.577  1.00 34.79  ? 91  PHE A O   1 
ATOM   614 C  CB  . PHE A 1 77 ? 3.744   -4.546  -10.727 1.00 35.18  ? 91  PHE A CB  1 
ATOM   615 C  CG  . PHE A 1 77 ? 4.214   -5.904  -10.260 1.00 36.33  ? 91  PHE A CG  1 
ATOM   616 C  CD1 . PHE A 1 77 ? 3.501   -7.049  -10.576 1.00 38.91  ? 91  PHE A CD1 1 
ATOM   617 C  CD2 . PHE A 1 77 ? 5.361   -6.042  -9.487  1.00 35.63  ? 91  PHE A CD2 1 
ATOM   618 C  CE1 . PHE A 1 77 ? 3.927   -8.319  -10.192 1.00 41.28  ? 91  PHE A CE1 1 
ATOM   619 C  CE2 . PHE A 1 77 ? 5.795   -7.317  -9.125  1.00 37.07  ? 91  PHE A CE2 1 
ATOM   620 C  CZ  . PHE A 1 77 ? 5.079   -8.444  -9.450  1.00 40.90  ? 91  PHE A CZ  1 
ATOM   621 N  N   . ILE A 1 78 ? 3.298   -4.083  -7.495  1.00 34.80  ? 92  ILE A N   1 
ATOM   622 C  CA  . ILE A 1 78 ? 3.940   -3.771  -6.238  1.00 31.77  ? 92  ILE A CA  1 
ATOM   623 C  C   . ILE A 1 78 ? 4.985   -4.832  -5.924  1.00 35.06  ? 92  ILE A C   1 
ATOM   624 O  O   . ILE A 1 78 ? 4.675   -6.013  -5.876  1.00 32.79  ? 92  ILE A O   1 
ATOM   625 C  CB  . ILE A 1 78 ? 2.914   -3.709  -5.089  1.00 32.99  ? 92  ILE A CB  1 
ATOM   626 C  CG1 . ILE A 1 78 ? 1.874   -2.604  -5.336  1.00 29.35  ? 92  ILE A CG1 1 
ATOM   627 C  CG2 . ILE A 1 78 ? 3.668   -3.452  -3.796  1.00 31.19  ? 92  ILE A CG2 1 
ATOM   628 C  CD1 . ILE A 1 78 ? 0.771   -2.525  -4.254  1.00 28.90  ? 92  ILE A CD1 1 
ATOM   629 N  N   . PHE A 1 79 ? 6.240   -4.410  -5.733  1.00 35.87  ? 93  PHE A N   1 
ATOM   630 C  CA  . PHE A 1 79 ? 7.258   -5.355  -5.308  1.00 40.01  ? 93  PHE A CA  1 
ATOM   631 C  C   . PHE A 1 79 ? 7.296   -5.492  -3.780  1.00 46.03  ? 93  PHE A C   1 
ATOM   632 O  O   . PHE A 1 79 ? 7.198   -4.496  -3.053  1.00 48.81  ? 93  PHE A O   1 
ATOM   633 C  CB  . PHE A 1 79 ? 8.602   -4.879  -5.845  1.00 39.42  ? 93  PHE A CB  1 
ATOM   634 C  CG  . PHE A 1 79 ? 8.657   -4.802  -7.346  1.00 35.83  ? 93  PHE A CG  1 
ATOM   635 C  CD1 . PHE A 1 79 ? 8.869   -5.948  -8.099  1.00 36.62  ? 93  PHE A CD1 1 
ATOM   636 C  CD2 . PHE A 1 79 ? 8.426   -3.623  -8.009  1.00 33.19  ? 93  PHE A CD2 1 
ATOM   637 C  CE1 . PHE A 1 79 ? 8.942   -5.851  -9.477  1.00 38.49  ? 93  PHE A CE1 1 
ATOM   638 C  CE2 . PHE A 1 79 ? 8.484   -3.518  -9.387  1.00 37.25  ? 93  PHE A CE2 1 
ATOM   639 C  CZ  . PHE A 1 79 ? 8.786   -4.649  -10.137 1.00 36.97  ? 93  PHE A CZ  1 
ATOM   640 N  N   . PRO A 1 80 ? 7.546   -6.713  -3.251  1.00 52.65  ? 94  PRO A N   1 
ATOM   641 C  CA  . PRO A 1 80 ? 7.690   -6.931  -1.807  1.00 56.53  ? 94  PRO A CA  1 
ATOM   642 C  C   . PRO A 1 80 ? 9.037   -6.449  -1.267  1.00 61.59  ? 94  PRO A C   1 
ATOM   643 O  O   . PRO A 1 80 ? 9.997   -6.267  -2.023  1.00 55.77  ? 94  PRO A O   1 
ATOM   644 C  CB  . PRO A 1 80 ? 7.662   -8.462  -1.699  1.00 56.32  ? 94  PRO A CB  1 
ATOM   645 C  CG  . PRO A 1 80 ? 8.316   -8.902  -2.987  1.00 57.52  ? 94  PRO A CG  1 
ATOM   646 C  CD  . PRO A 1 80 ? 7.748   -7.948  -4.022  1.00 54.86  ? 94  PRO A CD  1 
ATOM   647 N  N   . VAL A 1 81 ? 9.086   -6.271  0.060   1.00 68.37  ? 95  VAL A N   1 
ATOM   648 C  CA  . VAL A 1 81 ? 10.312  -5.951  0.776   1.00 76.57  ? 95  VAL A CA  1 
ATOM   649 C  C   . VAL A 1 81 ? 10.559  -7.055  1.808   1.00 86.04  ? 95  VAL A C   1 
ATOM   650 O  O   . VAL A 1 81 ? 9.635   -7.456  2.526   1.00 93.01  ? 95  VAL A O   1 
ATOM   651 C  CB  . VAL A 1 81 ? 10.239  -4.538  1.400   1.00 72.03  ? 95  VAL A CB  1 
ATOM   652 C  CG1 . VAL A 1 81 ? 9.496   -4.494  2.735   1.00 69.98  ? 95  VAL A CG1 1 
ATOM   653 C  CG2 . VAL A 1 81 ? 11.598  -3.866  1.496   1.00 69.24  ? 95  VAL A CG2 1 
ATOM   654 N  N   . HIS A 1 82 ? 11.804  -7.551  1.863   1.00 88.99  ? 96  HIS A N   1 
ATOM   655 C  CA  . HIS A 1 82 ? 12.171  -8.709  2.670   1.00 93.34  ? 96  HIS A CA  1 
ATOM   656 C  C   . HIS A 1 82 ? 11.347  -9.922  2.244   1.00 92.83  ? 96  HIS A C   1 
ATOM   657 O  O   . HIS A 1 82 ? 11.196  -10.194 1.056   1.00 92.71  ? 96  HIS A O   1 
ATOM   658 C  CB  . HIS A 1 82 ? 12.048  -8.442  4.184   1.00 99.89  ? 96  HIS A CB  1 
ATOM   659 C  CG  . HIS A 1 82 ? 12.518  -7.098  4.637   1.00 105.77 ? 96  HIS A CG  1 
ATOM   660 N  ND1 . HIS A 1 82 ? 11.717  -6.253  5.391   1.00 106.38 ? 96  HIS A ND1 1 
ATOM   661 C  CD2 . HIS A 1 82 ? 13.688  -6.444  4.455   1.00 106.94 ? 96  HIS A CD2 1 
ATOM   662 C  CE1 . HIS A 1 82 ? 12.375  -5.139  5.651   1.00 104.21 ? 96  HIS A CE1 1 
ATOM   663 N  NE2 . HIS A 1 82 ? 13.588  -5.231  5.087   1.00 104.54 ? 96  HIS A NE2 1 
ATOM   664 N  N   . GLY A 1 83 ? 10.775  -10.621 3.229   1.00 91.15  ? 97  GLY A N   1 
ATOM   665 C  CA  . GLY A 1 83 ? 10.274  -11.967 3.010   1.00 89.79  ? 97  GLY A CA  1 
ATOM   666 C  C   . GLY A 1 83 ? 8.795   -12.008 2.645   1.00 86.27  ? 97  GLY A C   1 
ATOM   667 O  O   . GLY A 1 83 ? 7.966   -12.323 3.501   1.00 86.23  ? 97  GLY A O   1 
ATOM   668 N  N   . GLN A 1 84 ? 8.507   -11.738 1.358   1.00 83.32  ? 98  GLN A N   1 
ATOM   669 C  CA  . GLN A 1 84 ? 7.165   -11.627 0.796   1.00 78.93  ? 98  GLN A CA  1 
ATOM   670 C  C   . GLN A 1 84 ? 6.343   -10.606 1.578   1.00 72.33  ? 98  GLN A C   1 
ATOM   671 O  O   . GLN A 1 84 ? 5.118   -10.713 1.638   1.00 69.68  ? 98  GLN A O   1 
ATOM   672 C  CB  . GLN A 1 84 ? 6.441   -12.975 0.754   1.00 87.05  ? 98  GLN A CB  1 
ATOM   673 C  CG  . GLN A 1 84 ? 6.152   -13.467 -0.658  1.00 93.89  ? 98  GLN A CG  1 
ATOM   674 C  CD  . GLN A 1 84 ? 5.054   -12.694 -1.352  1.00 95.76  ? 98  GLN A CD  1 
ATOM   675 O  OE1 . GLN A 1 84 ? 3.926   -12.594 -0.864  1.00 96.50  ? 98  GLN A OE1 1 
ATOM   676 N  NE2 . GLN A 1 84 ? 5.378   -12.148 -2.516  1.00 95.18  ? 98  GLN A NE2 1 
ATOM   677 N  N   . GLU A 1 85 ? 7.049   -9.627  2.162   1.00 64.41  ? 99  GLU A N   1 
ATOM   678 C  CA  . GLU A 1 85 ? 6.474   -8.597  3.010   1.00 57.64  ? 99  GLU A CA  1 
ATOM   679 C  C   . GLU A 1 85 ? 6.152   -7.367  2.166   1.00 49.42  ? 99  GLU A C   1 
ATOM   680 O  O   . GLU A 1 85 ? 7.056   -6.838  1.488   1.00 46.93  ? 99  GLU A O   1 
ATOM   681 C  CB  . GLU A 1 85 ? 7.496   -8.189  4.062   1.00 60.27  ? 99  GLU A CB  1 
ATOM   682 C  CG  . GLU A 1 85 ? 6.879   -7.837  5.390   1.00 60.57  ? 99  GLU A CG  1 
ATOM   683 C  CD  . GLU A 1 85 ? 7.957   -7.430  6.373   1.00 63.75  ? 99  GLU A CD  1 
ATOM   684 O  OE1 . GLU A 1 85 ? 8.598   -8.339  6.923   1.00 66.40  ? 99  GLU A OE1 1 
ATOM   685 O  OE2 . GLU A 1 85 ? 8.172   -6.200  6.567   1.00 65.13  ? 99  GLU A OE2 1 
ATOM   686 N  N   . TYR A 1 86 ? 4.867   -6.965  2.230   1.00 40.55  ? 100 TYR A N   1 
ATOM   687 C  CA  . TYR A 1 86 ? 4.341   -5.816  1.506   1.00 33.89  ? 100 TYR A CA  1 
ATOM   688 C  C   . TYR A 1 86 ? 4.040   -4.726  2.517   1.00 29.58  ? 100 TYR A C   1 
ATOM   689 O  O   . TYR A 1 86 ? 3.249   -4.944  3.447   1.00 30.84  ? 100 TYR A O   1 
ATOM   690 C  CB  . TYR A 1 86 ? 3.071   -6.112  0.701   1.00 32.55  ? 100 TYR A CB  1 
ATOM   691 C  CG  . TYR A 1 86 ? 3.280   -7.060  -0.453  1.00 34.69  ? 100 TYR A CG  1 
ATOM   692 C  CD1 . TYR A 1 86 ? 3.903   -6.634  -1.616  1.00 34.65  ? 100 TYR A CD1 1 
ATOM   693 C  CD2 . TYR A 1 86 ? 2.831   -8.368  -0.374  1.00 37.35  ? 100 TYR A CD2 1 
ATOM   694 C  CE1 . TYR A 1 86 ? 4.092   -7.478  -2.695  1.00 37.53  ? 100 TYR A CE1 1 
ATOM   695 C  CE2 . TYR A 1 86 ? 3.025   -9.245  -1.434  1.00 40.69  ? 100 TYR A CE2 1 
ATOM   696 C  CZ  . TYR A 1 86 ? 3.629   -8.788  -2.599  1.00 39.68  ? 100 TYR A CZ  1 
ATOM   697 O  OH  . TYR A 1 86 ? 3.835   -9.643  -3.643  1.00 41.56  ? 100 TYR A OH  1 
ATOM   698 N  N   . VAL A 1 87 ? 4.709   -3.566  2.319   1.00 27.00  ? 101 VAL A N   1 
ATOM   699 C  CA  . VAL A 1 87 ? 4.554   -2.445  3.246   1.00 25.93  ? 101 VAL A CA  1 
ATOM   700 C  C   . VAL A 1 87 ? 4.308   -1.220  2.391   1.00 25.45  ? 101 VAL A C   1 
ATOM   701 O  O   . VAL A 1 87 ? 5.153   -0.891  1.550   1.00 26.10  ? 101 VAL A O   1 
ATOM   702 C  CB  . VAL A 1 87 ? 5.792   -2.192  4.150   1.00 27.60  ? 101 VAL A CB  1 
ATOM   703 C  CG1 . VAL A 1 87 ? 5.586   -0.963  5.009   1.00 29.18  ? 101 VAL A CG1 1 
ATOM   704 C  CG2 . VAL A 1 87 ? 6.171   -3.385  5.035   1.00 29.41  ? 101 VAL A CG2 1 
ATOM   705 N  N   . LEU A 1 88 ? 3.176   -0.560  2.655   1.00 23.08  ? 102 LEU A N   1 
ATOM   706 C  CA  . LEU A 1 88 ? 2.814   0.607   1.869   1.00 22.82  ? 102 LEU A CA  1 
ATOM   707 C  C   . LEU A 1 88 ? 2.702   1.790   2.818   1.00 20.57  ? 102 LEU A C   1 
ATOM   708 O  O   . LEU A 1 88 ? 2.502   1.644   4.027   1.00 21.22  ? 102 LEU A O   1 
ATOM   709 C  CB  . LEU A 1 88 ? 1.419   0.388   1.269   1.00 23.83  ? 102 LEU A CB  1 
ATOM   710 C  CG  . LEU A 1 88 ? 1.195   -0.871  0.417   1.00 29.81  ? 102 LEU A CG  1 
ATOM   711 C  CD1 . LEU A 1 88 ? -0.192  -0.880  -0.178  1.00 28.54  ? 102 LEU A CD1 1 
ATOM   712 C  CD2 . LEU A 1 88 ? 2.227   -1.088  -0.672  1.00 30.07  ? 102 LEU A CD2 1 
ATOM   713 N  N   . LYS A 1 89 ? 2.654   2.984   2.198   1.00 20.27  ? 103 LYS A N   1 
ATOM   714 C  CA  . LYS A 1 89 ? 2.361   4.216   2.911   1.00 20.73  ? 103 LYS A CA  1 
ATOM   715 C  C   . LYS A 1 89 ? 1.336   4.952   2.062   1.00 20.71  ? 103 LYS A C   1 
ATOM   716 O  O   . LYS A 1 89 ? 1.455   5.069   0.865   1.00 20.15  ? 103 LYS A O   1 
ATOM   717 C  CB  . LYS A 1 89 ? 3.604   5.062   3.125   1.00 22.92  ? 103 LYS A CB  1 
ATOM   718 C  CG  . LYS A 1 89 ? 3.400   6.387   3.864   1.00 28.25  ? 103 LYS A CG  1 
ATOM   719 C  CD  . LYS A 1 89 ? 4.721   7.126   3.744   1.00 35.38  ? 103 LYS A CD  1 
ATOM   720 C  CE  . LYS A 1 89 ? 4.988   8.194   4.753   1.00 43.17  ? 103 LYS A CE  1 
ATOM   721 N  NZ  . LYS A 1 89 ? 5.969   9.145   4.151   1.00 44.07  ? 103 LYS A NZ  1 
ATOM   722 N  N   . GLY A 1 90 ? 0.208   5.323   2.697   1.00 18.93  ? 104 GLY A N   1 
ATOM   723 C  CA  . GLY A 1 90 ? -0.695  6.294   2.069   1.00 17.50  ? 104 GLY A CA  1 
ATOM   724 C  C   . GLY A 1 90 ? -0.460  7.658   2.669   1.00 19.21  ? 104 GLY A C   1 
ATOM   725 O  O   . GLY A 1 90 ? -0.630  7.839   3.876   1.00 19.89  ? 104 GLY A O   1 
ATOM   726 N  N   . SER A 1 91 ? -0.158  8.617   1.785   1.00 18.40  ? 105 SER A N   1 
ATOM   727 C  CA  . SER A 1 91 ? 0.190   9.963   2.243   1.00 20.19  ? 105 SER A CA  1 
ATOM   728 C  C   . SER A 1 91 ? -1.039  10.818  1.976   1.00 18.32  ? 105 SER A C   1 
ATOM   729 O  O   . SER A 1 91 ? -1.509  10.850  0.840   1.00 18.35  ? 105 SER A O   1 
ATOM   730 C  CB  . SER A 1 91 ? 1.368   10.453  1.432   1.00 24.28  ? 105 SER A CB  1 
ATOM   731 O  OG  . SER A 1 91 ? 2.538   9.731   1.812   1.00 25.00  ? 105 SER A OG  1 
ATOM   732 N  N   . GLN A 1 92 ? -1.554  11.510  2.997   1.00 19.18  ? 106 GLN A N   1 
ATOM   733 C  CA  . GLN A 1 92 ? -2.805  12.255  2.778   1.00 20.07  ? 106 GLN A CA  1 
ATOM   734 C  C   . GLN A 1 92 ? -2.633  13.312  1.695   1.00 22.28  ? 106 GLN A C   1 
ATOM   735 O  O   . GLN A 1 92 ? -1.702  14.131  1.786   1.00 22.78  ? 106 GLN A O   1 
ATOM   736 C  CB  . GLN A 1 92 ? -3.188  12.987  4.085   1.00 23.49  ? 106 GLN A CB  1 
ATOM   737 C  CG  . GLN A 1 92 ? -4.476  13.777  3.994   1.00 24.32  ? 106 GLN A CG  1 
ATOM   738 C  CD  . GLN A 1 92 ? -4.691  14.527  5.306   1.00 28.18  ? 106 GLN A CD  1 
ATOM   739 O  OE1 . GLN A 1 92 ? -3.767  14.767  6.081   1.00 30.30  ? 106 GLN A OE1 1 
ATOM   740 N  NE2 . GLN A 1 92 ? -5.863  15.062  5.491   1.00 32.51  ? 106 GLN A NE2 1 
ATOM   741 N  N   . ILE A 1 93 ? -3.570  13.316  0.713   1.00 19.64  ? 107 ILE A N   1 
ATOM   742 C  CA  . ILE A 1 93 ? -3.552  14.352  -0.326  1.00 18.99  ? 107 ILE A CA  1 
ATOM   743 C  C   . ILE A 1 93 ? -4.085  15.661  0.236   1.00 19.17  ? 107 ILE A C   1 
ATOM   744 O  O   . ILE A 1 93 ? -5.092  15.650  0.977   1.00 20.52  ? 107 ILE A O   1 
ATOM   745 C  CB  . ILE A 1 93 ? -4.388  13.858  -1.508  1.00 21.03  ? 107 ILE A CB  1 
ATOM   746 C  CG1 . ILE A 1 93 ? -3.647  12.678  -2.173  1.00 20.90  ? 107 ILE A CG1 1 
ATOM   747 C  CG2 . ILE A 1 93 ? -4.570  14.998  -2.486  1.00 21.78  ? 107 ILE A CG2 1 
ATOM   748 C  CD1 . ILE A 1 93 ? -4.546  12.039  -3.224  1.00 24.32  ? 107 ILE A CD1 1 
ATOM   749 N  N   . LEU A 1 94 ? -3.334  16.754  -0.044  1.00 18.34  ? 108 LEU A N   1 
ATOM   750 C  CA  . LEU A 1 94 ? -3.673  18.021  0.598   1.00 19.96  ? 108 LEU A CA  1 
ATOM   751 C  C   . LEU A 1 94 ? -4.201  18.943  -0.482  1.00 23.47  ? 108 LEU A C   1 
ATOM   752 O  O   . LEU A 1 94 ? -3.438  19.635  -1.127  1.00 26.14  ? 108 LEU A O   1 
ATOM   753 C  CB  . LEU A 1 94 ? -2.439  18.663  1.237   1.00 22.05  ? 108 LEU A CB  1 
ATOM   754 C  CG  . LEU A 1 94 ? -1.814  17.783  2.313   1.00 24.49  ? 108 LEU A CG  1 
ATOM   755 C  CD1 . LEU A 1 94 ? -0.567  18.459  2.910   1.00 29.60  ? 108 LEU A CD1 1 
ATOM   756 C  CD2 . LEU A 1 94 ? -2.876  17.492  3.405   1.00 27.32  ? 108 LEU A CD2 1 
ATOM   757 N  N   . ASP A 1 95 ? -5.508  18.945  -0.653  1.00 27.61  ? 109 ASP A N   1 
ATOM   758 C  CA  . ASP A 1 95 ? -6.045  19.918  -1.608  1.00 33.29  ? 109 ASP A CA  1 
ATOM   759 C  C   . ASP A 1 95 ? -7.283  20.545  -0.975  1.00 40.65  ? 109 ASP A C   1 
ATOM   760 O  O   . ASP A 1 95 ? -7.907  21.390  -1.673  1.00 40.97  ? 109 ASP A O   1 
ATOM   761 C  CB  . ASP A 1 95 ? -6.588  19.280  -2.891  1.00 37.82  ? 109 ASP A CB  1 
ATOM   762 C  CG  . ASP A 1 95 ? -5.673  18.848  -4.038  1.00 42.97  ? 109 ASP A CG  1 
ATOM   763 O  OD1 . ASP A 1 95 ? -4.941  19.725  -4.773  1.00 39.13  ? 109 ASP A OD1 1 
ATOM   764 O  OD2 . ASP A 1 95 ? -5.820  17.645  -4.326  1.00 46.41  ? 109 ASP A OD2 1 
ATOM   765 O  OXT . ASP A 1 95 ? -7.624  20.128  0.184   1.00 40.35  ? 109 ASP A OXT 1 
HETATM 766 S  S   . SO4 B 2 .  ? -7.820  5.525   10.257  1.00 67.83  ? 201 SO4 A S   1 
HETATM 767 O  O1  . SO4 B 2 .  ? -8.624  6.475   9.529   1.00 74.13  ? 201 SO4 A O1  1 
HETATM 768 O  O2  . SO4 B 2 .  ? -8.665  4.594   10.948  1.00 70.47  ? 201 SO4 A O2  1 
HETATM 769 O  O3  . SO4 B 2 .  ? -6.981  4.801   9.335   1.00 78.67  ? 201 SO4 A O3  1 
HETATM 770 O  O4  . SO4 B 2 .  ? -7.006  6.224   11.214  1.00 76.13  ? 201 SO4 A O4  1 
HETATM 771 O  O   . HOH C 3 .  ? 1.941   -15.287 -14.649 1.00 45.17  ? 301 HOH A O   1 
HETATM 772 O  O   . HOH C 3 .  ? 1.238   7.742   -7.535  1.00 50.06  ? 302 HOH A O   1 
HETATM 773 O  O   . HOH C 3 .  ? 5.100   2.189   -9.338  1.00 42.32  ? 303 HOH A O   1 
HETATM 774 O  O   . HOH C 3 .  ? -4.048  5.404   10.726  1.00 35.88  ? 304 HOH A O   1 
HETATM 775 O  O   . HOH C 3 .  ? 12.709  3.172   -11.150 1.00 47.59  ? 305 HOH A O   1 
HETATM 776 O  O   . HOH C 3 .  ? 2.771   -6.172  -14.596 1.00 38.99  ? 306 HOH A O   1 
HETATM 777 O  O   . HOH C 3 .  ? 6.084   -0.448  -8.442  1.00 42.44  ? 307 HOH A O   1 
HETATM 778 O  O   . HOH C 3 .  ? 4.053   -8.555  -6.061  1.00 41.85  ? 308 HOH A O   1 
HETATM 779 O  O   . HOH C 3 .  ? -8.010  -7.395  -3.608  1.00 34.61  ? 309 HOH A O   1 
HETATM 780 O  O   . HOH C 3 .  ? -6.912  13.752  1.308   1.00 21.30  ? 310 HOH A O   1 
HETATM 781 O  O   . HOH C 3 .  ? -13.852 10.639  1.152   1.00 34.81  ? 311 HOH A O   1 
HETATM 782 O  O   . HOH C 3 .  ? -1.588  4.257   9.957   1.00 34.41  ? 312 HOH A O   1 
HETATM 783 O  O   . HOH C 3 .  ? 2.471   7.933   -4.793  1.00 39.56  ? 313 HOH A O   1 
HETATM 784 O  O   . HOH C 3 .  ? -4.001  5.908   -6.151  1.00 34.73  ? 314 HOH A O   1 
HETATM 785 O  O   . HOH C 3 .  ? 4.023   5.293   -10.528 1.00 46.59  ? 315 HOH A O   1 
HETATM 786 O  O   . HOH C 3 .  ? 0.175   14.424  4.260   1.00 44.10  ? 316 HOH A O   1 
HETATM 787 O  O   . HOH C 3 .  ? 6.778   -1.268  -5.859  1.00 33.97  ? 317 HOH A O   1 
HETATM 788 O  O   . HOH C 3 .  ? -6.913  10.214  -5.306  1.00 34.76  ? 318 HOH A O   1 
HETATM 789 O  O   . HOH C 3 .  ? -15.957 -3.225  6.643   1.00 33.28  ? 319 HOH A O   1 
HETATM 790 O  O   . HOH C 3 .  ? -8.990  7.926   6.111   1.00 40.41  ? 320 HOH A O   1 
HETATM 791 O  O   . HOH C 3 .  ? 8.202   -1.962  -3.193  1.00 40.45  ? 321 HOH A O   1 
HETATM 792 O  O   . HOH C 3 .  ? 2.920   7.734   -0.174  1.00 27.03  ? 322 HOH A O   1 
HETATM 793 O  O   . HOH C 3 .  ? -10.944 2.784   0.093   1.00 20.94  ? 323 HOH A O   1 
HETATM 794 O  O   . HOH C 3 .  ? -10.934 4.502   -3.087  1.00 25.26  ? 324 HOH A O   1 
HETATM 795 O  O   . HOH C 3 .  ? -7.750  -1.515  7.692   1.00 28.51  ? 325 HOH A O   1 
HETATM 796 O  O   . HOH C 3 .  ? 4.907   -10.902 4.419   1.00 43.74  ? 326 HOH A O   1 
HETATM 797 O  O   . HOH C 3 .  ? 6.611   8.317   -3.119  1.00 30.76  ? 327 HOH A O   1 
HETATM 798 O  O   . HOH C 3 .  ? -13.332 -1.584  -5.781  1.00 41.00  ? 328 HOH A O   1 
HETATM 799 O  O   . HOH C 3 .  ? -7.243  11.558  5.933   1.00 45.83  ? 329 HOH A O   1 
HETATM 800 O  O   . HOH C 3 .  ? -1.386  6.375   -5.506  1.00 23.71  ? 330 HOH A O   1 
HETATM 801 O  O   . HOH C 3 .  ? 15.831  1.689   -5.497  1.00 67.85  ? 331 HOH A O   1 
HETATM 802 O  O   . HOH C 3 .  ? -8.175  -8.249  6.114   1.00 31.64  ? 332 HOH A O   1 
HETATM 803 O  O   . HOH C 3 .  ? 17.809  -1.897  2.876   1.00 43.37  ? 333 HOH A O   1 
HETATM 804 O  O   . HOH C 3 .  ? -10.882 2.181   -6.790  1.00 41.37  ? 334 HOH A O   1 
HETATM 805 O  O   . HOH C 3 .  ? 4.642   -1.296  -12.167 1.00 47.88  ? 335 HOH A O   1 
HETATM 806 O  O   . HOH C 3 .  ? -8.004  13.502  3.949   1.00 38.48  ? 336 HOH A O   1 
HETATM 807 O  O   . HOH C 3 .  ? 6.651   -3.294  -0.102  1.00 35.29  ? 337 HOH A O   1 
HETATM 808 O  O   . HOH C 3 .  ? -9.369  5.138   -5.185  1.00 36.27  ? 338 HOH A O   1 
# 
loop_
_atom_site_anisotrop.id 
_atom_site_anisotrop.type_symbol 
_atom_site_anisotrop.pdbx_label_atom_id 
_atom_site_anisotrop.pdbx_label_alt_id 
_atom_site_anisotrop.pdbx_label_comp_id 
_atom_site_anisotrop.pdbx_label_asym_id 
_atom_site_anisotrop.pdbx_label_seq_id 
_atom_site_anisotrop.pdbx_PDB_ins_code 
_atom_site_anisotrop.U[1][1] 
_atom_site_anisotrop.U[2][2] 
_atom_site_anisotrop.U[3][3] 
_atom_site_anisotrop.U[1][2] 
_atom_site_anisotrop.U[1][3] 
_atom_site_anisotrop.U[2][3] 
_atom_site_anisotrop.pdbx_auth_seq_id 
_atom_site_anisotrop.pdbx_auth_comp_id 
_atom_site_anisotrop.pdbx_auth_asym_id 
_atom_site_anisotrop.pdbx_auth_atom_id 
1   N  N   . ARG A 4  ? 0.8561 0.5241 0.9839 -0.1095 0.2733  -0.1402 18  ARG A N   
2   C  CA  . ARG A 4  ? 0.8196 0.4813 0.9654 -0.0814 0.2671  -0.1103 18  ARG A CA  
3   C  C   . ARG A 4  ? 0.7602 0.4552 0.8802 -0.0710 0.2383  -0.0913 18  ARG A C   
4   O  O   . ARG A 4  ? 0.7815 0.5027 0.8741 -0.0824 0.2251  -0.1023 18  ARG A O   
5   C  CB  . ARG A 4  ? 0.8746 0.5265 1.0395 -0.0707 0.2785  -0.1164 18  ARG A CB  
6   C  CG  . ARG A 4  ? 0.9627 0.5918 1.1643 -0.0468 0.2872  -0.0914 18  ARG A CG  
7   C  CD  . ARG A 4  ? 1.0337 0.6478 1.2620 -0.0401 0.3057  -0.1030 18  ARG A CD  
8   N  NE  . ARG A 4  ? 1.0609 0.7021 1.2777 -0.0277 0.2878  -0.0948 18  ARG A NE  
9   C  CZ  . ARG A 4  ? 1.0598 0.7180 1.2580 -0.0377 0.2856  -0.1161 18  ARG A CZ  
10  N  NH1 . ARG A 4  ? 1.0912 0.7449 1.2777 -0.0613 0.2996  -0.1478 18  ARG A NH1 
11  N  NH2 . ARG A 4  ? 1.0179 0.6990 1.2094 -0.0252 0.2696  -0.1053 18  ARG A NH2 
12  N  N   . ILE A 5  ? 0.7174 0.4117 0.8479 -0.0495 0.2297  -0.0624 19  ILE A N   
13  C  CA  . ILE A 5  ? 0.6653 0.3884 0.7743 -0.0391 0.2044  -0.0450 19  ILE A CA  
14  C  C   . ILE A 5  ? 0.6080 0.3337 0.7316 -0.0171 0.1992  -0.0278 19  ILE A C   
15  O  O   . ILE A 5  ? 0.6548 0.3604 0.8078 -0.0055 0.2125  -0.0181 19  ILE A O   
16  C  CB  . ILE A 5  ? 0.7276 0.4564 0.8280 -0.0382 0.1956  -0.0275 19  ILE A CB  
17  C  CG1 . ILE A 5  ? 0.7578 0.4673 0.8830 -0.0229 0.2035  -0.0027 19  ILE A CG1 
18  C  CG2 . ILE A 5  ? 0.7579 0.4865 0.8473 -0.0606 0.2009  -0.0442 19  ILE A CG2 
19  C  CD1 . ILE A 5  ? 0.7945 0.5224 0.9155 -0.0029 0.1859  0.0232  19  ILE A CD1 
20  N  N   . VAL A 6  ? 0.5517 0.3032 0.6570 -0.0125 0.1811  -0.0259 20  VAL A N   
21  C  CA  . VAL A 6  ? 0.5434 0.3023 0.6611 0.0063  0.1741  -0.0107 20  VAL A CA  
22  C  C   . VAL A 6  ? 0.5068 0.2892 0.6081 0.0161  0.1521  0.0087  20  VAL A C   
23  O  O   . VAL A 6  ? 0.4673 0.2654 0.5439 0.0076  0.1403  0.0044  20  VAL A O   
24  C  CB  . VAL A 6  ? 0.5739 0.3396 0.6927 0.0048  0.1761  -0.0265 20  VAL A CB  
25  C  CG1 . VAL A 6  ? 0.5917 0.3341 0.7280 -0.0046 0.2003  -0.0473 20  VAL A CG1 
26  C  CG2 . VAL A 6  ? 0.5335 0.3236 0.6227 -0.0051 0.1609  -0.0371 20  VAL A CG2 
27  N  N   . PRO A 7  ? 0.5095 0.2963 0.6261 0.0338  0.1470  0.0299  21  PRO A N   
28  C  CA  . PRO A 7  ? 0.4949 0.3062 0.5964 0.0426  0.1269  0.0466  21  PRO A CA  
29  C  C   . PRO A 7  ? 0.4652 0.2980 0.5530 0.0423  0.1131  0.0375  21  PRO A C   
30  O  O   . PRO A 7  ? 0.4415 0.2740 0.5422 0.0458  0.1169  0.0314  21  PRO A O   
31  C  CB  . PRO A 7  ? 0.5301 0.3396 0.6564 0.0601  0.1285  0.0713  21  PRO A CB  
32  C  CG  . PRO A 7  ? 0.5529 0.3424 0.7103 0.0636  0.1467  0.0641  21  PRO A CG  
33  C  CD  . PRO A 7  ? 0.5511 0.3208 0.7022 0.0457  0.1615  0.0384  21  PRO A CD  
34  N  N   . VAL A 8  ? 0.4043 0.2554 0.4678 0.0383  0.0984  0.0366  22  VAL A N   
35  C  CA  . VAL A 8  ? 0.3789 0.2491 0.4317 0.0384  0.0859  0.0298  22  VAL A CA  
36  C  C   . VAL A 8  ? 0.3603 0.2507 0.4024 0.0458  0.0700  0.0425  22  VAL A C   
37  O  O   . VAL A 8  ? 0.3831 0.2765 0.4117 0.0431  0.0666  0.0471  22  VAL A O   
38  C  CB  . VAL A 8  ? 0.3694 0.2419 0.4051 0.0239  0.0856  0.0116  22  VAL A CB  
39  C  CG1 . VAL A 8  ? 0.3413 0.2319 0.3679 0.0243  0.0734  0.0070  22  VAL A CG1 
40  C  CG2 . VAL A 8  ? 0.4028 0.2586 0.4465 0.0141  0.1018  -0.0037 22  VAL A CG2 
41  N  N   . VAL A 9  ? 0.3403 0.2458 0.3875 0.0537  0.0608  0.0465  23  VAL A N   
42  C  CA  . VAL A 9  ? 0.3238 0.2511 0.3586 0.0576  0.0458  0.0534  23  VAL A CA  
43  C  C   . VAL A 9  ? 0.3011 0.2380 0.3253 0.0513  0.0385  0.0387  23  VAL A C   
44  O  O   . VAL A 9  ? 0.2972 0.2316 0.3306 0.0499  0.0417  0.0307  23  VAL A O   
45  C  CB  . VAL A 9  ? 0.3517 0.2935 0.4005 0.0696  0.0393  0.0693  23  VAL A CB  
46  C  CG1 . VAL A 9  ? 0.3394 0.3072 0.3744 0.0707  0.0235  0.0706  23  VAL A CG1 
47  C  CG2 . VAL A 9  ? 0.3588 0.2943 0.4176 0.0771  0.0450  0.0891  23  VAL A CG2 
48  N  N   . TYR A 10 ? 0.2918 0.2387 0.2986 0.0475  0.0304  0.0358  24  TYR A N   
49  C  CA  . TYR A 10 ? 0.2978 0.2530 0.2989 0.0430  0.0241  0.0244  24  TYR A CA  
50  C  C   . TYR A 10 ? 0.2909 0.2635 0.2834 0.0453  0.0131  0.0253  24  TYR A C   
51  O  O   . TYR A 10 ? 0.2917 0.2702 0.2740 0.0465  0.0106  0.0311  24  TYR A O   
52  C  CB  . TYR A 10 ? 0.2921 0.2397 0.2847 0.0332  0.0284  0.0145  24  TYR A CB  
53  C  CG  . TYR A 10 ? 0.2905 0.2390 0.2705 0.0297  0.0279  0.0157  24  TYR A CG  
54  C  CD1 . TYR A 10 ? 0.2935 0.2315 0.2726 0.0270  0.0357  0.0195  24  TYR A CD1 
55  C  CD2 . TYR A 10 ? 0.2898 0.2492 0.2616 0.0291  0.0209  0.0127  24  TYR A CD2 
56  C  CE1 . TYR A 10 ? 0.3278 0.2682 0.2972 0.0233  0.0357  0.0208  24  TYR A CE1 
57  C  CE2 . TYR A 10 ? 0.3225 0.2840 0.2853 0.0264  0.0216  0.0137  24  TYR A CE2 
58  C  CZ  . TYR A 10 ? 0.3175 0.2708 0.2787 0.0237  0.0285  0.0184  24  TYR A CZ  
59  O  OH  . TYR A 10 ? 0.3475 0.3048 0.3012 0.0206  0.0297  0.0194  24  TYR A OH  
60  N  N   . TYR A 11 ? 0.3000 0.2817 0.2961 0.0445  0.0072  0.0181  25  TYR A N   
61  C  CA  . TYR A 11 ? 0.3061 0.3033 0.2958 0.0442  -0.0018 0.0141  25  TYR A CA  
62  C  C   . TYR A 11 ? 0.2996 0.2928 0.2851 0.0380  -0.0013 0.0032  25  TYR A C   
63  O  O   . TYR A 11 ? 0.3343 0.3196 0.3257 0.0346  0.0024  -0.0006 25  TYR A O   
64  C  CB  . TYR A 11 ? 0.2947 0.3046 0.2963 0.0466  -0.0078 0.0131  25  TYR A CB  
65  C  CG  . TYR A 11 ? 0.3158 0.3361 0.3252 0.0540  -0.0106 0.0262  25  TYR A CG  
66  C  CD1 . TYR A 11 ? 0.3133 0.3234 0.3378 0.0588  -0.0034 0.0335  25  TYR A CD1 
67  C  CD2 . TYR A 11 ? 0.3179 0.3593 0.3208 0.0559  -0.0195 0.0313  25  TYR A CD2 
68  C  CE1 . TYR A 11 ? 0.3474 0.3678 0.3839 0.0671  -0.0055 0.0482  25  TYR A CE1 
69  C  CE2 . TYR A 11 ? 0.3632 0.4184 0.3745 0.0633  -0.0233 0.0471  25  TYR A CE2 
70  C  CZ  . TYR A 11 ? 0.3501 0.3938 0.3800 0.0697  -0.0161 0.0566  25  TYR A CZ  
71  O  OH  . TYR A 11 ? 0.3861 0.4418 0.4303 0.0788  -0.0183 0.0749  25  TYR A OH  
72  N  N   . LEU A 12 ? 0.2833 0.2814 0.2586 0.0363  -0.0033 -0.0004 26  LEU A N   
73  C  CA  . LEU A 12 ? 0.2885 0.2834 0.2656 0.0321  -0.0025 -0.0091 26  LEU A CA  
74  C  C   . LEU A 12 ? 0.3339 0.3388 0.3148 0.0313  -0.0077 -0.0176 26  LEU A C   
75  O  O   . LEU A 12 ? 0.3309 0.3480 0.3052 0.0323  -0.0119 -0.0191 26  LEU A O   
76  C  CB  . LEU A 12 ? 0.3081 0.3019 0.2764 0.0308  0.0004  -0.0098 26  LEU A CB  
77  C  CG  . LEU A 12 ? 0.3012 0.2867 0.2658 0.0295  0.0058  -0.0029 26  LEU A CG  
78  C  CD1 . LEU A 12 ? 0.3376 0.3253 0.2963 0.0280  0.0085  -0.0036 26  LEU A CD1 
79  C  CD2 . LEU A 12 ? 0.3130 0.2908 0.2848 0.0256  0.0085  -0.0035 26  LEU A CD2 
80  N  N   . SER A 13 ? 0.2949 0.2954 0.2860 0.0284  -0.0069 -0.0232 27  SER A N   
81  C  CA  . SER A 13 ? 0.3501 0.3577 0.3484 0.0261  -0.0105 -0.0328 27  SER A CA  
82  C  C   . SER A 13 ? 0.3938 0.3944 0.3973 0.0236  -0.0064 -0.0392 27  SER A C   
83  O  O   . SER A 13 ? 0.3703 0.3618 0.3805 0.0230  -0.0028 -0.0348 27  SER A O   
84  C  CB  . SER A 13 ? 0.3697 0.3777 0.3808 0.0251  -0.0117 -0.0318 27  SER A CB  
85  O  OG  . SER A 13 ? 0.4342 0.4483 0.4547 0.0211  -0.0142 -0.0420 27  SER A OG  
86  N  N   . ARG A 14 ? 0.4369 0.4427 0.4381 0.0222  -0.0063 -0.0495 28  ARG A N   
87  C  CA  . ARG A 14 ? 0.6030 0.6003 0.6143 0.0210  -0.0004 -0.0559 28  ARG A CA  
88  C  C   . ARG A 14 ? 0.7497 0.7472 0.7744 0.0163  -0.0003 -0.0682 28  ARG A C   
89  O  O   . ARG A 14 ? 0.7729 0.7635 0.8120 0.0148  0.0006  -0.0655 28  ARG A O   
90  C  CB  . ARG A 14 ? 0.6410 0.6409 0.6427 0.0225  0.0033  -0.0594 28  ARG A CB  
91  C  CG  . ARG A 14 ? 0.6592 0.6581 0.6508 0.0257  0.0041  -0.0469 28  ARG A CG  
92  C  CD  . ARG A 14 ? 0.8280 0.8321 0.8112 0.0265  0.0083  -0.0521 28  ARG A CD  
93  N  NE  . ARG A 14 ? 0.8979 0.9017 0.8738 0.0285  0.0109  -0.0424 28  ARG A NE  
94  C  CZ  . ARG A 14 ? 0.9526 0.9604 0.9147 0.0290  0.0087  -0.0342 28  ARG A CZ  
95  N  NH1 . ARG A 14 ? 0.9589 0.9725 0.9135 0.0291  0.0033  -0.0322 28  ARG A NH1 
96  N  NH2 . ARG A 14 ? 0.9497 0.9564 0.9079 0.0294  0.0124  -0.0270 28  ARG A NH2 
97  N  N   . ASN A 15 ? 0.8809 0.8880 0.9002 0.0129  -0.0009 -0.0820 29  ASN A N   
98  C  CA  . ASN A 15 ? 0.9807 0.9915 1.0106 0.0061  -0.0014 -0.0969 29  ASN A CA  
99  C  C   . ASN A 15 ? 1.1035 1.1287 1.1309 0.0042  -0.0105 -0.0937 29  ASN A C   
100 O  O   . ASN A 15 ? 1.1260 1.1535 1.1669 -0.0014 -0.0118 -0.1011 29  ASN A O   
101 C  CB  . ASN A 15 ? 0.9604 0.9793 0.9830 0.0013  0.0018  -0.1150 29  ASN A CB  
102 C  CG  . ASN A 15 ? 0.9679 0.9753 0.9923 0.0054  0.0114  -0.1160 29  ASN A CG  
103 O  OD1 . ASN A 15 ? 1.0852 1.0761 1.1293 0.0073  0.0189  -0.1153 29  ASN A OD1 
104 N  ND2 . ASN A 15 ? 0.9417 0.9588 0.9473 0.0071  0.0116  -0.1156 29  ASN A ND2 
105 N  N   . GLY A 16 ? 1.1354 1.1706 1.1483 0.0088  -0.0161 -0.0819 30  GLY A N   
106 C  CA  . GLY A 16 ? 1.1064 1.1576 1.1189 0.0089  -0.0244 -0.0763 30  GLY A CA  
107 C  C   . GLY A 16 ? 1.1517 1.2157 1.1468 0.0138  -0.0291 -0.0655 30  GLY A C   
108 O  O   . GLY A 16 ? 1.2738 1.3599 1.2625 0.0117  -0.0366 -0.0666 30  GLY A O   
109 N  N   . ARG A 17 ? 1.0824 1.1333 1.0707 0.0193  -0.0244 -0.0549 31  ARG A N   
110 C  CA  . ARG A 17 ? 1.0661 1.1222 1.0440 0.0251  -0.0266 -0.0403 31  ARG A CA  
111 C  C   . ARG A 17 ? 1.0032 1.0775 0.9635 0.0239  -0.0301 -0.0414 31  ARG A C   
112 O  O   . ARG A 17 ? 0.9545 1.0440 0.9095 0.0271  -0.0359 -0.0297 31  ARG A O   
113 C  CB  . ARG A 17 ? 1.0736 1.1359 1.0619 0.0288  -0.0311 -0.0300 31  ARG A CB  
114 C  CG  . ARG A 17 ? 1.0717 1.1156 1.0667 0.0332  -0.0250 -0.0200 31  ARG A CG  
115 C  CD  . ARG A 17 ? 1.0868 1.1415 1.0902 0.0388  -0.0288 -0.0082 31  ARG A CD  
116 N  NE  . ARG A 17 ? 1.1220 1.1740 1.1431 0.0381  -0.0276 -0.0104 31  ARG A NE  
117 C  CZ  . ARG A 17 ? 1.1457 1.2049 1.1810 0.0431  -0.0286 -0.0017 31  ARG A CZ  
118 N  NH1 . ARG A 17 ? 1.1307 1.1990 1.1662 0.0500  -0.0311 0.0116  31  ARG A NH1 
119 N  NH2 . ARG A 17 ? 1.1810 1.2395 1.2322 0.0416  -0.0267 -0.0054 31  ARG A NH2 
120 N  N   . LEU A 18 ? 0.9282 1.0010 0.8808 0.0197  -0.0256 -0.0541 32  LEU A N   
121 C  CA  . LEU A 18 ? 0.8786 0.9708 0.8128 0.0161  -0.0273 -0.0593 32  LEU A CA  
122 C  C   . LEU A 18 ? 0.7786 0.8759 0.6984 0.0214  -0.0277 -0.0415 32  LEU A C   
123 O  O   . LEU A 18 ? 0.8302 0.9410 0.7328 0.0186  -0.0266 -0.0441 32  LEU A O   
124 C  CB  . LEU A 18 ? 0.8305 0.9156 0.7622 0.0115  -0.0186 -0.0769 32  LEU A CB  
125 C  CG  . LEU A 18 ? 0.8288 0.9039 0.7777 0.0064  -0.0145 -0.0948 32  LEU A CG  
126 C  CD1 . LEU A 18 ? 0.7830 0.8327 0.7473 0.0110  -0.0066 -0.0908 32  LEU A CD1 
127 C  CD2 . LEU A 18 ? 0.8447 0.9298 0.7857 -0.0015 -0.0095 -0.1163 32  LEU A CD2 
128 N  N   . ASP A 19 ? 0.6777 0.7641 0.6045 0.0282  -0.0277 -0.0243 33  ASP A N   
129 C  CA  . ASP A 19 ? 0.5798 0.6641 0.4970 0.0327  -0.0248 -0.0081 33  ASP A CA  
130 C  C   . ASP A 19 ? 0.5021 0.5835 0.4290 0.0396  -0.0272 0.0106  33  ASP A C   
131 O  O   . ASP A 19 ? 0.4878 0.5624 0.4308 0.0416  -0.0284 0.0109  33  ASP A O   
132 C  CB  . ASP A 19 ? 0.5710 0.6364 0.4866 0.0326  -0.0151 -0.0109 33  ASP A CB  
133 C  CG  . ASP A 19 ? 0.5792 0.6426 0.4850 0.0352  -0.0108 0.0037  33  ASP A CG  
134 O  OD1 . ASP A 19 ? 0.5251 0.6067 0.4172 0.0353  -0.0138 0.0116  33  ASP A OD1 
135 O  OD2 . ASP A 19 ? 0.5346 0.5797 0.4466 0.0362  -0.0045 0.0079  33  ASP A OD2 
136 N  N   . HIS A 20 ? 0.4479 0.5348 0.3662 0.0432  -0.0265 0.0269  34  HIS A N   
137 C  CA  . HIS A 20 ? 0.4029 0.4845 0.3325 0.0505  -0.0259 0.0462  34  HIS A CA  
138 C  C   . HIS A 20 ? 0.3401 0.3927 0.2819 0.0513  -0.0168 0.0439  34  HIS A C   
139 O  O   . HIS A 20 ? 0.3484 0.3883 0.2858 0.0467  -0.0113 0.0330  34  HIS A O   
140 C  CB  . HIS A 20 ? 0.4094 0.4969 0.3278 0.0532  -0.0236 0.0641  34  HIS A CB  
141 C  CG  . HIS A 20 ? 0.4487 0.5669 0.3488 0.0504  -0.0312 0.0669  34  HIS A CG  
142 N  ND1 . HIS A 20 ? 0.4618 0.6073 0.3638 0.0510  -0.0425 0.0708  34  HIS A ND1 
143 C  CD2 . HIS A 20 ? 0.4687 0.5974 0.3480 0.0462  -0.0288 0.0667  34  HIS A CD2 
144 C  CE1 . HIS A 20 ? 0.4751 0.6478 0.3559 0.0466  -0.0475 0.0730  34  HIS A CE1 
145 N  NE2 . HIS A 20 ? 0.4992 0.6612 0.3655 0.0437  -0.0384 0.0702  34  HIS A NE2 
146 N  N   . PRO A 21 ? 0.3176 0.3614 0.2762 0.0566  -0.0147 0.0536  35  PRO A N   
147 C  CA  . PRO A 21 ? 0.3165 0.3351 0.2848 0.0563  -0.0050 0.0521  35  PRO A CA  
148 C  C   . PRO A 21 ? 0.3118 0.3188 0.2732 0.0555  0.0030  0.0601  35  PRO A C   
149 O  O   . PRO A 21 ? 0.3231 0.3414 0.2731 0.0565  0.0010  0.0693  35  PRO A O   
150 C  CB  . PRO A 21 ? 0.3355 0.3514 0.3243 0.0628  -0.0038 0.0609  35  PRO A CB  
151 C  CG  . PRO A 21 ? 0.3437 0.3820 0.3324 0.0691  -0.0115 0.0777  35  PRO A CG  
152 C  CD  . PRO A 21 ? 0.3577 0.4174 0.3276 0.0635  -0.0210 0.0679  35  PRO A CD  
153 N  N   . HIS A 22 ? 0.3257 0.3122 0.2928 0.0518  0.0117  0.0543  36  HIS A N   
154 C  CA  . HIS A 22 ? 0.3234 0.2957 0.2879 0.0488  0.0208  0.0587  36  HIS A CA  
155 C  C   . HIS A 22 ? 0.3228 0.2772 0.3043 0.0511  0.0299  0.0651  36  HIS A C   
156 O  O   . HIS A 22 ? 0.3351 0.2846 0.3287 0.0523  0.0310  0.0593  36  HIS A O   
157 C  CB  . HIS A 22 ? 0.3337 0.2996 0.2919 0.0403  0.0236  0.0446  36  HIS A CB  
158 C  CG  . HIS A 22 ? 0.3790 0.3584 0.3234 0.0383  0.0192  0.0402  36  HIS A CG  
159 N  ND1 . HIS A 22 ? 0.4765 0.4681 0.4176 0.0387  0.0118  0.0310  36  HIS A ND1 
160 C  CD2 . HIS A 22 ? 0.4043 0.3870 0.3389 0.0359  0.0224  0.0434  36  HIS A CD2 
161 C  CE1 . HIS A 22 ? 0.4450 0.4457 0.3751 0.0366  0.0115  0.0273  36  HIS A CE1 
162 N  NE2 . HIS A 22 ? 0.4955 0.4923 0.4211 0.0353  0.0176  0.0352  36  HIS A NE2 
163 N  N   . PHE A 23 ? 0.3302 0.2739 0.3140 0.0513  0.0382  0.0759  37  PHE A N   
164 C  CA  . PHE A 23 ? 0.3558 0.2778 0.3574 0.0517  0.0505  0.0792  37  PHE A CA  
165 C  C   . PHE A 23 ? 0.3652 0.2717 0.3629 0.0408  0.0603  0.0704  37  PHE A C   
166 O  O   . PHE A 23 ? 0.3744 0.2851 0.3611 0.0379  0.0603  0.0752  37  PHE A O   
167 C  CB  . PHE A 23 ? 0.3839 0.3043 0.3969 0.0608  0.0540  0.1020  37  PHE A CB  
168 C  CG  . PHE A 23 ? 0.4242 0.3179 0.4593 0.0611  0.0699  0.1049  37  PHE A CG  
169 C  CD1 . PHE A 23 ? 0.4627 0.3385 0.4981 0.0535  0.0816  0.1046  37  PHE A CD1 
170 C  CD2 . PHE A 23 ? 0.4672 0.3532 0.5246 0.0677  0.0747  0.1054  37  PHE A CD2 
171 C  CE1 . PHE A 23 ? 0.5106 0.3600 0.5680 0.0524  0.0982  0.1051  37  PHE A CE1 
172 C  CE2 . PHE A 23 ? 0.5281 0.3878 0.6083 0.0679  0.0918  0.1062  37  PHE A CE2 
173 C  CZ  . PHE A 23 ? 0.5212 0.3615 0.6014 0.0598  0.1039  0.1052  37  PHE A CZ  
174 N  N   . ILE A 24 ? 0.3545 0.2458 0.3606 0.0342  0.0688  0.0572  38  ILE A N   
175 C  CA  . ILE A 24 ? 0.3732 0.2515 0.3777 0.0222  0.0787  0.0482  38  ILE A CA  
176 C  C   . ILE A 24 ? 0.3819 0.2375 0.4051 0.0196  0.0937  0.0437  38  ILE A C   
177 O  O   . ILE A 24 ? 0.3847 0.2369 0.4203 0.0260  0.0953  0.0429  38  ILE A O   
178 C  CB  . ILE A 24 ? 0.3684 0.2568 0.3596 0.0120  0.0733  0.0320  38  ILE A CB  
179 C  CG1 . ILE A 24 ? 0.3473 0.2385 0.3414 0.0121  0.0704  0.0213  38  ILE A CG1 
180 C  CG2 . ILE A 24 ? 0.3759 0.2834 0.3523 0.0140  0.0620  0.0355  38  ILE A CG2 
181 C  CD1 . ILE A 24 ? 0.3151 0.2158 0.2984 0.0009  0.0668  0.0077  38  ILE A CD1 
182 N  N   . GLU A 25 ? 0.4041 0.2452 0.4296 0.0087  0.1052  0.0382  39  GLU A N   
183 C  CA  . GLU A 25 ? 0.4393 0.2581 0.4814 0.0022  0.1215  0.0273  39  GLU A CA  
184 C  C   . GLU A 25 ? 0.4326 0.2556 0.4633 -0.0143 0.1227  0.0047  39  GLU A C   
185 O  O   . GLU A 25 ? 0.4393 0.2747 0.4552 -0.0233 0.1167  0.0010  39  GLU A O   
186 C  CB  . GLU A 25 ? 0.5087 0.3075 0.5640 0.0006  0.1351  0.0369  39  GLU A CB  
187 C  CG  . GLU A 25 ? 0.5554 0.3519 0.6246 0.0179  0.1342  0.0622  39  GLU A CG  
188 C  CD  . GLU A 25 ? 0.6623 0.4356 0.7501 0.0175  0.1501  0.0742  39  GLU A CD  
189 O  OE1 . GLU A 25 ? 0.6882 0.4562 0.7694 0.0046  0.1556  0.0679  39  GLU A OE1 
190 O  OE2 . GLU A 25 ? 0.7271 0.4882 0.8383 0.0300  0.1573  0.0899  39  GLU A OE2 
191 N  N   . VAL A 26 ? 0.4265 0.2436 0.4637 -0.0176 0.1293  -0.0093 40  VAL A N   
192 C  CA  . VAL A 26 ? 0.4558 0.2823 0.4798 -0.0335 0.1290  -0.0293 40  VAL A CA  
193 C  C   . VAL A 26 ? 0.4940 0.3016 0.5274 -0.0481 0.1481  -0.0473 40  VAL A C   
194 O  O   . VAL A 26 ? 0.5322 0.3227 0.5828 -0.0441 0.1609  -0.0520 40  VAL A O   
195 C  CB  . VAL A 26 ? 0.4264 0.2673 0.4448 -0.0287 0.1201  -0.0330 40  VAL A CB  
196 C  CG1 . VAL A 26 ? 0.4561 0.3079 0.4611 -0.0456 0.1211  -0.0516 40  VAL A CG1 
197 C  CG2 . VAL A 26 ? 0.4270 0.2867 0.4351 -0.0179 0.1021  -0.0188 40  VAL A CG2 
198 N  N   . PRO A 27 ? 0.5143 0.3264 0.5375 -0.0663 0.1508  -0.0597 41  PRO A N   
199 C  CA  . PRO A 27 ? 0.5691 0.3673 0.5982 -0.0840 0.1686  -0.0819 41  PRO A CA  
200 C  C   . PRO A 27 ? 0.5770 0.3841 0.5989 -0.0907 0.1706  -0.0990 41  PRO A C   
201 O  O   . PRO A 27 ? 0.5695 0.4022 0.5729 -0.0931 0.1559  -0.0989 41  PRO A O   
202 C  CB  . PRO A 27 ? 0.5662 0.3757 0.5836 -0.1024 0.1668  -0.0892 41  PRO A CB  
203 C  CG  . PRO A 27 ? 0.5231 0.3430 0.5363 -0.0902 0.1527  -0.0667 41  PRO A CG  
204 C  CD  . PRO A 27 ? 0.5142 0.3445 0.5233 -0.0712 0.1391  -0.0532 41  PRO A CD  
205 N  N   . LEU A 28 ? 0.6633 0.4485 0.7016 -0.0933 0.1898  -0.1125 42  LEU A N   
206 C  CA  . LEU A 28 ? 0.7011 0.4908 0.7355 -0.1010 0.1972  -0.1315 42  LEU A CA  
207 C  C   . LEU A 28 ? 0.7438 0.5448 0.7612 -0.1283 0.2033  -0.1567 42  LEU A C   
208 O  O   . LEU A 28 ? 0.8114 0.6017 0.8327 -0.1420 0.2133  -0.1666 42  LEU A O   
209 C  CB  . LEU A 28 ? 0.7420 0.5019 0.8052 -0.0927 0.2185  -0.1366 42  LEU A CB  
210 C  CG  . LEU A 28 ? 0.7566 0.5155 0.8345 -0.0686 0.2125  -0.1178 42  LEU A CG  
211 C  CD1 . LEU A 28 ? 0.8214 0.5598 0.9250 -0.0646 0.2340  -0.1292 42  LEU A CD1 
212 C  CD2 . LEU A 28 ? 0.7264 0.5156 0.7823 -0.0657 0.1919  -0.1121 42  LEU A CD2 
213 N  N   . SER A 29 ? 0.7345 0.5592 0.7330 -0.1368 0.1972  -0.1666 43  SER A N   
214 C  CA  . SER A 29 ? 0.7652 0.6072 0.7449 -0.1634 0.2021  -0.1904 43  SER A CA  
215 C  C   . SER A 29 ? 0.8113 0.6355 0.8007 -0.1729 0.2264  -0.2159 43  SER A C   
216 O  O   . SER A 29 ? 0.8197 0.6403 0.8059 -0.1953 0.2412  -0.2405 43  SER A O   
217 C  CB  . SER A 29 ? 0.7502 0.6306 0.7040 -0.1679 0.1821  -0.1841 43  SER A CB  
218 O  OG  . SER A 29 ? 0.8072 0.6907 0.7629 -0.1514 0.1761  -0.1731 43  SER A OG  
219 N  N   . SER A 30 ? 0.7913 0.6048 0.7944 -0.1561 0.2316  -0.2110 44  SER A N   
220 C  CA  . SER A 30 ? 0.8135 0.6065 0.8326 -0.1602 0.2569  -0.2328 44  SER A CA  
221 C  C   . SER A 30 ? 0.8082 0.5671 0.8644 -0.1370 0.2686  -0.2197 44  SER A C   
222 O  O   . SER A 30 ? 0.8305 0.5908 0.8950 -0.1147 0.2540  -0.1930 44  SER A O   
223 C  CB  . SER A 30 ? 0.8313 0.6444 0.8374 -0.1622 0.2556  -0.2399 44  SER A CB  
224 O  OG  . SER A 30 ? 0.8769 0.6659 0.9092 -0.1543 0.2782  -0.2508 44  SER A OG  
225 N  N   . HIS A 31 ? 0.8851 0.6155 0.9649 -0.1421 0.2961  -0.2395 45  HIS A N   
226 C  CA  . HIS A 31 ? 0.8869 0.5846 1.0052 -0.1205 0.3074  -0.2236 45  HIS A CA  
227 C  C   . HIS A 31 ? 0.8710 0.5648 1.0113 -0.1001 0.3123  -0.2154 45  HIS A C   
228 O  O   . HIS A 31 ? 0.9204 0.5893 1.0968 -0.0819 0.3239  -0.2028 45  HIS A O   
229 C  CB  . HIS A 31 ? 0.9774 0.6425 1.1160 -0.1325 0.3313  -0.2394 45  HIS A CB  
230 C  CG  . HIS A 31 ? 1.0047 0.6770 1.1261 -0.1445 0.3192  -0.2344 45  HIS A CG  
231 N  ND1 . HIS A 31 ? 0.9568 0.6603 1.0507 -0.1411 0.2898  -0.2147 45  HIS A ND1 
232 C  CD2 . HIS A 31 ? 1.0282 0.6807 1.1585 -0.1593 0.3329  -0.2455 45  HIS A CD2 
233 C  CE1 . HIS A 31 ? 0.9559 0.6602 1.0423 -0.1532 0.2862  -0.2144 45  HIS A CE1 
234 N  NE2 . HIS A 31 ? 1.0039 0.6776 1.1117 -0.1649 0.3119  -0.2330 45  HIS A NE2 
235 N  N   . ASN A 32 ? 0.7640 0.4846 0.8847 -0.1016 0.3021  -0.2188 46  ASN A N   
236 C  CA  . ASN A 32 ? 0.7417 0.4604 0.8859 -0.0818 0.3060  -0.2093 46  ASN A CA  
237 C  C   . ASN A 32 ? 0.7014 0.4482 0.8305 -0.0685 0.2783  -0.1856 46  ASN A C   
238 O  O   . ASN A 32 ? 0.6587 0.4123 0.8009 -0.0564 0.2792  -0.1809 46  ASN A O   
239 C  CB  . ASN A 32 ? 0.7602 0.4851 0.9007 -0.0942 0.3232  -0.2364 46  ASN A CB  
240 C  CG  . ASN A 32 ? 0.8170 0.5206 0.9627 -0.1151 0.3510  -0.2689 46  ASN A CG  
241 O  OD1 . ASN A 32 ? 0.8876 0.6078 1.0040 -0.1396 0.3546  -0.2939 46  ASN A OD1 
242 N  ND2 . ASN A 32 ? 0.8065 0.4748 0.9890 -0.1061 0.3699  -0.2674 46  ASN A ND2 
243 N  N   . GLY A 33 ? 0.6524 0.4153 0.7562 -0.0717 0.2559  -0.1725 47  GLY A N   
244 C  CA  . GLY A 33 ? 0.6051 0.3959 0.6902 -0.0645 0.2315  -0.1562 47  GLY A CA  
245 C  C   . GLY A 33 ? 0.5579 0.3652 0.6172 -0.0693 0.2097  -0.1445 47  GLY A C   
246 O  O   . GLY A 33 ? 0.5769 0.3901 0.6165 -0.0875 0.2092  -0.1559 47  GLY A O   
247 N  N   . LEU A 34 ? 0.5249 0.3448 0.5832 -0.0536 0.1904  -0.1224 48  LEU A N   
248 C  CA  . LEU A 34 ? 0.4750 0.3121 0.5121 -0.0544 0.1693  -0.1096 48  LEU A CA  
249 C  C   . LEU A 34 ? 0.4470 0.3105 0.4631 -0.0605 0.1567  -0.1107 48  LEU A C   
250 O  O   . LEU A 34 ? 0.4778 0.3463 0.5010 -0.0540 0.1575  -0.1100 48  LEU A O   
251 C  CB  . LEU A 34 ? 0.4383 0.2722 0.4898 -0.0333 0.1583  -0.0861 48  LEU A CB  
252 C  CG  . LEU A 34 ? 0.4271 0.2783 0.4608 -0.0304 0.1370  -0.0716 48  LEU A CG  
253 C  CD1 . LEU A 34 ? 0.4567 0.3041 0.4801 -0.0399 0.1367  -0.0725 48  LEU A CD1 
254 C  CD2 . LEU A 34 ? 0.4063 0.2594 0.4526 -0.0110 0.1269  -0.0520 48  LEU A CD2 
255 N  N   . TYR A 35 ? 0.4385 0.3188 0.4316 -0.0731 0.1461  -0.1116 49  TYR A N   
256 C  CA  . TYR A 35 ? 0.4219 0.3280 0.3968 -0.0777 0.1330  -0.1079 49  TYR A CA  
257 C  C   . TYR A 35 ? 0.4010 0.3174 0.3709 -0.0685 0.1137  -0.0890 49  TYR A C   
258 O  O   . TYR A 35 ? 0.4088 0.3180 0.3807 -0.0658 0.1110  -0.0834 49  TYR A O   
259 C  CB  . TYR A 35 ? 0.4482 0.3707 0.4020 -0.1004 0.1364  -0.1229 49  TYR A CB  
260 C  CG  . TYR A 35 ? 0.4814 0.3972 0.4373 -0.1117 0.1565  -0.1446 49  TYR A CG  
261 C  CD1 . TYR A 35 ? 0.5047 0.3961 0.4747 -0.1151 0.1752  -0.1593 49  TYR A CD1 
262 C  CD2 . TYR A 35 ? 0.4809 0.4136 0.4268 -0.1181 0.1580  -0.1497 49  TYR A CD2 
263 C  CE1 . TYR A 35 ? 0.5297 0.4134 0.5044 -0.1252 0.1962  -0.1815 49  TYR A CE1 
264 C  CE2 . TYR A 35 ? 0.5246 0.4525 0.4714 -0.1293 0.1780  -0.1714 49  TYR A CE2 
265 C  CZ  . TYR A 35 ? 0.5198 0.4227 0.4816 -0.1326 0.1975  -0.1882 49  TYR A CZ  
266 O  OH  . TYR A 35 ? 0.5522 0.4518 0.5156 -0.1438 0.2184  -0.2112 49  TYR A OH  
267 N  N   . LEU A 36 ? 0.3733 0.3067 0.3370 -0.0651 0.1021  -0.0806 50  LEU A N   
268 C  CA  . LEU A 36 ? 0.3796 0.3207 0.3414 -0.0558 0.0861  -0.0646 50  LEU A CA  
269 C  C   . LEU A 36 ? 0.3960 0.3459 0.3460 -0.0655 0.0812  -0.0640 50  LEU A C   
270 O  O   . LEU A 36 ? 0.3570 0.3043 0.3095 -0.0582 0.0743  -0.0548 50  LEU A O   
271 C  CB  . LEU A 36 ? 0.3572 0.3134 0.3170 -0.0516 0.0758  -0.0561 50  LEU A CB  
272 C  CG  . LEU A 36 ? 0.3470 0.3109 0.3057 -0.0439 0.0613  -0.0424 50  LEU A CG  
273 C  CD1 . LEU A 36 ? 0.3414 0.2928 0.3118 -0.0289 0.0581  -0.0358 50  LEU A CD1 
274 C  CD2 . LEU A 36 ? 0.3745 0.3517 0.3334 -0.0415 0.0530  -0.0345 50  LEU A CD2 
275 N  N   . LYS A 37 ? 0.3882 0.3506 0.3253 -0.0831 0.0854  -0.0745 51  LYS A N   
276 C  CA  . LYS A 37 ? 0.3928 0.3681 0.3201 -0.0940 0.0805  -0.0743 51  LYS A CA  
277 C  C   . LYS A 37 ? 0.3892 0.3456 0.3248 -0.0925 0.0872  -0.0773 51  LYS A C   
278 O  O   . LYS A 37 ? 0.3889 0.3528 0.3223 -0.0936 0.0802  -0.0707 51  LYS A O   
279 C  CB  . LYS A 37 ? 0.4358 0.4309 0.3475 -0.1152 0.0844  -0.0865 51  LYS A CB  
280 C  CG  . LYS A 37 ? 0.5456 0.5261 0.4574 -0.1265 0.1027  -0.1079 51  LYS A CG  
281 C  CD  . LYS A 37 ? 0.6080 0.6116 0.5009 -0.1504 0.1073  -0.1230 51  LYS A CD  
282 C  CE  . LYS A 37 ? 0.7088 0.6960 0.6036 -0.1646 0.1261  -0.1469 51  LYS A CE  
283 N  NZ  . LYS A 37 ? 0.7431 0.7107 0.6466 -0.1625 0.1435  -0.1611 51  LYS A NZ  
284 N  N   . ASP A 38 ? 0.4161 0.3483 0.3631 -0.0896 0.1013  -0.0859 52  ASP A N   
285 C  CA  . ASP A 38 ? 0.4350 0.3478 0.3923 -0.0876 0.1087  -0.0859 52  ASP A CA  
286 C  C   . ASP A 38 ? 0.4051 0.3155 0.3681 -0.0706 0.0977  -0.0670 52  ASP A C   
287 O  O   . ASP A 38 ? 0.3784 0.2880 0.3412 -0.0719 0.0960  -0.0621 52  ASP A O   
288 C  CB  . ASP A 38 ? 0.4698 0.3562 0.4430 -0.0852 0.1266  -0.0954 52  ASP A CB  
289 C  CG  . ASP A 38 ? 0.5213 0.4081 0.4890 -0.1038 0.1408  -0.1181 52  ASP A CG  
290 O  OD1 . ASP A 38 ? 0.5666 0.4672 0.5206 -0.1217 0.1401  -0.1277 52  ASP A OD1 
291 O  OD2 . ASP A 38 ? 0.5399 0.4154 0.5173 -0.1009 0.1525  -0.1264 52  ASP A OD2 
292 N  N   . VAL A 39 ? 0.3806 0.2913 0.3487 -0.0555 0.0910  -0.0574 53  VAL A N   
293 C  CA  . VAL A 39 ? 0.3561 0.2684 0.3277 -0.0404 0.0803  -0.0417 53  VAL A CA  
294 C  C   . VAL A 39 ? 0.3374 0.2685 0.2983 -0.0431 0.0683  -0.0360 53  VAL A C   
295 O  O   . VAL A 39 ? 0.3441 0.2754 0.3051 -0.0392 0.0648  -0.0286 53  VAL A O   
296 C  CB  . VAL A 39 ? 0.3603 0.2731 0.3390 -0.0275 0.0757  -0.0361 53  VAL A CB  
297 C  CG1 . VAL A 39 ? 0.3584 0.2762 0.3378 -0.0147 0.0642  -0.0227 53  VAL A CG1 
298 C  CG2 . VAL A 39 ? 0.3688 0.2647 0.3627 -0.0233 0.0882  -0.0404 53  VAL A CG2 
299 N  N   . ILE A 40 ? 0.3223 0.2702 0.2750 -0.0508 0.0631  -0.0390 54  ILE A N   
300 C  CA  . ILE A 40 ? 0.3353 0.3023 0.2825 -0.0521 0.0523  -0.0316 54  ILE A CA  
301 C  C   . ILE A 40 ? 0.3394 0.3121 0.2832 -0.0627 0.0543  -0.0338 54  ILE A C   
302 O  O   . ILE A 40 ? 0.3400 0.3199 0.2854 -0.0588 0.0483  -0.0259 54  ILE A O   
303 C  CB  . ILE A 40 ? 0.3444 0.3294 0.2860 -0.0580 0.0470  -0.0312 54  ILE A CB  
304 C  CG1 . ILE A 40 ? 0.3882 0.3684 0.3350 -0.0483 0.0453  -0.0286 54  ILE A CG1 
305 C  CG2 . ILE A 40 ? 0.3739 0.3793 0.3141 -0.0592 0.0368  -0.0215 54  ILE A CG2 
306 C  CD1 . ILE A 40 ? 0.4198 0.3953 0.3744 -0.0337 0.0387  -0.0200 54  ILE A CD1 
307 N  N   . ASN A 41 ? 0.3519 0.3209 0.2924 -0.0771 0.0639  -0.0463 55  ASN A N   
308 C  CA  . ASN A 41 ? 0.3694 0.3430 0.3086 -0.0885 0.0667  -0.0497 55  ASN A CA  
309 C  C   . ASN A 41 ? 0.3580 0.3162 0.3053 -0.0793 0.0694  -0.0426 55  ASN A C   
310 O  O   . ASN A 41 ? 0.3652 0.3334 0.3130 -0.0821 0.0662  -0.0378 55  ASN A O   
311 C  CB  . ASN A 41 ? 0.4390 0.4076 0.3746 -0.1066 0.0790  -0.0674 55  ASN A CB  
312 C  CG  . ASN A 41 ? 0.4937 0.4871 0.4169 -0.1204 0.0749  -0.0739 55  ASN A CG  
313 O  OD1 . ASN A 41 ? 0.5467 0.5644 0.4657 -0.1193 0.0623  -0.0631 55  ASN A OD1 
314 N  ND2 . ASN A 41 ? 0.5353 0.5239 0.4536 -0.1336 0.0862  -0.0910 55  ASN A ND2 
315 N  N   . ARG A 42 ? 0.3586 0.2945 0.3133 -0.0684 0.0758  -0.0406 56  ARG A N   
316 C  CA  . ARG A 42 ? 0.3430 0.2660 0.3043 -0.0595 0.0785  -0.0313 56  ARG A CA  
317 C  C   . ARG A 42 ? 0.3234 0.2595 0.2817 -0.0480 0.0665  -0.0188 56  ARG A C   
318 O  O   . ARG A 42 ? 0.3108 0.2494 0.2696 -0.0466 0.0661  -0.0124 56  ARG A O   
319 C  CB  . ARG A 42 ? 0.3830 0.2831 0.3547 -0.0496 0.0870  -0.0292 56  ARG A CB  
320 C  CG  . ARG A 42 ? 0.3880 0.2770 0.3665 -0.0388 0.0889  -0.0155 56  ARG A CG  
321 C  CD  . ARG A 42 ? 0.4310 0.3162 0.4104 -0.0508 0.0965  -0.0180 56  ARG A CD  
322 N  NE  . ARG A 42 ? 0.4815 0.3507 0.4700 -0.0425 0.1031  -0.0051 56  ARG A NE  
323 C  CZ  . ARG A 42 ? 0.5268 0.3929 0.5172 -0.0482 0.1085  -0.0008 56  ARG A CZ  
324 N  NH1 . ARG A 42 ? 0.5300 0.4079 0.5152 -0.0628 0.1080  -0.0098 56  ARG A NH1 
325 N  NH2 . ARG A 42 ? 0.5845 0.4367 0.5832 -0.0400 0.1145  0.0136  56  ARG A NH2 
326 N  N   . LEU A 43 ? 0.3053 0.2488 0.2619 -0.0395 0.0583  -0.0162 57  LEU A N   
327 C  CA  . LEU A 43 ? 0.2814 0.2363 0.2367 -0.0299 0.0488  -0.0074 57  LEU A CA  
328 C  C   . LEU A 43 ? 0.2831 0.2564 0.2367 -0.0369 0.0444  -0.0064 57  LEU A C   
329 O  O   . LEU A 43 ? 0.2864 0.2664 0.2412 -0.0316 0.0416  -0.0003 57  LEU A O   
330 C  CB  . LEU A 43 ? 0.2944 0.2534 0.2504 -0.0219 0.0418  -0.0066 57  LEU A CB  
331 C  CG  . LEU A 43 ? 0.3152 0.2615 0.2754 -0.0120 0.0434  -0.0045 57  LEU A CG  
332 C  CD1 . LEU A 43 ? 0.3203 0.2715 0.2826 -0.0076 0.0377  -0.0059 57  LEU A CD1 
333 C  CD2 . LEU A 43 ? 0.3016 0.2467 0.2613 -0.0027 0.0414  0.0038  57  LEU A CD2 
334 N  N   . ASN A 44 ? 0.2948 0.2801 0.2463 -0.0484 0.0434  -0.0116 58  ASN A N   
335 C  CA  . ASN A 44 ? 0.3046 0.3115 0.2573 -0.0554 0.0387  -0.0085 58  ASN A CA  
336 C  C   . ASN A 44 ? 0.3258 0.3308 0.2808 -0.0599 0.0441  -0.0083 58  ASN A C   
337 O  O   . ASN A 44 ? 0.3021 0.3214 0.2616 -0.0577 0.0405  -0.0020 58  ASN A O   
338 C  CB  . ASN A 44 ? 0.2949 0.3177 0.2429 -0.0703 0.0373  -0.0143 58  ASN A CB  
339 C  CG  . ASN A 44 ? 0.3048 0.3351 0.2514 -0.0661 0.0311  -0.0110 58  ASN A CG  
340 O  OD1 . ASN A 44 ? 0.3058 0.3307 0.2569 -0.0530 0.0274  -0.0050 58  ASN A OD1 
341 N  ND2 . ASN A 44 ? 0.3458 0.3899 0.2856 -0.0790 0.0304  -0.0155 58  ASN A ND2 
342 N  N   . ASP A 45 ? 0.3212 0.3084 0.2751 -0.0665 0.0540  -0.0149 59  ASP A N   
343 C  CA  . ASP A 45 ? 0.3699 0.3536 0.3275 -0.0717 0.0606  -0.0137 59  ASP A CA  
344 C  C   . ASP A 45 ? 0.3430 0.3208 0.3023 -0.0577 0.0602  -0.0030 59  ASP A C   
345 O  O   . ASP A 45 ? 0.3579 0.3459 0.3197 -0.0584 0.0605  0.0019  59  ASP A O   
346 C  CB  . ASP A 45 ? 0.4089 0.3721 0.3683 -0.0818 0.0731  -0.0230 59  ASP A CB  
347 C  CG  . ASP A 45 ? 0.5149 0.4890 0.4714 -0.1010 0.0754  -0.0367 59  ASP A CG  
348 O  OD1 . ASP A 45 ? 0.5124 0.5143 0.4659 -0.1081 0.0664  -0.0361 59  ASP A OD1 
349 O  OD2 . ASP A 45 ? 0.5893 0.5454 0.5476 -0.1097 0.0867  -0.0478 59  ASP A OD2 
350 N  N   . LEU A 46 ? 0.3146 0.2788 0.2721 -0.0454 0.0598  0.0008  60  LEU A N   
351 C  CA  . LEU A 46 ? 0.3128 0.2737 0.2690 -0.0339 0.0596  0.0103  60  LEU A CA  
352 C  C   . LEU A 46 ? 0.2920 0.2699 0.2465 -0.0261 0.0516  0.0135  60  LEU A C   
353 O  O   . LEU A 46 ? 0.3072 0.2913 0.2607 -0.0228 0.0530  0.0186  60  LEU A O   
354 C  CB  . LEU A 46 ? 0.3250 0.2702 0.2809 -0.0241 0.0607  0.0139  60  LEU A CB  
355 C  CG  . LEU A 46 ? 0.3729 0.2979 0.3350 -0.0285 0.0712  0.0129  60  LEU A CG  
356 C  CD1 . LEU A 46 ? 0.3803 0.2952 0.3448 -0.0157 0.0703  0.0200  60  LEU A CD1 
357 C  CD2 . LEU A 46 ? 0.4351 0.3534 0.4003 -0.0341 0.0802  0.0181  60  LEU A CD2 
358 N  N   . ARG A 47 ? 0.2753 0.2596 0.2305 -0.0230 0.0445  0.0104  61  ARG A N   
359 C  CA  . ARG A 47 ? 0.2696 0.2643 0.2262 -0.0138 0.0384  0.0123  61  ARG A CA  
360 C  C   . ARG A 47 ? 0.2428 0.2553 0.2071 -0.0173 0.0340  0.0123  61  ARG A C   
361 O  O   . ARG A 47 ? 0.2660 0.2855 0.2355 -0.0094 0.0310  0.0136  61  ARG A O   
362 C  CB  . ARG A 47 ? 0.3107 0.2980 0.2657 -0.0067 0.0342  0.0104  61  ARG A CB  
363 C  CG  . ARG A 47 ? 0.3819 0.3565 0.3320 -0.0009 0.0366  0.0133  61  ARG A CG  
364 C  CD  . ARG A 47 ? 0.4694 0.4502 0.4145 0.0059  0.0360  0.0169  61  ARG A CD  
365 N  NE  . ARG A 47 ? 0.6357 0.6124 0.5790 0.0127  0.0321  0.0172  61  ARG A NE  
366 C  CZ  . ARG A 47 ? 0.5849 0.5672 0.5280 0.0180  0.0264  0.0131  61  ARG A CZ  
367 N  NH1 . ARG A 47 ? 0.5553 0.5462 0.5010 0.0188  0.0246  0.0080  61  ARG A NH1 
368 N  NH2 . ARG A 47 ? 0.5214 0.5013 0.4639 0.0226  0.0230  0.0144  61  ARG A NH2 
369 N  N   . GLY A 48 ? 0.2628 0.2831 0.2290 -0.0284 0.0341  0.0109  62  GLY A N   
370 C  CA  . GLY A 48 ? 0.2346 0.2767 0.2096 -0.0321 0.0288  0.0142  62  GLY A CA  
371 C  C   . GLY A 48 ? 0.2389 0.2836 0.2128 -0.0337 0.0236  0.0138  62  GLY A C   
372 O  O   . GLY A 48 ? 0.2486 0.2795 0.2186 -0.0276 0.0232  0.0114  62  GLY A O   
373 N  N   . ASN A 49 ? 0.2411 0.3072 0.2195 -0.0420 0.0191  0.0175  63  ASN A N   
374 C  CA  . ASN A 49 ? 0.2741 0.3461 0.2504 -0.0448 0.0142  0.0190  63  ASN A CA  
375 C  C   . ASN A 49 ? 0.2663 0.3341 0.2506 -0.0316 0.0108  0.0249  63  ASN A C   
376 O  O   . ASN A 49 ? 0.2850 0.3496 0.2661 -0.0319 0.0089  0.0250  63  ASN A O   
377 C  CB  . ASN A 49 ? 0.3261 0.4278 0.3064 -0.0555 0.0085  0.0254  63  ASN A CB  
378 C  CG  . ASN A 49 ? 0.3846 0.4915 0.3542 -0.0731 0.0118  0.0158  63  ASN A CG  
379 O  OD1 . ASN A 49 ? 0.5116 0.6386 0.4852 -0.0825 0.0104  0.0174  63  ASN A OD1 
380 N  ND2 . ASN A 49 ? 0.3916 0.4809 0.3491 -0.0784 0.0172  0.0050  63  ASN A ND2 
381 N  N   . GLY A 50 ? 0.2467 0.3145 0.2420 -0.0212 0.0112  0.0287  64  GLY A N   
382 C  CA  . GLY A 50 ? 0.2514 0.3145 0.2570 -0.0102 0.0095  0.0323  64  GLY A CA  
383 C  C   . GLY A 50 ? 0.2627 0.3040 0.2617 -0.0035 0.0119  0.0243  64  GLY A C   
384 O  O   . GLY A 50 ? 0.2729 0.3097 0.2812 0.0045  0.0112  0.0251  64  GLY A O   
385 N  N   . MSE A 51 ? 0.2351 0.2639 0.2204 -0.0066 0.0149  0.0171  65  MSE A N   
386 C  CA  . MSE A 51 ? 0.2325 0.2456 0.2134 0.0003  0.0160  0.0117  65  MSE A CA  
387 C  C   . MSE A 51 ? 0.2420 0.2492 0.2204 -0.0019 0.0143  0.0099  65  MSE A C   
388 O  O   . MSE A 51 ? 0.2584 0.2613 0.2422 0.0038  0.0124  0.0090  65  MSE A O   
389 C  CB  . MSE A 51 ? 0.2692 0.2739 0.2404 0.0000  0.0202  0.0086  65  MSE A CB  
390 C  CG  . MSE A 51 ? 0.2749 0.2683 0.2413 0.0068  0.0201  0.0053  65  MSE A CG  
391 SE SE  . MSE A 51 ? 0.3647 0.3449 0.3265 0.0032  0.0220  0.0031  65  MSE A SE  
392 C  CE  . MSE A 51 ? 0.3618 0.3370 0.3221 0.0138  0.0195  0.0029  65  MSE A CE  
393 N  N   . ALA A 52 ? 0.2389 0.2444 0.2096 -0.0104 0.0165  0.0075  66  ALA A N   
394 C  CA  . ALA A 52 ? 0.2418 0.2392 0.2102 -0.0111 0.0174  0.0038  66  ALA A CA  
395 C  C   . ALA A 52 ? 0.2661 0.2716 0.2402 -0.0117 0.0135  0.0081  66  ALA A C   
396 O  O   . ALA A 52 ? 0.2552 0.2544 0.2315 -0.0089 0.0137  0.0060  66  ALA A O   
397 C  CB  . ALA A 52 ? 0.2724 0.2652 0.2331 -0.0202 0.0229  -0.0018 66  ALA A CB  
398 N  N   . CYS A 53 ? 0.2601 0.2807 0.2390 -0.0145 0.0105  0.0157  67  CYS A N   
399 C  CA  . CYS A 53 ? 0.2567 0.2864 0.2429 -0.0148 0.0071  0.0236  67  CYS A CA  
400 C  C   . CYS A 53 ? 0.2421 0.2640 0.2420 -0.0041 0.0061  0.0255  67  CYS A C   
401 O  O   . CYS A 53 ? 0.2582 0.2835 0.2664 -0.0039 0.0047  0.0324  67  CYS A O   
402 C  CB  . CYS A 53 ? 0.2616 0.3133 0.2522 -0.0200 0.0031  0.0348  67  CYS A CB  
403 S  SG  . CYS A 53 ? 0.3065 0.3640 0.3089 -0.0132 0.0026  0.0388  67  CYS A SG  
404 N  N   . LEU A 54 ? 0.2337 0.2454 0.2351 0.0030  0.0076  0.0190  68  LEU A N   
405 C  CA  . LEU A 54 ? 0.2406 0.2450 0.2541 0.0108  0.0078  0.0169  68  LEU A CA  
406 C  C   . LEU A 54 ? 0.2206 0.2153 0.2318 0.0112  0.0078  0.0102  68  LEU A C   
407 O  O   . LEU A 54 ? 0.2334 0.2229 0.2541 0.0155  0.0080  0.0065  68  LEU A O   
408 C  CB  . LEU A 54 ? 0.2535 0.2552 0.2673 0.0164  0.0099  0.0111  68  LEU A CB  
409 C  CG  . LEU A 54 ? 0.2678 0.2798 0.2884 0.0174  0.0110  0.0169  68  LEU A CG  
410 C  CD1 . LEU A 54 ? 0.2858 0.2944 0.3019 0.0214  0.0143  0.0091  68  LEU A CD1 
411 C  CD2 . LEU A 54 ? 0.2808 0.2966 0.3229 0.0220  0.0117  0.0243  68  LEU A CD2 
412 N  N   . TYR A 55 ? 0.2305 0.2236 0.2307 0.0066  0.0085  0.0078  69  TYR A N   
413 C  CA  . TYR A 55 ? 0.2351 0.2210 0.2346 0.0080  0.0090  0.0017  69  TYR A CA  
414 C  C   . TYR A 55 ? 0.2383 0.2261 0.2357 0.0019  0.0108  0.0032  69  TYR A C   
415 O  O   . TYR A 55 ? 0.2580 0.2515 0.2478 -0.0051 0.0126  0.0057  69  TYR A O   
416 C  CB  . TYR A 55 ? 0.2410 0.2219 0.2315 0.0101  0.0101  -0.0030 69  TYR A CB  
417 C  CG  . TYR A 55 ? 0.2341 0.2154 0.2238 0.0153  0.0087  -0.0048 69  TYR A CG  
418 C  CD1 . TYR A 55 ? 0.2597 0.2407 0.2539 0.0197  0.0064  -0.0099 69  TYR A CD1 
419 C  CD2 . TYR A 55 ? 0.2625 0.2464 0.2470 0.0143  0.0103  -0.0023 69  TYR A CD2 
420 C  CE1 . TYR A 55 ? 0.2644 0.2480 0.2554 0.0230  0.0062  -0.0133 69  TYR A CE1 
421 C  CE2 . TYR A 55 ? 0.2886 0.2743 0.2715 0.0185  0.0104  -0.0042 69  TYR A CE2 
422 C  CZ  . TYR A 55 ? 0.2898 0.2755 0.2752 0.0228  0.0087  -0.0100 69  TYR A CZ  
423 O  OH  . TYR A 55 ? 0.3208 0.3103 0.3031 0.0254  0.0101  -0.0135 69  TYR A OH  
424 N  N   . SER A 56 ? 0.2442 0.2288 0.2485 0.0031  0.0111  0.0006  70  SER A N   
425 C  CA  . SER A 56 ? 0.2501 0.2359 0.2528 -0.0021 0.0147  -0.0002 70  SER A CA  
426 C  C   . SER A 56 ? 0.2477 0.2273 0.2482 0.0005  0.0176  -0.0071 70  SER A C   
427 O  O   . SER A 56 ? 0.2582 0.2353 0.2638 0.0069  0.0147  -0.0095 70  SER A O   
428 C  CB  . SER A 56 ? 0.2870 0.2732 0.3026 -0.0012 0.0139  0.0013  70  SER A CB  
429 O  OG  . SER A 56 ? 0.3633 0.3521 0.3771 -0.0066 0.0184  0.0005  70  SER A OG  
430 N  N   . TRP A 57 ? 0.2416 0.2201 0.2353 -0.0049 0.0236  -0.0099 71  TRP A N   
431 C  CA  . TRP A 57 ? 0.2519 0.2226 0.2469 -0.0011 0.0279  -0.0145 71  TRP A CA  
432 C  C   . TRP A 57 ? 0.2596 0.2292 0.2637 -0.0006 0.0333  -0.0183 71  TRP A C   
433 O  O   . TRP A 57 ? 0.2658 0.2398 0.2689 -0.0074 0.0372  -0.0199 71  TRP A O   
434 C  CB  . TRP A 57 ? 0.2690 0.2350 0.2543 -0.0067 0.0336  -0.0171 71  TRP A CB  
435 C  CG  . TRP A 57 ? 0.2506 0.2188 0.2300 -0.0059 0.0286  -0.0130 71  TRP A CG  
436 C  CD1 . TRP A 57 ? 0.2623 0.2398 0.2365 -0.0111 0.0251  -0.0093 71  TRP A CD1 
437 C  CD2 . TRP A 57 ? 0.2477 0.2109 0.2273 0.0011  0.0267  -0.0108 71  TRP A CD2 
438 N  NE1 . TRP A 57 ? 0.2584 0.2357 0.2311 -0.0076 0.0222  -0.0065 71  TRP A NE1 
439 C  CE2 . TRP A 57 ? 0.2548 0.2234 0.2291 -0.0007 0.0234  -0.0077 71  TRP A CE2 
440 C  CE3 . TRP A 57 ? 0.2742 0.2311 0.2588 0.0087  0.0276  -0.0096 71  TRP A CE3 
441 C  CZ2 . TRP A 57 ? 0.2753 0.2423 0.2475 0.0042  0.0218  -0.0052 71  TRP A CZ2 
442 C  CZ3 . TRP A 57 ? 0.2681 0.2243 0.2493 0.0131  0.0254  -0.0055 71  TRP A CZ3 
443 C  CH2 . TRP A 57 ? 0.2791 0.2397 0.2532 0.0105  0.0230  -0.0042 71  TRP A CH2 
444 N  N   A SER A 58 ? 0.2446 0.2106 0.2581 0.0075  0.0332  -0.0183 72  SER A N   
445 N  N   B SER A 58 ? 0.2533 0.2194 0.2671 0.0075  0.0332  -0.0183 72  SER A N   
446 C  CA  A SER A 58 ? 0.2405 0.2071 0.2673 0.0099  0.0384  -0.0208 72  SER A CA  
447 C  CA  B SER A 58 ? 0.2509 0.2172 0.2777 0.0096  0.0390  -0.0211 72  SER A CA  
448 C  C   A SER A 58 ? 0.2604 0.2188 0.2939 0.0161  0.0439  -0.0201 72  SER A C   
449 C  C   B SER A 58 ? 0.2592 0.2188 0.2944 0.0174  0.0429  -0.0194 72  SER A C   
450 O  O   A SER A 58 ? 0.2620 0.2160 0.2901 0.0193  0.0415  -0.0160 72  SER A O   
451 O  O   B SER A 58 ? 0.2452 0.2031 0.2778 0.0225  0.0381  -0.0141 72  SER A O   
452 C  CB  A SER A 58 ? 0.2270 0.2024 0.2653 0.0147  0.0309  -0.0187 72  SER A CB  
453 C  CB  B SER A 58 ? 0.2562 0.2313 0.2948 0.0129  0.0334  -0.0198 72  SER A CB  
454 O  OG  A SER A 58 ? 0.2159 0.1961 0.2523 0.0090  0.0279  -0.0187 72  SER A OG  
455 O  OG  B SER A 58 ? 0.2648 0.2440 0.3046 0.0187  0.0238  -0.0166 72  SER A OG  
456 N  N   . SER A 59 ? 0.2612 0.2175 0.3083 0.0178  0.0529  -0.0231 73  SER A N   
457 C  CA  . SER A 59 ? 0.2836 0.2325 0.3439 0.0263  0.0583  -0.0194 73  SER A CA  
458 C  C   . SER A 59 ? 0.3142 0.2730 0.3961 0.0351  0.0562  -0.0149 73  SER A C   
459 O  O   . SER A 59 ? 0.2792 0.2462 0.3675 0.0324  0.0569  -0.0189 73  SER A O   
460 C  CB  . SER A 59 ? 0.3269 0.2615 0.3886 0.0210  0.0741  -0.0275 73  SER A CB  
461 O  OG  . SER A 59 ? 0.3592 0.2966 0.4276 0.0162  0.0832  -0.0361 73  SER A OG  
462 N  N   . LYS A 60 ? 0.2939 0.2547 0.3871 0.0455  0.0527  -0.0048 74  LYS A N   
463 C  CA  . LYS A 60 ? 0.3206 0.2953 0.4365 0.0544  0.0494  0.0016  74  LYS A CA  
464 C  C   . LYS A 60 ? 0.3142 0.2821 0.4517 0.0569  0.0650  -0.0023 74  LYS A C   
465 O  O   . LYS A 60 ? 0.3523 0.3035 0.4951 0.0579  0.0782  -0.0040 74  LYS A O   
466 C  CB  . LYS A 60 ? 0.3195 0.3007 0.4400 0.0644  0.0413  0.0160  74  LYS A CB  
467 C  CG  . LYS A 60 ? 0.3581 0.3621 0.4985 0.0729  0.0322  0.0255  74  LYS A CG  
468 C  CD  . LYS A 60 ? 0.3627 0.3736 0.5056 0.0822  0.0256  0.0422  74  LYS A CD  
469 C  CE  . LYS A 60 ? 0.3804 0.4208 0.5384 0.0887  0.0129  0.0525  74  LYS A CE  
470 N  NZ  . LYS A 60 ? 0.4219 0.4722 0.5874 0.0992  0.0082  0.0728  74  LYS A NZ  
471 N  N   . ARG A 61 ? 0.3132 0.2946 0.4666 0.0579  0.0650  -0.0042 75  ARG A N   
472 C  CA  . ARG A 61 ? 0.3461 0.3232 0.5210 0.0597  0.0811  -0.0097 75  ARG A CA  
473 C  C   . ARG A 61 ? 0.3314 0.3293 0.5350 0.0685  0.0768  -0.0023 75  ARG A C   
474 O  O   . ARG A 61 ? 0.3324 0.3479 0.5330 0.0666  0.0631  -0.0001 75  ARG A O   
475 C  CB  . ARG A 61 ? 0.3927 0.3650 0.5510 0.0459  0.0888  -0.0245 75  ARG A CB  
476 C  CG  . ARG A 61 ? 0.4695 0.4429 0.6468 0.0448  0.1049  -0.0330 75  ARG A CG  
477 C  CD  . ARG A 61 ? 0.5461 0.4985 0.7209 0.0413  0.1228  -0.0425 75  ARG A CD  
478 N  NE  . ARG A 61 ? 0.5981 0.5442 0.7398 0.0268  0.1217  -0.0513 75  ARG A NE  
479 C  CZ  . ARG A 61 ? 0.5694 0.5185 0.6974 0.0136  0.1300  -0.0635 75  ARG A CZ  
480 N  NH1 . ARG A 61 ? 0.5869 0.5427 0.7304 0.0130  0.1414  -0.0698 75  ARG A NH1 
481 N  NH2 . ARG A 61 ? 0.5437 0.4906 0.6431 0.0010  0.1277  -0.0688 75  ARG A NH2 
482 N  N   . THR A 62 ? 0.3209 0.3183 0.5550 0.0776  0.0891  0.0008  76  THR A N   
483 C  CA  . THR A 62 ? 0.3388 0.3601 0.6033 0.0861  0.0845  0.0088  76  THR A CA  
484 C  C   . THR A 62 ? 0.3409 0.3743 0.6038 0.0763  0.0845  -0.0020 76  THR A C   
485 O  O   . THR A 62 ? 0.3638 0.3847 0.6132 0.0659  0.0965  -0.0157 76  THR A O   
486 C  CB  . THR A 62 ? 0.3947 0.4137 0.6972 0.0997  0.0986  0.0164  76  THR A CB  
487 O  OG1 . THR A 62 ? 0.4464 0.4514 0.7538 0.0935  0.1194  -0.0001 76  THR A OG1 
488 C  CG2 . THR A 62 ? 0.3857 0.3886 0.6913 0.1086  0.1017  0.0277  76  THR A CG2 
489 N  N   . TYR A 63 ? 0.3361 0.3954 0.6125 0.0786  0.0711  0.0044  77  TYR A N   
490 C  CA  . TYR A 63 ? 0.3484 0.4208 0.6268 0.0693  0.0701  -0.0038 77  TYR A CA  
491 C  C   . TYR A 63 ? 0.3655 0.4689 0.6730 0.0756  0.0590  0.0053  77  TYR A C   
492 O  O   . TYR A 63 ? 0.3783 0.4961 0.6811 0.0777  0.0417  0.0133  77  TYR A O   
493 C  CB  . TYR A 63 ? 0.3513 0.4174 0.5958 0.0569  0.0602  -0.0101 77  TYR A CB  
494 C  CG  . TYR A 63 ? 0.3408 0.4194 0.5872 0.0471  0.0570  -0.0161 77  TYR A CG  
495 C  CD1 . TYR A 63 ? 0.3504 0.4252 0.5988 0.0395  0.0710  -0.0242 77  TYR A CD1 
496 C  CD2 . TYR A 63 ? 0.3592 0.4543 0.6057 0.0442  0.0407  -0.0139 77  TYR A CD2 
497 C  CE1 . TYR A 63 ? 0.3498 0.4357 0.6022 0.0304  0.0693  -0.0276 77  TYR A CE1 
498 C  CE2 . TYR A 63 ? 0.3771 0.4815 0.6284 0.0345  0.0392  -0.0194 77  TYR A CE2 
499 C  CZ  . TYR A 63 ? 0.3569 0.4560 0.6114 0.0279  0.0533  -0.0251 77  TYR A CZ  
500 O  OH  . TYR A 63 ? 0.3868 0.4944 0.6466 0.0181  0.0522  -0.0286 77  TYR A OH  
501 N  N   . LYS A 64 ? 0.4033 0.5193 0.7388 0.0766  0.0687  0.0026  78  LYS A N   
502 C  CA  . LYS A 64 ? 0.4500 0.5990 0.8161 0.0809  0.0588  0.0103  78  LYS A CA  
503 C  C   . LYS A 64 ? 0.4573 0.6201 0.8389 0.0952  0.0483  0.0279  78  LYS A C   
504 O  O   . LYS A 64 ? 0.4403 0.5894 0.8335 0.1062  0.0592  0.0347  78  LYS A O   
505 C  CB  . LYS A 64 ? 0.4850 0.6481 0.8380 0.0680  0.0446  0.0043  78  LYS A CB  
506 C  CG  . LYS A 64 ? 0.5184 0.6909 0.8861 0.0592  0.0529  -0.0044 78  LYS A CG  
507 C  CD  . LYS A 64 ? 0.5377 0.6859 0.8852 0.0496  0.0686  -0.0157 78  LYS A CD  
508 C  CE  . LYS A 64 ? 0.5648 0.7181 0.9030 0.0351  0.0636  -0.0221 78  LYS A CE  
509 N  NZ  . LYS A 64 ? 0.5736 0.7281 0.9222 0.0280  0.0799  -0.0284 78  LYS A NZ  
510 N  N   . ASN A 65 ? 0.4918 0.6813 0.8725 0.0942  0.0277  0.0353  79  ASN A N   
511 C  CA  . ASN A 65 ? 0.5124 0.7204 0.9080 0.1075  0.0172  0.0549  79  ASN A CA  
512 C  C   . ASN A 65 ? 0.5189 0.7125 0.8794 0.1062  0.0080  0.0581  79  ASN A C   
513 O  O   . ASN A 65 ? 0.5321 0.7448 0.8955 0.1135  -0.0049 0.0740  79  ASN A O   
514 C  CB  . ASN A 65 ? 0.5723 0.8260 0.9949 0.1091  0.0013  0.0642  79  ASN A CB  
515 C  CG  . ASN A 65 ? 0.6608 0.9329 1.1293 0.1169  0.0114  0.0688  79  ASN A CG  
516 O  OD1 . ASN A 65 ? 0.7117 1.0017 1.1922 0.1080  0.0102  0.0596  79  ASN A OD1 
517 N  ND2 . ASN A 65 ? 0.6346 0.9042 1.1327 0.1336  0.0220  0.0835  79  ASN A ND2 
518 N  N   . GLY A 66 ? 0.4517 0.6141 0.7791 0.0966  0.0146  0.0440  80  GLY A N   
519 C  CA  . GLY A 66 ? 0.4300 0.5762 0.7270 0.0961  0.0093  0.0467  80  GLY A CA  
520 C  C   . GLY A 66 ? 0.3935 0.5026 0.6682 0.0906  0.0241  0.0352  80  GLY A C   
521 O  O   . GLY A 66 ? 0.3424 0.4339 0.6301 0.0950  0.0414  0.0333  80  GLY A O   
522 N  N   . PHE A 67 ? 0.3651 0.4647 0.6072 0.0803  0.0171  0.0265  81  PHE A N   
523 C  CA  . PHE A 67 ? 0.3530 0.4229 0.5700 0.0751  0.0264  0.0189  81  PHE A CA  
524 C  C   . PHE A 67 ? 0.3198 0.3851 0.5158 0.0619  0.0235  0.0059  81  PHE A C   
525 O  O   . PHE A 67 ? 0.2993 0.3820 0.4980 0.0570  0.0134  0.0031  81  PHE A O   
526 C  CB  . PHE A 67 ? 0.3529 0.4165 0.5525 0.0790  0.0199  0.0275  81  PHE A CB  
527 C  CG  . PHE A 67 ? 0.3869 0.4543 0.6089 0.0928  0.0230  0.0438  81  PHE A CG  
528 C  CD1 . PHE A 67 ? 0.4101 0.4547 0.6434 0.0974  0.0407  0.0437  81  PHE A CD1 
529 C  CD2 . PHE A 67 ? 0.3779 0.4721 0.6097 0.1002  0.0089  0.0593  81  PHE A CD2 
530 C  CE1 . PHE A 67 ? 0.4504 0.4954 0.7085 0.1109  0.0455  0.0601  81  PHE A CE1 
531 C  CE2 . PHE A 67 ? 0.4317 0.5307 0.6878 0.1141  0.0121  0.0781  81  PHE A CE2 
532 C  CZ  . PHE A 67 ? 0.4581 0.5307 0.7287 0.1200  0.0310  0.0789  81  PHE A CZ  
533 N  N   . VAL A 68 ? 0.3253 0.3682 0.5028 0.0556  0.0332  -0.0017 82  VAL A N   
534 C  CA  . VAL A 68 ? 0.2830 0.3207 0.4418 0.0441  0.0313  -0.0105 82  VAL A CA  
535 C  C   . VAL A 68 ? 0.2979 0.3163 0.4321 0.0412  0.0341  -0.0119 82  VAL A C   
536 O  O   . VAL A 68 ? 0.2856 0.2925 0.4193 0.0455  0.0418  -0.0097 82  VAL A O   
537 C  CB  . VAL A 68 ? 0.2941 0.3314 0.4615 0.0375  0.0424  -0.0177 82  VAL A CB  
538 C  CG1 . VAL A 68 ? 0.3041 0.3262 0.4708 0.0379  0.0590  -0.0215 82  VAL A CG1 
539 C  CG2 . VAL A 68 ? 0.3122 0.3463 0.4638 0.0264  0.0400  -0.0229 82  VAL A CG2 
540 N  N   . TRP A 69 ? 0.2537 0.2698 0.3698 0.0348  0.0271  -0.0148 83  TRP A N   
541 C  CA  . TRP A 69 ? 0.2599 0.2610 0.3540 0.0304  0.0296  -0.0164 83  TRP A CA  
542 C  C   . TRP A 69 ? 0.2554 0.2499 0.3428 0.0214  0.0388  -0.0220 83  TRP A C   
543 O  O   . TRP A 69 ? 0.2680 0.2673 0.3545 0.0153  0.0366  -0.0235 83  TRP A O   
544 C  CB  . TRP A 69 ? 0.2523 0.2554 0.3332 0.0284  0.0186  -0.0161 83  TRP A CB  
545 C  CG  . TRP A 69 ? 0.2468 0.2581 0.3279 0.0352  0.0098  -0.0112 83  TRP A CG  
546 C  CD1 . TRP A 69 ? 0.2865 0.3127 0.3715 0.0358  -0.0004 -0.0119 83  TRP A CD1 
547 C  CD2 . TRP A 69 ? 0.2678 0.2734 0.3423 0.0410  0.0107  -0.0048 83  TRP A CD2 
548 N  NE1 . TRP A 69 ? 0.3105 0.3439 0.3905 0.0416  -0.0067 -0.0058 83  TRP A NE1 
549 C  CE2 . TRP A 69 ? 0.2751 0.2952 0.3495 0.0455  0.0002  0.0001  83  TRP A CE2 
550 C  CE3 . TRP A 69 ? 0.2830 0.2737 0.3522 0.0416  0.0198  -0.0030 83  TRP A CE3 
551 C  CZ2 . TRP A 69 ? 0.3154 0.3351 0.3836 0.0513  -0.0013 0.0090  83  TRP A CZ2 
552 C  CZ3 . TRP A 69 ? 0.2847 0.2726 0.3512 0.0477  0.0191  0.0052  83  TRP A CZ3 
553 C  CH2 . TRP A 69 ? 0.3107 0.3132 0.3762 0.0529  0.0085  0.0122  83  TRP A CH2 
554 N  N   . TYR A 70 ? 0.2609 0.2456 0.3444 0.0197  0.0501  -0.0251 84  TYR A N   
555 C  CA  . TYR A 70 ? 0.2965 0.2793 0.3728 0.0099  0.0600  -0.0314 84  TYR A CA  
556 C  C   . TYR A 70 ? 0.2740 0.2523 0.3273 0.0021  0.0577  -0.0314 84  TYR A C   
557 O  O   . TYR A 70 ? 0.3001 0.2704 0.3448 0.0026  0.0583  -0.0317 84  TYR A O   
558 C  CB  . TYR A 70 ? 0.3686 0.3433 0.4523 0.0108  0.0748  -0.0375 84  TYR A CB  
559 C  CG  . TYR A 70 ? 0.4257 0.4035 0.5072 0.0010  0.0870  -0.0459 84  TYR A CG  
560 C  CD1 . TYR A 70 ? 0.4948 0.4702 0.5546 -0.0111 0.0925  -0.0519 84  TYR A CD1 
561 C  CD2 . TYR A 70 ? 0.4813 0.4671 0.5823 0.0034  0.0934  -0.0477 84  TYR A CD2 
562 C  CE1 . TYR A 70 ? 0.4897 0.4712 0.5448 -0.0215 0.1043  -0.0599 84  TYR A CE1 
563 C  CE2 . TYR A 70 ? 0.5335 0.5232 0.6320 -0.0060 0.1064  -0.0561 84  TYR A CE2 
564 C  CZ  . TYR A 70 ? 0.5506 0.5384 0.6244 -0.0189 0.1117  -0.0622 84  TYR A CZ  
565 O  OH  . TYR A 70 ? 0.5922 0.5875 0.6615 -0.0293 0.1245  -0.0703 84  TYR A OH  
566 N  N   . ALA A 71 ? 0.2892 0.2741 0.3348 -0.0054 0.0548  -0.0295 85  ALA A N   
567 C  CA  . ALA A 71 ? 0.2898 0.2749 0.3178 -0.0118 0.0507  -0.0263 85  ALA A CA  
568 C  C   . ALA A 71 ? 0.3113 0.2945 0.3253 -0.0205 0.0598  -0.0323 85  ALA A C   
569 O  O   . ALA A 71 ? 0.3565 0.3416 0.3710 -0.0264 0.0709  -0.0394 85  ALA A O   
570 C  CB  . ALA A 71 ? 0.3524 0.3462 0.3812 -0.0171 0.0480  -0.0206 85  ALA A CB  
571 N  N   . LEU A 72 ? 0.3111 0.2909 0.3135 -0.0219 0.0563  -0.0311 86  LEU A N   
572 C  CA  . LEU A 72 ? 0.3155 0.2950 0.3037 -0.0321 0.0636  -0.0379 86  LEU A CA  
573 C  C   . LEU A 72 ? 0.3457 0.3378 0.3179 -0.0415 0.0577  -0.0323 86  LEU A C   
574 O  O   . LEU A 72 ? 0.3261 0.3208 0.2995 -0.0368 0.0477  -0.0228 86  LEU A O   
575 C  CB  . LEU A 72 ? 0.3099 0.2766 0.2995 -0.0269 0.0645  -0.0402 86  LEU A CB  
576 C  CG  . LEU A 72 ? 0.3334 0.2885 0.3404 -0.0160 0.0695  -0.0419 86  LEU A CG  
577 C  CD1 . LEU A 72 ? 0.3327 0.2777 0.3403 -0.0099 0.0672  -0.0382 86  LEU A CD1 
578 C  CD2 . LEU A 72 ? 0.3740 0.3231 0.3866 -0.0211 0.0856  -0.0534 86  LEU A CD2 
579 N  N   . SER A 73 ? 0.4026 0.4043 0.3611 -0.0553 0.0643  -0.0383 87  SER A N   
580 C  CA  . SER A 73 ? 0.4347 0.4517 0.3772 -0.0661 0.0596  -0.0342 87  SER A CA  
581 C  C   . SER A 73 ? 0.4371 0.4481 0.3728 -0.0718 0.0639  -0.0443 87  SER A C   
582 O  O   . SER A 73 ? 0.4260 0.4213 0.3677 -0.0697 0.0740  -0.0555 87  SER A O   
583 C  CB  . SER A 73 ? 0.5222 0.5575 0.4514 -0.0804 0.0643  -0.0358 87  SER A CB  
584 O  OG  . SER A 73 ? 0.6058 0.6454 0.5431 -0.0759 0.0623  -0.0264 87  SER A OG  
585 N  N   . ASP A 74 ? 0.4808 0.5052 0.4061 -0.0788 0.0569  -0.0391 88  ASP A N   
586 C  CA  . ASP A 74 ? 0.5393 0.5608 0.4586 -0.0860 0.0601  -0.0477 88  ASP A CA  
587 C  C   . ASP A 74 ? 0.5062 0.5231 0.4183 -0.0991 0.0750  -0.0668 88  ASP A C   
588 O  O   . ASP A 74 ? 0.5278 0.5276 0.4444 -0.0998 0.0841  -0.0781 88  ASP A O   
589 C  CB  . ASP A 74 ? 0.6221 0.6651 0.5330 -0.0929 0.0498  -0.0381 88  ASP A CB  
590 C  CG  . ASP A 74 ? 0.7077 0.7477 0.6302 -0.0788 0.0392  -0.0238 88  ASP A CG  
591 O  OD1 . ASP A 74 ? 0.7281 0.7571 0.6618 -0.0654 0.0366  -0.0179 88  ASP A OD1 
592 O  OD2 . ASP A 74 ? 0.7315 0.7820 0.6522 -0.0820 0.0337  -0.0193 88  ASP A OD2 
593 N  N   . GLU A 75 ? 0.5279 0.5593 0.4301 -0.1093 0.0794  -0.0710 89  GLU A N   
594 C  CA  . GLU A 75 ? 0.5219 0.5518 0.4158 -0.1241 0.0952  -0.0919 89  GLU A CA  
595 C  C   . GLU A 75 ? 0.5260 0.5322 0.4356 -0.1152 0.1093  -0.1022 89  GLU A C   
596 O  O   . GLU A 75 ? 0.5439 0.5458 0.4504 -0.1262 0.1254  -0.1213 89  GLU A O   
597 C  CB  . GLU A 75 ? 0.5910 0.6519 0.4629 -0.1431 0.0946  -0.0937 89  GLU A CB  
598 C  CG  . GLU A 75 ? 0.6177 0.6920 0.4887 -0.1394 0.0904  -0.0807 89  GLU A CG  
599 C  CD  . GLU A 75 ? 0.6336 0.7194 0.5098 -0.1289 0.0734  -0.0550 89  GLU A CD  
600 O  OE1 . GLU A 75 ? 0.5803 0.6666 0.4608 -0.1233 0.0627  -0.0452 89  GLU A OE1 
601 O  OE2 . GLU A 75 ? 0.6364 0.7305 0.5140 -0.1267 0.0721  -0.0448 89  GLU A OE2 
602 N  N   . ASP A 76 ? 0.4638 0.4573 0.3915 -0.0963 0.1041  -0.0906 90  ASP A N   
603 C  CA  . ASP A 76 ? 0.4429 0.4198 0.3888 -0.0867 0.1153  -0.0966 90  ASP A CA  
604 C  C   . ASP A 76 ? 0.4353 0.3875 0.3967 -0.0797 0.1249  -0.1040 90  ASP A C   
605 O  O   . ASP A 76 ? 0.4046 0.3489 0.3681 -0.0747 0.1185  -0.0976 90  ASP A O   
606 C  CB  . ASP A 76 ? 0.4305 0.4074 0.3903 -0.0710 0.1058  -0.0818 90  ASP A CB  
607 C  CG  . ASP A 76 ? 0.4860 0.4828 0.4377 -0.0762 0.1009  -0.0746 90  ASP A CG  
608 O  OD1 . ASP A 76 ? 0.5635 0.5750 0.4982 -0.0921 0.1071  -0.0821 90  ASP A OD1 
609 O  OD2 . ASP A 76 ? 0.5000 0.4977 0.4627 -0.0653 0.0918  -0.0624 90  ASP A OD2 
610 N  N   . PHE A 77 ? 0.4497 0.3899 0.4247 -0.0787 0.1417  -0.1163 91  PHE A N   
611 C  CA  . PHE A 77 ? 0.4579 0.3735 0.4549 -0.0694 0.1535  -0.1210 91  PHE A CA  
612 C  C   . PHE A 77 ? 0.4463 0.3569 0.4633 -0.0485 0.1436  -0.1032 91  PHE A C   
613 O  O   . PHE A 77 ? 0.4598 0.3827 0.4793 -0.0427 0.1357  -0.0952 91  PHE A O   
614 C  CB  . PHE A 77 ? 0.4737 0.3818 0.4811 -0.0750 0.1756  -0.1396 91  PHE A CB  
615 C  CG  . PHE A 77 ? 0.4880 0.3695 0.5226 -0.0670 0.1931  -0.1468 91  PHE A CG  
616 C  CD1 . PHE A 77 ? 0.5263 0.3926 0.5592 -0.0790 0.2076  -0.1632 91  PHE A CD1 
617 C  CD2 . PHE A 77 ? 0.4724 0.3447 0.5364 -0.0475 0.1951  -0.1361 91  PHE A CD2 
618 C  CE1 . PHE A 77 ? 0.5559 0.3951 0.6173 -0.0716 0.2261  -0.1692 91  PHE A CE1 
619 C  CE2 . PHE A 77 ? 0.4891 0.3376 0.5816 -0.0395 0.2126  -0.1406 91  PHE A CE2 
620 C  CZ  . PHE A 77 ? 0.5439 0.3740 0.6360 -0.0507 0.2284  -0.1563 91  PHE A CZ  
621 N  N   . ILE A 78 ? 0.4658 0.3601 0.4963 -0.0381 0.1437  -0.0965 92  ILE A N   
622 C  CA  . ILE A 78 ? 0.4221 0.3151 0.4697 -0.0196 0.1336  -0.0792 92  ILE A CA  
623 C  C   . ILE A 78 ? 0.4590 0.3365 0.5363 -0.0085 0.1479  -0.0797 92  ILE A C   
624 O  O   . ILE A 78 ? 0.4333 0.2924 0.5199 -0.0098 0.1612  -0.0853 92  ILE A O   
625 C  CB  . ILE A 78 ? 0.4405 0.3314 0.4814 -0.0146 0.1210  -0.0666 92  ILE A CB  
626 C  CG1 . ILE A 78 ? 0.3972 0.3042 0.4137 -0.0235 0.1071  -0.0645 92  ILE A CG1 
627 C  CG2 . ILE A 78 ? 0.4117 0.3045 0.4689 0.0031  0.1114  -0.0501 92  ILE A CG2 
628 C  CD1 . ILE A 78 ? 0.3940 0.3003 0.4038 -0.0197 0.0962  -0.0539 92  ILE A CD1 
629 N  N   . PHE A 79 ? 0.4608 0.3462 0.5557 0.0024  0.1461  -0.0734 93  PHE A N   
630 C  CA  . PHE A 79 ? 0.5061 0.3805 0.6337 0.0157  0.1578  -0.0694 93  PHE A CA  
631 C  C   . PHE A 79 ? 0.5781 0.4524 0.7185 0.0317  0.1455  -0.0481 93  PHE A C   
632 O  O   . PHE A 79 ? 0.6115 0.5016 0.7413 0.0356  0.1267  -0.0367 93  PHE A O   
633 C  CB  . PHE A 79 ? 0.4893 0.3760 0.6322 0.0193  0.1620  -0.0724 93  PHE A CB  
634 C  CG  . PHE A 79 ? 0.4475 0.3361 0.5777 0.0033  0.1757  -0.0928 93  PHE A CG  
635 C  CD1 . PHE A 79 ? 0.4586 0.3314 0.6012 -0.0018 0.1994  -0.1097 93  PHE A CD1 
636 C  CD2 . PHE A 79 ? 0.4164 0.3227 0.5220 -0.0076 0.1661  -0.0954 93  PHE A CD2 
637 C  CE1 . PHE A 79 ? 0.4854 0.3635 0.6136 -0.0181 0.2124  -0.1297 93  PHE A CE1 
638 C  CE2 . PHE A 79 ? 0.4704 0.3827 0.5621 -0.0231 0.1780  -0.1119 93  PHE A CE2 
639 C  CZ  . PHE A 79 ? 0.4675 0.3671 0.5697 -0.0288 0.2014  -0.1302 93  PHE A CZ  
640 N  N   . PRO A 80 ? 0.6589 0.5168 0.8247 0.0418  0.1567  -0.0414 94  PRO A N   
641 C  CA  . PRO A 80 ? 0.7024 0.5636 0.8818 0.0574  0.1459  -0.0183 94  PRO A CA  
642 C  C   . PRO A 80 ? 0.7526 0.6337 0.9538 0.0711  0.1373  -0.0052 94  PRO A C   
643 O  O   . PRO A 80 ? 0.6724 0.5591 0.8875 0.0711  0.1449  -0.0137 94  PRO A O   
644 C  CB  . PRO A 80 ? 0.6997 0.5356 0.9045 0.0629  0.1651  -0.0163 94  PRO A CB  
645 C  CG  . PRO A 80 ? 0.7133 0.5393 0.9327 0.0570  0.1863  -0.0365 94  PRO A CG  
646 C  CD  . PRO A 80 ? 0.6879 0.5241 0.8724 0.0386  0.1816  -0.0554 94  PRO A CD  
647 N  N   . VAL A 81 ? 0.8333 0.7270 1.0372 0.0819  0.1216  0.0153  95  VAL A N   
648 C  CA  . VAL A 81 ? 0.9223 0.8385 1.1484 0.0951  0.1118  0.0305  95  VAL A CA  
649 C  C   . VAL A 81 ? 1.0346 0.9474 1.2868 0.1104  0.1141  0.0529  95  VAL A C   
650 O  O   . VAL A 81 ? 1.1297 1.0345 1.3698 0.1105  0.1107  0.0623  95  VAL A O   
651 C  CB  . VAL A 81 ? 0.8640 0.8052 1.0677 0.0918  0.0892  0.0337  95  VAL A CB  
652 C  CG1 . VAL A 81 ? 0.8405 0.7886 1.0295 0.0954  0.0749  0.0490  95  VAL A CG1 
653 C  CG2 . VAL A 81 ? 0.8141 0.7799 1.0368 0.0975  0.0819  0.0374  95  VAL A CG2 
654 N  N   . HIS A 82 ? 1.0572 0.9771 1.3469 0.1234  0.1205  0.0628  96  HIS A N   
655 C  CA  . HIS A 82 ? 1.1026 1.0185 1.4251 0.1396  0.1262  0.0862  96  HIS A CA  
656 C  C   . HIS A 82 ? 1.1067 0.9858 1.4344 0.1366  0.1473  0.0802  96  HIS A C   
657 O  O   . HIS A 82 ? 1.1123 0.9705 1.4397 0.1270  0.1655  0.0569  96  HIS A O   
658 C  CB  . HIS A 82 ? 1.1803 1.1205 1.4947 0.1472  0.1043  0.1117  96  HIS A CB  
659 C  CG  . HIS A 82 ? 1.2484 1.2233 1.5470 0.1442  0.0822  0.1118  96  HIS A CG  
660 N  ND1 . HIS A 82 ? 1.2637 1.2514 1.5266 0.1365  0.0644  0.1123  96  HIS A ND1 
661 C  CD2 . HIS A 82 ? 1.2498 1.2489 1.5644 0.1469  0.0762  0.1101  96  HIS A CD2 
662 C  CE1 . HIS A 82 ? 1.2283 1.2450 1.4860 0.1341  0.0488  0.1099  96  HIS A CE1 
663 N  NE2 . HIS A 82 ? 1.2195 1.2441 1.5083 0.1401  0.0551  0.1090  96  HIS A NE2 
664 N  N   . GLY A 83 ? 1.0869 0.9591 1.4172 0.1434  0.1450  0.1005  97  GLY A N   
665 C  CA  . GLY A 83 ? 1.0749 0.9128 1.4239 0.1447  0.1671  0.1009  97  GLY A CA  
666 C  C   . GLY A 83 ? 1.0487 0.8655 1.3633 0.1272  0.1710  0.0837  97  GLY A C   
667 O  O   . GLY A 83 ? 1.0532 0.8659 1.3573 0.1278  0.1655  0.0983  97  GLY A O   
668 N  N   . GLN A 84 ? 1.0204 0.8256 1.3196 0.1117  0.1813  0.0534  98  GLN A N   
669 C  CA  . GLN A 84 ? 0.9805 0.7719 1.2463 0.0926  0.1838  0.0337  98  GLN A CA  
670 C  C   . GLN A 84 ? 0.9021 0.7142 1.1318 0.0884  0.1597  0.0417  98  GLN A C   
671 O  O   . GLN A 84 ? 0.8790 0.6816 1.0869 0.0778  0.1593  0.0368  98  GLN A O   
672 C  CB  . GLN A 84 ? 1.0896 0.8482 1.3695 0.0897  0.2039  0.0322  98  GLN A CB  
673 C  CG  . GLN A 84 ? 1.1841 0.9200 1.4632 0.0732  0.2264  0.0003  98  GLN A CG  
674 C  CD  . GLN A 84 ? 1.2195 0.9629 1.4557 0.0521  0.2183  -0.0210 98  GLN A CD  
675 O  OE1 . GLN A 84 ? 1.2361 0.9798 1.4505 0.0454  0.2092  -0.0163 98  GLN A OE1 
676 N  NE2 . GLN A 84 ? 1.2136 0.9646 1.4381 0.0414  0.2220  -0.0434 98  GLN A NE2 
677 N  N   . GLU A 85 ? 0.7935 0.6341 1.0194 0.0961  0.1410  0.0528  99  GLU A N   
678 C  CA  . GLU A 85 ? 0.7104 0.5726 0.9067 0.0938  0.1188  0.0605  99  GLU A CA  
679 C  C   . GLU A 85 ? 0.6124 0.4841 0.7810 0.0801  0.1114  0.0396  99  GLU A C   
680 O  O   . GLU A 85 ? 0.5754 0.4560 0.7516 0.0800  0.1121  0.0308  99  GLU A O   
681 C  CB  . GLU A 85 ? 0.7303 0.6199 0.9396 0.1080  0.1034  0.0815  99  GLU A CB  
682 C  CG  . GLU A 85 ? 0.7353 0.6412 0.9247 0.1102  0.0865  0.0982  99  GLU A CG  
683 C  CD  . GLU A 85 ? 0.7611 0.6986 0.9625 0.1220  0.0711  0.1172  99  GLU A CD  
684 O  OE1 . GLU A 85 ? 0.7843 0.7240 1.0143 0.1352  0.0750  0.1386  99  GLU A OE1 
685 O  OE2 . GLU A 85 ? 0.7767 0.7373 0.9607 0.1174  0.0556  0.1105  99  GLU A OE2 
686 N  N   . TYR A 86 ? 0.5103 0.3802 0.6498 0.0694  0.1055  0.0337  100 TYR A N   
687 C  CA  . TYR A 86 ? 0.4317 0.3105 0.5453 0.0567  0.0981  0.0177  100 TYR A CA  
688 C  C   . TYR A 86 ? 0.3762 0.2755 0.4720 0.0591  0.0785  0.0268  100 TYR A C   
689 O  O   . TYR A 86 ? 0.3953 0.2946 0.4819 0.0606  0.0737  0.0369  100 TYR A O   
690 C  CB  . TYR A 86 ? 0.4254 0.2896 0.5216 0.0418  0.1065  0.0029  100 TYR A CB  
691 C  CG  . TYR A 86 ? 0.4546 0.2998 0.5636 0.0349  0.1267  -0.0123 100 TYR A CG  
692 C  CD1 . TYR A 86 ? 0.4526 0.3025 0.5612 0.0285  0.1320  -0.0275 100 TYR A CD1 
693 C  CD2 . TYR A 86 ? 0.4916 0.3144 0.6129 0.0338  0.1418  -0.0123 100 TYR A CD2 
694 C  CE1 . TYR A 86 ? 0.4911 0.3254 0.6093 0.0206  0.1521  -0.0443 100 TYR A CE1 
695 C  CE2 . TYR A 86 ? 0.5358 0.3401 0.6698 0.0261  0.1625  -0.0295 100 TYR A CE2 
696 C  CZ  . TYR A 86 ? 0.5219 0.3328 0.6527 0.0189  0.1675  -0.0466 100 TYR A CZ  
697 O  OH  . TYR A 86 ? 0.5476 0.3418 0.6893 0.0101  0.1892  -0.0660 100 TYR A OH  
698 N  N   . VAL A 87 ? 0.3389 0.2554 0.4314 0.0586  0.0688  0.0224  101 VAL A N   
699 C  CA  . VAL A 87 ? 0.3236 0.2595 0.4019 0.0600  0.0517  0.0277  101 VAL A CA  
700 C  C   . VAL A 87 ? 0.3207 0.2615 0.3848 0.0501  0.0478  0.0138  101 VAL A C   
701 O  O   . VAL A 87 ? 0.3250 0.2684 0.3981 0.0484  0.0512  0.0069  101 VAL A O   
702 C  CB  . VAL A 87 ? 0.3330 0.2889 0.4265 0.0707  0.0420  0.0396  101 VAL A CB  
703 C  CG1 . VAL A 87 ? 0.3521 0.3275 0.4290 0.0687  0.0262  0.0398  101 VAL A CG1 
704 C  CG2 . VAL A 87 ? 0.3502 0.3056 0.4616 0.0823  0.0448  0.0583  101 VAL A CG2 
705 N  N   . LEU A 88 ? 0.2965 0.2396 0.3406 0.0444  0.0411  0.0115  102 LEU A N   
706 C  CA  . LEU A 88 ? 0.2956 0.2431 0.3283 0.0357  0.0377  0.0016  102 LEU A CA  
707 C  C   . LEU A 88 ? 0.2648 0.2264 0.2902 0.0378  0.0248  0.0040  102 LEU A C   
708 O  O   . LEU A 88 ? 0.2722 0.2396 0.2942 0.0428  0.0192  0.0112  102 LEU A O   
709 C  CB  . LEU A 88 ? 0.3162 0.2548 0.3343 0.0265  0.0423  -0.0036 102 LEU A CB  
710 C  CG  . LEU A 88 ? 0.3957 0.3194 0.4172 0.0213  0.0561  -0.0089 102 LEU A CG  
711 C  CD1 . LEU A 88 ? 0.3856 0.3072 0.3916 0.0101  0.0579  -0.0148 102 LEU A CD1 
712 C  CD2 . LEU A 88 ? 0.3964 0.3172 0.4288 0.0191  0.0652  -0.0168 102 LEU A CD2 
713 N  N   . LYS A 89 ? 0.2607 0.2270 0.2824 0.0321  0.0216  -0.0029 103 LYS A N   
714 C  CA  . LYS A 89 ? 0.2653 0.2411 0.2810 0.0318  0.0123  -0.0042 103 LYS A CA  
715 C  C   . LYS A 89 ? 0.2691 0.2410 0.2765 0.0246  0.0137  -0.0084 103 LYS A C   
716 O  O   . LYS A 89 ? 0.2624 0.2317 0.2713 0.0193  0.0183  -0.0111 103 LYS A O   
717 C  CB  . LYS A 89 ? 0.2856 0.2726 0.3126 0.0335  0.0069  -0.0065 103 LYS A CB  
718 C  CG  . LYS A 89 ? 0.3515 0.3469 0.3749 0.0317  -0.0008 -0.0109 103 LYS A CG  
719 C  CD  . LYS A 89 ? 0.4339 0.4388 0.4713 0.0309  -0.0040 -0.0147 103 LYS A CD  
720 C  CE  . LYS A 89 ? 0.5284 0.5450 0.5668 0.0292  -0.0117 -0.0206 103 LYS A CE  
721 N  NZ  . LYS A 89 ? 0.5337 0.5540 0.5866 0.0249  -0.0118 -0.0260 103 LYS A NZ  
722 N  N   . GLY A 90 ? 0.2493 0.2222 0.2475 0.0242  0.0106  -0.0077 104 GLY A N   
723 C  CA  . GLY A 90 ? 0.2319 0.2055 0.2272 0.0193  0.0102  -0.0095 104 GLY A CA  
724 C  C   . GLY A 90 ? 0.2500 0.2290 0.2508 0.0209  0.0050  -0.0127 104 GLY A C   
725 O  O   . GLY A 90 ? 0.2583 0.2414 0.2560 0.0242  0.0017  -0.0146 104 GLY A O   
726 N  N   . SER A 91 ? 0.2371 0.2162 0.2456 0.0175  0.0055  -0.0136 105 SER A N   
727 C  CA  . SER A 91 ? 0.2560 0.2374 0.2736 0.0180  0.0026  -0.0179 105 SER A CA  
728 C  C   . SER A 91 ? 0.2323 0.2116 0.2519 0.0171  0.0040  -0.0154 105 SER A C   
729 O  O   . SER A 91 ? 0.2327 0.2117 0.2525 0.0139  0.0062  -0.0089 105 SER A O   
730 C  CB  . SER A 91 ? 0.3038 0.2860 0.3325 0.0153  0.0035  -0.0185 105 SER A CB  
731 O  OG  . SER A 91 ? 0.3106 0.2973 0.3417 0.0174  0.0021  -0.0205 105 SER A OG  
732 N  N   . GLN A 92 ? 0.2425 0.2220 0.2642 0.0195  0.0033  -0.0204 106 GLN A N   
733 C  CA  . GLN A 92 ? 0.2523 0.2301 0.2798 0.0202  0.0060  -0.0170 106 GLN A CA  
734 C  C   . GLN A 92 ? 0.2764 0.2514 0.3187 0.0181  0.0078  -0.0112 106 GLN A C   
735 O  O   . GLN A 92 ? 0.2801 0.2519 0.3334 0.0170  0.0082  -0.0161 106 GLN A O   
736 C  CB  . GLN A 92 ? 0.2947 0.2722 0.3256 0.0228  0.0072  -0.0264 106 GLN A CB  
737 C  CG  . GLN A 92 ? 0.3023 0.2779 0.3437 0.0252  0.0116  -0.0234 106 GLN A CG  
738 C  CD  . GLN A 92 ? 0.3502 0.3247 0.3957 0.0268  0.0152  -0.0365 106 GLN A CD  
739 O  OE1 . GLN A 92 ? 0.3775 0.3529 0.4207 0.0246  0.0138  -0.0479 106 GLN A OE1 
740 N  NE2 . GLN A 92 ? 0.4023 0.3758 0.4571 0.0300  0.0206  -0.0358 106 GLN A NE2 
741 N  N   . ILE A 93 ? 0.2414 0.2198 0.2850 0.0170  0.0088  0.0000  107 ILE A N   
742 C  CA  . ILE A 93 ? 0.2281 0.2067 0.2864 0.0156  0.0103  0.0099  107 ILE A CA  
743 C  C   . ILE A 93 ? 0.2259 0.1986 0.3039 0.0202  0.0139  0.0091  107 ILE A C   
744 O  O   . ILE A 93 ? 0.2424 0.2159 0.3211 0.0242  0.0153  0.0065  107 ILE A O   
745 C  CB  . ILE A 93 ? 0.2526 0.2418 0.3043 0.0121  0.0091  0.0228  107 ILE A CB  
746 C  CG1 . ILE A 93 ? 0.2555 0.2479 0.2906 0.0059  0.0083  0.0204  107 ILE A CG1 
747 C  CG2 . ILE A 93 ? 0.2555 0.2483 0.3235 0.0117  0.0101  0.0370  107 ILE A CG2 
748 C  CD1 . ILE A 93 ? 0.2980 0.3028 0.3230 0.0001  0.0074  0.0290  107 ILE A CD1 
749 N  N   . LEU A 94 ? 0.2120 0.1777 0.3071 0.0194  0.0166  0.0097  108 LEU A N   
750 C  CA  . LEU A 94 ? 0.2283 0.1845 0.3453 0.0232  0.0224  0.0053  108 LEU A CA  
751 C  C   . LEU A 94 ? 0.2660 0.2221 0.4036 0.0251  0.0254  0.0240  108 LEU A C   
752 O  O   . LEU A 94 ? 0.2973 0.2487 0.4470 0.0224  0.0274  0.0298  108 LEU A O   
753 C  CB  . LEU A 94 ? 0.2551 0.2025 0.3801 0.0199  0.0246  -0.0095 108 LEU A CB  
754 C  CG  . LEU A 94 ? 0.2909 0.2431 0.3965 0.0180  0.0201  -0.0254 108 LEU A CG  
755 C  CD1 . LEU A 94 ? 0.3538 0.3023 0.4684 0.0133  0.0210  -0.0400 108 LEU A CD1 
756 C  CD2 . LEU A 94 ? 0.3287 0.2830 0.4263 0.0219  0.0213  -0.0328 108 LEU A CD2 
757 N  N   . ASP A 95 ? 0.3144 0.2774 0.4571 0.0297  0.0257  0.0349  109 ASP A N   
758 C  CA  . ASP A 95 ? 0.3778 0.3429 0.5442 0.0329  0.0286  0.0557  109 ASP A CA  
759 C  C   . ASP A 95 ? 0.4645 0.4273 0.6524 0.0413  0.0343  0.0572  109 ASP A C   
760 O  O   . ASP A 95 ? 0.4594 0.4250 0.6722 0.0463  0.0372  0.0771  109 ASP A O   
761 C  CB  . ASP A 95 ? 0.4322 0.4175 0.5871 0.0297  0.0219  0.0758  109 ASP A CB  
762 C  CG  . ASP A 95 ? 0.5000 0.4931 0.6394 0.0213  0.0179  0.0829  109 ASP A CG  
763 O  OD1 . ASP A 95 ? 0.4479 0.4373 0.6013 0.0193  0.0207  0.0937  109 ASP A OD1 
764 O  OD2 . ASP A 95 ? 0.5478 0.5528 0.6627 0.0161  0.0128  0.0801  109 ASP A OD2 
765 O  OXT . ASP A 95 ? 0.4648 0.4247 0.6436 0.0431  0.0360  0.0399  109 ASP A OXT 
# 
